data_8FS2
#
_entry.id   8FS2
#
_cell.length_a   81.263
_cell.length_b   161.245
_cell.length_c   229.602
_cell.angle_alpha   90.000
_cell.angle_beta   90.000
_cell.angle_gamma   90.000
#
_symmetry.space_group_name_H-M   'P 21 21 21'
#
loop_
_entity.id
_entity.type
_entity.pdbx_description
1 polymer 'Site-specific DNA-methyltransferase (adenine-specific)'
2 polymer "DNA (5'-D(*TP*TP*CP*AP*AP*AP*AP*AP*GP*TP*CP*CP*CP*A)-3')"
3 polymer "DNA (5'-D(*TP*TP*CP*AP*AP*AP*AP*AP*GP*TP*CP*CP*CP*A)-3')"
4 non-polymer 1,2-ETHANEDIOL
5 non-polymer "5'-S-{3-[N'-(cyclohexylmethyl)carbamimidamido]propyl}-N-(3-phenylpropyl)-5'-thioadenosine"
6 non-polymer 'POTASSIUM ION'
7 water water
#
loop_
_entity_poly.entity_id
_entity_poly.type
_entity_poly.pdbx_seq_one_letter_code
_entity_poly.pdbx_strand_id
1 'polypeptide(L)'
;MDDISQDNFLLSKEYENSLDVDTKKASGIYYTPKIIVDYIVKKTLKNHDIIKNPYPRILDISCGCGNFLLEVYDILYDLF
EENIYELKKKYDENYWTVDNIHRHILNYCIYGADIDEKAISILKDSLTNKKVVNDLDESDIKINLFCCDSLKKKWRYKFD
YIVGNPPYIGHKKLEKKYKKFLLEKYSEVYKDKADLYFCFYKKIIDILKQGGIGSVITPRYFLESLSGKDLREYIKSNVN
VQEIVDFLGANIFKNIGVSSCILTFDKKKTKETYIDVFKIKNEDICINKFETLEELLKSSKFEHFNINQRLLSDEWILVN
KDDETFYNKIQEKCKYSLEDIAISFQGIITGCDKAFILSKDDVKLNLVDDKFLKCWIKSKNINKYIVDKSEYRLIYSNDI
DNENTNKRILDEIIGLYKTKLENRRECKSGIRKWYELQWGREKLFFERKKIMYPYKSNENRFAIDYDNNFSSADVYSFFI
KEEYLDKFSYEYLVGILNSSVYDKYFKITAKKMSKNIYDYYPNKVMKIRIFRDNNYEEIENLSKQIISILLNKSIDKGKV
EKLQIKMDNLIMDSLGI
;
A,B,C
2 'polydeoxyribonucleotide' (DT)(DT)(DC)(DA)(DA)(DA)(DA)(DA)(DG)(DT)(DC)(DC)(DC)(DA) D,F,H
3 'polydeoxyribonucleotide' (DA)(DT)(DG)(DG)(DG)(DA)(DC)(DT)(DT)(DT)(DT)(DT)(DG)(DA) E,G,I
#
# COMPACT_ATOMS: atom_id res chain seq x y z
N TYR A 30 20.22 -42.63 26.70
CA TYR A 30 18.96 -42.74 25.98
C TYR A 30 18.55 -44.21 25.78
N TYR A 31 19.42 -45.11 26.22
CA TYR A 31 19.09 -46.53 26.27
C TYR A 31 17.90 -46.74 27.21
N THR A 32 16.86 -47.41 26.70
CA THR A 32 15.68 -47.69 27.53
C THR A 32 15.93 -48.89 28.44
N PRO A 33 15.57 -48.81 29.72
CA PRO A 33 15.84 -49.94 30.63
C PRO A 33 15.19 -51.23 30.14
N LYS A 34 15.90 -52.33 30.32
CA LYS A 34 15.45 -53.59 29.72
C LYS A 34 14.07 -53.98 30.24
N ILE A 35 13.80 -53.70 31.52
CA ILE A 35 12.52 -54.09 32.10
C ILE A 35 11.37 -53.40 31.37
N ILE A 36 11.57 -52.13 30.97
CA ILE A 36 10.55 -51.41 30.21
C ILE A 36 10.44 -51.92 28.77
N VAL A 37 11.58 -52.18 28.12
CA VAL A 37 11.52 -52.66 26.75
C VAL A 37 10.75 -53.97 26.67
N ASP A 38 11.07 -54.91 27.57
CA ASP A 38 10.38 -56.19 27.58
C ASP A 38 8.88 -56.01 27.79
N TYR A 39 8.50 -55.09 28.66
CA TYR A 39 7.09 -54.86 28.91
C TYR A 39 6.39 -54.35 27.66
N ILE A 40 7.00 -53.40 26.94
CA ILE A 40 6.36 -52.82 25.77
C ILE A 40 6.22 -53.86 24.65
N VAL A 41 7.25 -54.68 24.44
CA VAL A 41 7.17 -55.72 23.40
C VAL A 41 6.11 -56.76 23.76
N LYS A 42 6.08 -57.20 25.02
CA LYS A 42 5.06 -58.15 25.46
C LYS A 42 3.66 -57.56 25.36
N LYS A 43 3.52 -56.26 25.63
CA LYS A 43 2.23 -55.61 25.53
C LYS A 43 1.63 -55.71 24.13
N THR A 44 2.48 -55.66 23.10
CA THR A 44 1.97 -55.69 21.73
C THR A 44 1.85 -57.11 21.16
N LEU A 45 2.69 -58.05 21.59
CA LEU A 45 2.76 -59.36 20.95
C LEU A 45 2.20 -60.53 21.77
N LYS A 46 1.87 -60.34 23.05
CA LYS A 46 1.62 -61.49 23.91
C LYS A 46 0.41 -62.30 23.46
N ASN A 47 -0.55 -61.67 22.79
CA ASN A 47 -1.78 -62.33 22.38
C ASN A 47 -1.89 -62.37 20.86
N HIS A 48 -0.76 -62.34 20.17
CA HIS A 48 -0.78 -62.44 18.72
C HIS A 48 -1.07 -63.88 18.33
N ASP A 49 -1.97 -64.05 17.36
CA ASP A 49 -2.30 -65.39 16.86
C ASP A 49 -1.40 -65.65 15.66
N ILE A 50 -0.25 -66.25 15.93
CA ILE A 50 0.73 -66.49 14.87
C ILE A 50 0.24 -67.51 13.86
N ILE A 51 -0.70 -68.39 14.24
CA ILE A 51 -1.25 -69.34 13.28
C ILE A 51 -2.11 -68.61 12.26
N LYS A 52 -2.95 -67.69 12.74
CA LYS A 52 -3.86 -66.94 11.85
C LYS A 52 -3.08 -65.97 10.98
N ASN A 53 -2.15 -65.22 11.56
CA ASN A 53 -1.28 -64.31 10.81
C ASN A 53 0.18 -64.62 11.11
N PRO A 54 0.84 -65.43 10.28
CA PRO A 54 2.28 -65.67 10.45
C PRO A 54 3.19 -64.62 9.83
N TYR A 55 2.65 -63.51 9.32
CA TYR A 55 3.46 -62.43 8.73
C TYR A 55 3.18 -61.08 9.39
N PRO A 56 3.41 -60.96 10.71
CA PRO A 56 3.20 -59.67 11.35
C PRO A 56 4.35 -58.73 11.04
N ARG A 57 4.02 -57.45 10.83
CA ARG A 57 5.02 -56.40 10.60
C ARG A 57 5.17 -55.62 11.89
N ILE A 58 6.35 -55.69 12.51
CA ILE A 58 6.64 -54.99 13.75
C ILE A 58 7.70 -53.93 13.46
N LEU A 59 7.39 -52.68 13.80
CA LEU A 59 8.21 -51.55 13.42
C LEU A 59 8.68 -50.78 14.65
N ASP A 60 9.95 -50.39 14.62
CA ASP A 60 10.47 -49.35 15.51
C ASP A 60 10.95 -48.20 14.64
N ILE A 61 10.32 -47.04 14.83
CA ILE A 61 10.55 -45.90 13.95
C ILE A 61 11.73 -45.03 14.38
N SER A 62 12.28 -45.26 15.56
CA SER A 62 13.52 -44.63 16.00
C SER A 62 14.36 -45.70 16.68
N CYS A 63 14.58 -46.80 15.98
CA CYS A 63 15.05 -48.04 16.59
C CYS A 63 16.44 -47.94 17.20
N GLY A 64 17.25 -46.97 16.78
CA GLY A 64 18.58 -46.84 17.37
C GLY A 64 19.41 -48.10 17.17
N CYS A 65 20.08 -48.54 18.25
CA CYS A 65 20.87 -49.77 18.18
C CYS A 65 20.02 -51.03 18.22
N GLY A 66 18.72 -50.90 18.43
CA GLY A 66 17.83 -52.03 18.40
C GLY A 66 17.44 -52.59 19.74
N ASN A 67 17.32 -51.73 20.77
CA ASN A 67 16.89 -52.21 22.07
C ASN A 67 15.56 -52.95 21.97
N PHE A 68 14.63 -52.39 21.21
CA PHE A 68 13.33 -53.02 21.07
C PHE A 68 13.36 -54.13 20.02
N LEU A 69 13.98 -53.86 18.86
CA LEU A 69 13.87 -54.79 17.74
C LEU A 69 14.54 -56.13 18.05
N LEU A 70 15.68 -56.11 18.76
CA LEU A 70 16.33 -57.36 19.13
C LEU A 70 15.47 -58.18 20.06
N GLU A 71 14.75 -57.52 20.98
CA GLU A 71 13.79 -58.24 21.82
C GLU A 71 12.62 -58.76 21.01
N VAL A 72 12.14 -57.99 20.03
CA VAL A 72 11.07 -58.47 19.15
C VAL A 72 11.50 -59.75 18.45
N TYR A 73 12.75 -59.80 18.00
CA TYR A 73 13.25 -60.99 17.34
C TYR A 73 13.13 -62.21 18.26
N ASP A 74 13.55 -62.07 19.52
CA ASP A 74 13.50 -63.18 20.47
C ASP A 74 12.06 -63.63 20.71
N ILE A 75 11.16 -62.69 20.95
CA ILE A 75 9.76 -63.04 21.17
C ILE A 75 9.19 -63.73 19.94
N LEU A 76 9.49 -63.20 18.75
CA LEU A 76 9.01 -63.82 17.52
C LEU A 76 9.60 -65.21 17.31
N TYR A 77 10.89 -65.37 17.57
CA TYR A 77 11.51 -66.67 17.31
C TYR A 77 10.86 -67.76 18.16
N ASP A 78 10.60 -67.48 19.44
CA ASP A 78 9.91 -68.45 20.28
C ASP A 78 8.50 -68.70 19.77
N LEU A 79 7.82 -67.65 19.33
CA LEU A 79 6.44 -67.79 18.86
C LEU A 79 6.35 -68.69 17.63
N PHE A 80 7.27 -68.53 16.68
CA PHE A 80 7.27 -69.41 15.52
C PHE A 80 7.71 -70.83 15.90
N GLU A 81 8.75 -70.94 16.73
CA GLU A 81 9.25 -72.27 17.06
C GLU A 81 8.22 -73.11 17.81
N GLU A 82 7.45 -72.49 18.71
CA GLU A 82 6.47 -73.24 19.48
C GLU A 82 5.28 -73.69 18.64
N ASN A 83 5.08 -73.09 17.46
CA ASN A 83 3.96 -73.44 16.59
C ASN A 83 4.43 -73.93 15.22
N ILE A 84 5.65 -74.44 15.14
CA ILE A 84 6.24 -74.75 13.85
C ILE A 84 5.48 -75.89 13.16
N TYR A 85 5.01 -76.87 13.93
CA TYR A 85 4.30 -77.97 13.29
C TYR A 85 2.89 -77.58 12.89
N GLU A 86 2.25 -76.69 13.63
CA GLU A 86 0.93 -76.23 13.21
C GLU A 86 1.03 -75.39 11.95
N LEU A 87 2.05 -74.53 11.86
CA LEU A 87 2.29 -73.77 10.65
C LEU A 87 2.63 -74.68 9.49
N LYS A 88 3.48 -75.67 9.73
CA LYS A 88 3.88 -76.58 8.67
C LYS A 88 2.67 -77.30 8.10
N LYS A 89 1.72 -77.67 8.97
CA LYS A 89 0.53 -78.40 8.53
C LYS A 89 -0.48 -77.51 7.81
N LYS A 90 -0.69 -76.28 8.29
CA LYS A 90 -1.70 -75.40 7.71
C LYS A 90 -1.23 -74.73 6.42
N TYR A 91 0.07 -74.49 6.28
CA TYR A 91 0.62 -73.74 5.16
C TYR A 91 1.64 -74.59 4.42
N ASP A 92 2.46 -73.96 3.58
CA ASP A 92 3.52 -74.68 2.87
C ASP A 92 4.38 -75.46 3.85
N GLU A 93 4.33 -76.79 3.78
CA GLU A 93 5.08 -77.61 4.73
C GLU A 93 6.59 -77.54 4.50
N ASN A 94 7.03 -77.17 3.29
CA ASN A 94 8.46 -76.99 3.06
C ASN A 94 8.97 -75.64 3.55
N TYR A 95 8.12 -74.62 3.56
CA TYR A 95 8.53 -73.29 4.02
C TYR A 95 8.71 -73.24 5.52
N TRP A 96 7.82 -73.89 6.27
CA TRP A 96 7.76 -73.75 7.72
C TRP A 96 8.60 -74.85 8.37
N THR A 97 9.88 -74.55 8.53
CA THR A 97 10.83 -75.37 9.26
C THR A 97 11.52 -74.49 10.29
N VAL A 98 12.06 -75.10 11.34
CA VAL A 98 12.76 -74.31 12.35
C VAL A 98 13.98 -73.63 11.73
N ASP A 99 14.67 -74.32 10.84
CA ASP A 99 15.85 -73.74 10.20
C ASP A 99 15.51 -72.51 9.38
N ASN A 100 14.25 -72.35 8.97
CA ASN A 100 13.84 -71.24 8.15
C ASN A 100 13.25 -70.07 8.95
N ILE A 101 13.13 -70.20 10.28
CA ILE A 101 12.49 -69.16 11.08
C ILE A 101 13.29 -67.87 11.02
N HIS A 102 14.62 -67.96 11.15
CA HIS A 102 15.47 -66.77 11.15
C HIS A 102 15.30 -65.95 9.88
N ARG A 103 15.38 -66.59 8.72
CA ARG A 103 15.19 -65.88 7.46
C ARG A 103 13.79 -65.28 7.36
N HIS A 104 12.78 -66.01 7.80
CA HIS A 104 11.40 -65.52 7.70
C HIS A 104 11.19 -64.26 8.52
N ILE A 105 11.73 -64.24 9.75
CA ILE A 105 11.57 -63.07 10.61
C ILE A 105 12.19 -61.84 9.96
N LEU A 106 13.40 -61.99 9.43
CA LEU A 106 14.12 -60.84 8.94
C LEU A 106 13.53 -60.31 7.64
N ASN A 107 12.98 -61.20 6.81
CA ASN A 107 12.43 -60.77 5.53
C ASN A 107 11.07 -60.13 5.67
N TYR A 108 10.25 -60.59 6.61
CA TYR A 108 8.85 -60.22 6.62
C TYR A 108 8.37 -59.57 7.90
N CYS A 109 9.13 -59.62 8.98
CA CYS A 109 8.53 -59.31 10.27
C CYS A 109 9.11 -58.07 10.95
N ILE A 110 10.42 -57.88 10.91
CA ILE A 110 11.08 -56.83 11.66
C ILE A 110 11.39 -55.66 10.74
N TYR A 111 11.02 -54.45 11.17
CA TYR A 111 11.24 -53.21 10.44
C TYR A 111 11.78 -52.14 11.39
N GLY A 112 12.81 -51.43 10.96
CA GLY A 112 13.39 -50.37 11.76
C GLY A 112 13.78 -49.18 10.90
N ALA A 113 13.70 -47.99 11.52
CA ALA A 113 14.12 -46.75 10.88
C ALA A 113 14.88 -45.90 11.87
N ASP A 114 15.90 -45.19 11.39
CA ASP A 114 16.67 -44.28 12.23
C ASP A 114 17.52 -43.38 11.35
N ILE A 115 17.77 -42.16 11.81
CA ILE A 115 18.61 -41.24 11.04
C ILE A 115 20.10 -41.54 11.19
N ASP A 116 20.51 -42.23 12.25
CA ASP A 116 21.92 -42.50 12.52
C ASP A 116 22.33 -43.79 11.81
N GLU A 117 23.11 -43.67 10.75
CA GLU A 117 23.49 -44.85 9.99
C GLU A 117 24.46 -45.73 10.77
N LYS A 118 25.27 -45.16 11.66
CA LYS A 118 26.12 -45.99 12.49
C LYS A 118 25.27 -46.92 13.35
N ALA A 119 24.15 -46.41 13.88
CA ALA A 119 23.25 -47.24 14.67
C ALA A 119 22.62 -48.33 13.81
N ILE A 120 22.17 -47.98 12.61
CA ILE A 120 21.57 -48.96 11.71
C ILE A 120 22.60 -50.01 11.32
N SER A 121 23.85 -49.59 11.06
CA SER A 121 24.89 -50.53 10.71
C SER A 121 25.12 -51.54 11.83
N ILE A 122 25.11 -51.07 13.09
CA ILE A 122 25.26 -51.96 14.23
C ILE A 122 24.06 -52.89 14.34
N LEU A 123 22.84 -52.34 14.21
CA LEU A 123 21.64 -53.16 14.36
C LEU A 123 21.56 -54.22 13.27
N LYS A 124 21.95 -53.87 12.04
CA LYS A 124 21.94 -54.84 10.95
C LYS A 124 22.85 -56.02 11.26
N ASP A 125 24.02 -55.74 11.84
CA ASP A 125 24.92 -56.82 12.24
C ASP A 125 24.35 -57.62 13.40
N SER A 126 23.70 -56.95 14.36
CA SER A 126 23.13 -57.68 15.49
C SER A 126 22.05 -58.65 15.03
N LEU A 127 21.16 -58.20 14.14
CA LEU A 127 20.14 -59.10 13.62
C LEU A 127 20.75 -60.21 12.77
N THR A 128 21.77 -59.89 11.99
CA THR A 128 22.45 -60.90 11.18
C THR A 128 23.07 -61.98 12.05
N ASN A 129 23.62 -61.59 13.21
CA ASN A 129 24.34 -62.52 14.08
C ASN A 129 23.42 -63.35 14.97
N LYS A 130 22.10 -63.23 14.84
CA LYS A 130 21.21 -64.09 15.62
C LYS A 130 21.26 -65.55 15.16
N LYS A 131 21.71 -65.82 13.94
CA LYS A 131 21.75 -67.18 13.39
C LYS A 131 23.13 -67.79 13.48
N VAL A 132 24.13 -67.14 12.88
CA VAL A 132 25.52 -67.60 12.88
C VAL A 132 25.66 -69.08 12.49
N GLU A 138 25.64 -69.50 3.45
CA GLU A 138 24.41 -69.49 2.67
C GLU A 138 24.30 -68.22 1.81
N SER A 139 23.08 -67.85 1.46
CA SER A 139 22.81 -66.67 0.65
C SER A 139 22.31 -65.54 1.55
N ASP A 140 22.56 -64.30 1.11
CA ASP A 140 22.31 -63.12 1.94
C ASP A 140 20.81 -62.90 2.15
N ILE A 141 20.43 -62.53 3.38
CA ILE A 141 19.05 -62.22 3.75
C ILE A 141 18.89 -60.70 3.77
N LYS A 142 17.72 -60.23 3.32
CA LYS A 142 17.44 -58.80 3.21
C LYS A 142 16.75 -58.32 4.48
N ILE A 143 17.37 -57.36 5.18
CA ILE A 143 16.85 -56.83 6.44
C ILE A 143 16.19 -55.48 6.19
N ASN A 144 14.99 -55.29 6.75
CA ASN A 144 14.19 -54.09 6.47
C ASN A 144 14.54 -52.98 7.47
N LEU A 145 15.75 -52.46 7.33
CA LEU A 145 16.21 -51.32 8.11
C LEU A 145 16.41 -50.12 7.20
N PHE A 146 15.91 -48.97 7.63
CA PHE A 146 15.96 -47.78 6.79
C PHE A 146 16.73 -46.69 7.53
N CYS A 147 17.70 -46.11 6.85
CA CYS A 147 18.41 -44.95 7.38
C CYS A 147 17.75 -43.71 6.78
N CYS A 148 16.90 -43.05 7.56
CA CYS A 148 16.11 -41.96 7.03
C CYS A 148 15.50 -41.18 8.18
N ASP A 149 14.87 -40.05 7.84
CA ASP A 149 14.01 -39.31 8.76
C ASP A 149 12.64 -39.95 8.74
N SER A 150 12.24 -40.57 9.86
CA SER A 150 10.96 -41.26 9.88
C SER A 150 9.79 -40.32 9.61
N LEU A 151 9.92 -39.05 9.98
CA LEU A 151 8.87 -38.08 9.75
C LEU A 151 8.78 -37.63 8.30
N LYS A 152 9.78 -37.97 7.47
CA LYS A 152 9.76 -37.65 6.06
C LYS A 152 9.59 -38.87 5.16
N LYS A 153 9.80 -40.07 5.67
CA LYS A 153 9.78 -41.25 4.81
C LYS A 153 8.41 -41.47 4.21
N LYS A 154 8.38 -41.75 2.92
CA LYS A 154 7.14 -42.20 2.28
C LYS A 154 6.99 -43.66 2.66
N TRP A 155 6.00 -43.96 3.51
CA TRP A 155 5.79 -45.31 4.01
C TRP A 155 4.86 -46.03 3.05
N ARG A 156 5.31 -47.17 2.55
CA ARG A 156 4.58 -47.87 1.51
C ARG A 156 3.50 -48.80 2.05
N TYR A 157 3.46 -49.05 3.35
CA TYR A 157 2.43 -49.93 3.90
C TYR A 157 2.30 -49.67 5.40
N LYS A 158 1.17 -50.10 5.96
CA LYS A 158 0.95 -49.92 7.38
C LYS A 158 1.51 -51.12 8.16
N PHE A 159 1.44 -51.05 9.49
CA PHE A 159 2.14 -52.00 10.33
C PHE A 159 1.23 -52.60 11.39
N ASP A 160 1.46 -53.88 11.71
CA ASP A 160 0.65 -54.55 12.70
C ASP A 160 0.97 -54.07 14.11
N TYR A 161 2.25 -53.90 14.42
CA TYR A 161 2.68 -53.51 15.76
C TYR A 161 3.80 -52.50 15.66
N ILE A 162 3.74 -51.46 16.50
CA ILE A 162 4.75 -50.40 16.52
C ILE A 162 5.19 -50.19 17.96
N VAL A 163 6.49 -50.23 18.19
CA VAL A 163 7.05 -50.07 19.52
C VAL A 163 8.26 -49.15 19.43
N GLY A 164 8.62 -48.55 20.57
CA GLY A 164 9.90 -47.88 20.66
C GLY A 164 9.85 -46.64 21.55
N ASN A 165 10.96 -45.91 21.50
CA ASN A 165 11.20 -44.73 22.31
C ASN A 165 11.63 -43.59 21.38
N PRO A 166 10.71 -42.70 21.00
CA PRO A 166 11.04 -41.65 20.00
C PRO A 166 11.93 -40.59 20.58
N PRO A 167 12.52 -39.74 19.73
CA PRO A 167 13.32 -38.61 20.24
C PRO A 167 12.43 -37.52 20.83
N TYR A 168 12.93 -36.89 21.89
CA TYR A 168 12.27 -35.75 22.53
C TYR A 168 13.12 -34.51 22.27
N ILE A 169 12.58 -33.55 21.52
CA ILE A 169 13.28 -32.29 21.28
C ILE A 169 12.30 -31.14 21.44
N GLY A 170 12.57 -30.25 22.39
CA GLY A 170 11.70 -29.11 22.67
C GLY A 170 11.92 -27.94 21.75
N HIS A 171 11.19 -26.85 22.01
CA HIS A 171 11.14 -25.75 21.06
C HIS A 171 12.44 -24.98 20.99
N LYS A 172 13.23 -24.94 22.07
CA LYS A 172 14.51 -24.24 22.04
C LYS A 172 15.57 -25.04 21.27
N LYS A 173 15.59 -26.36 21.44
CA LYS A 173 16.66 -27.19 20.90
C LYS A 173 16.38 -27.70 19.49
N LEU A 174 15.19 -27.47 18.95
CA LEU A 174 14.86 -27.94 17.62
C LEU A 174 15.32 -26.94 16.57
N GLU A 175 15.91 -27.45 15.49
CA GLU A 175 16.42 -26.59 14.42
C GLU A 175 15.28 -25.83 13.74
N LYS A 176 15.49 -24.53 13.51
CA LYS A 176 14.40 -23.67 13.04
C LYS A 176 13.99 -24.01 11.61
N LYS A 177 14.93 -24.39 10.74
CA LYS A 177 14.54 -24.83 9.40
C LYS A 177 13.67 -26.07 9.47
N TYR A 178 14.00 -27.00 10.38
CA TYR A 178 13.19 -28.20 10.54
C TYR A 178 11.81 -27.89 11.11
N LYS A 179 11.70 -26.90 12.01
CA LYS A 179 10.41 -26.54 12.56
C LYS A 179 9.44 -26.01 11.50
N LYS A 180 9.96 -25.36 10.47
CA LYS A 180 9.09 -24.91 9.38
C LYS A 180 8.41 -26.09 8.72
N PHE A 181 9.14 -27.20 8.54
CA PHE A 181 8.56 -28.41 7.98
C PHE A 181 7.50 -29.00 8.91
N LEU A 182 7.77 -29.07 10.21
CA LEU A 182 6.79 -29.62 11.14
C LEU A 182 5.52 -28.79 11.18
N LEU A 183 5.66 -27.46 11.21
CA LEU A 183 4.47 -26.63 11.26
C LEU A 183 3.65 -26.75 9.98
N GLU A 184 4.28 -27.07 8.85
CA GLU A 184 3.55 -27.22 7.61
C GLU A 184 2.87 -28.59 7.51
N LYS A 185 3.61 -29.67 7.81
CA LYS A 185 3.13 -31.02 7.56
C LYS A 185 2.54 -31.71 8.78
N TYR A 186 2.83 -31.25 9.99
CA TYR A 186 2.33 -31.88 11.21
C TYR A 186 1.48 -30.93 12.03
N SER A 187 0.78 -30.01 11.35
CA SER A 187 0.07 -28.96 12.06
C SER A 187 -1.04 -29.50 12.96
N GLU A 188 -1.53 -30.72 12.71
CA GLU A 188 -2.56 -31.30 13.56
C GLU A 188 -2.09 -31.55 14.99
N VAL A 189 -0.78 -31.70 15.20
CA VAL A 189 -0.27 -31.92 16.55
C VAL A 189 0.87 -30.97 16.93
N TYR A 190 1.50 -30.28 15.98
CA TYR A 190 2.69 -29.46 16.26
C TYR A 190 2.36 -27.99 15.97
N LYS A 191 2.30 -27.18 17.03
CA LYS A 191 2.20 -25.72 16.95
C LYS A 191 2.97 -25.16 18.12
N ASP A 192 3.33 -23.88 18.00
CA ASP A 192 3.82 -23.11 19.14
C ASP A 192 4.95 -23.83 19.87
N LYS A 193 4.77 -24.09 21.18
CA LYS A 193 5.80 -24.66 22.02
C LYS A 193 5.76 -26.18 22.10
N ALA A 194 5.21 -26.84 21.07
CA ALA A 194 5.09 -28.30 21.03
C ALA A 194 6.48 -28.97 20.94
N ASP A 195 6.47 -30.29 21.10
CA ASP A 195 7.70 -31.08 21.08
C ASP A 195 7.71 -32.00 19.87
N LEU A 196 8.92 -32.38 19.47
CA LEU A 196 9.09 -33.29 18.33
C LEU A 196 8.37 -34.61 18.54
N TYR A 197 8.38 -35.15 19.76
CA TYR A 197 7.76 -36.45 19.94
C TYR A 197 6.25 -36.41 19.72
N PHE A 198 5.64 -35.22 19.70
CA PHE A 198 4.24 -35.15 19.30
C PHE A 198 4.08 -35.68 17.88
N CYS A 199 5.02 -35.35 16.99
CA CYS A 199 4.92 -35.76 15.60
C CYS A 199 5.10 -37.24 15.44
N PHE A 200 5.96 -37.85 16.26
CA PHE A 200 6.12 -39.29 16.20
C PHE A 200 4.84 -40.00 16.60
N TYR A 201 4.12 -39.48 17.61
CA TYR A 201 2.80 -40.01 17.90
C TYR A 201 1.90 -39.93 16.67
N LYS A 202 1.93 -38.81 15.95
CA LYS A 202 1.09 -38.71 14.77
C LYS A 202 1.52 -39.71 13.69
N LYS A 203 2.83 -39.83 13.48
CA LYS A 203 3.31 -40.77 12.46
C LYS A 203 2.95 -42.20 12.83
N ILE A 204 3.16 -42.58 14.09
CA ILE A 204 2.89 -43.94 14.53
C ILE A 204 1.41 -44.26 14.36
N ILE A 205 0.55 -43.35 14.81
CA ILE A 205 -0.89 -43.57 14.67
C ILE A 205 -1.25 -43.71 13.20
N ASP A 206 -0.68 -42.87 12.35
CA ASP A 206 -1.08 -42.83 10.95
C ASP A 206 -0.71 -44.11 10.20
N ILE A 207 0.45 -44.71 10.51
CA ILE A 207 0.90 -45.89 9.78
C ILE A 207 0.62 -47.18 10.54
N LEU A 208 -0.23 -47.13 11.58
CA LEU A 208 -0.65 -48.34 12.26
C LEU A 208 -1.81 -49.00 11.50
N LYS A 209 -1.69 -50.30 11.27
CA LYS A 209 -2.71 -51.06 10.54
C LYS A 209 -4.02 -51.10 11.30
N GLN A 210 -5.11 -51.33 10.58
CA GLN A 210 -6.39 -51.51 11.24
C GLN A 210 -6.31 -52.73 12.12
N GLY A 211 -6.71 -52.58 13.39
CA GLY A 211 -6.56 -53.66 14.34
C GLY A 211 -5.18 -53.77 14.96
N GLY A 212 -4.24 -52.87 14.64
CA GLY A 212 -2.90 -52.95 15.18
C GLY A 212 -2.78 -52.41 16.59
N ILE A 213 -1.60 -52.64 17.19
CA ILE A 213 -1.30 -52.19 18.54
C ILE A 213 0.03 -51.44 18.54
N GLY A 214 0.04 -50.26 19.17
CA GLY A 214 1.28 -49.51 19.37
C GLY A 214 1.55 -49.29 20.84
N SER A 215 2.84 -49.27 21.19
CA SER A 215 3.26 -49.08 22.57
C SER A 215 4.59 -48.36 22.58
N VAL A 216 4.64 -47.19 23.25
CA VAL A 216 5.82 -46.35 23.27
C VAL A 216 6.02 -45.77 24.67
N ILE A 217 7.26 -45.38 24.95
CA ILE A 217 7.58 -44.60 26.14
C ILE A 217 8.02 -43.22 25.67
N THR A 218 7.35 -42.18 26.17
CA THR A 218 7.60 -40.80 25.78
C THR A 218 7.65 -39.97 27.06
N PRO A 219 7.92 -38.67 26.99
CA PRO A 219 7.73 -37.84 28.18
C PRO A 219 6.26 -37.82 28.57
N ARG A 220 6.00 -37.57 29.84
CA ARG A 220 4.63 -37.58 30.31
C ARG A 220 3.92 -36.25 30.10
N TYR A 221 4.66 -35.19 29.76
CA TYR A 221 4.13 -33.83 29.89
C TYR A 221 2.95 -33.57 28.96
N PHE A 222 2.87 -34.27 27.83
CA PHE A 222 1.76 -34.04 26.91
C PHE A 222 0.42 -34.41 27.55
N LEU A 223 0.41 -35.22 28.61
CA LEU A 223 -0.85 -35.56 29.26
C LEU A 223 -1.52 -34.35 29.89
N GLU A 224 -0.74 -33.33 30.25
CA GLU A 224 -1.30 -32.17 30.93
C GLU A 224 -0.98 -30.85 30.26
N SER A 225 0.07 -30.76 29.45
CA SER A 225 0.55 -29.47 29.00
C SER A 225 -0.44 -28.80 28.05
N LEU A 226 -0.39 -27.47 28.04
CA LEU A 226 -1.18 -26.70 27.10
C LEU A 226 -0.79 -27.04 25.67
N SER A 227 0.50 -27.31 25.44
CA SER A 227 0.97 -27.64 24.10
C SER A 227 0.42 -28.97 23.62
N GLY A 228 0.16 -29.89 24.53
CA GLY A 228 -0.31 -31.19 24.12
C GLY A 228 -1.78 -31.27 23.80
N LYS A 229 -2.51 -30.16 23.88
CA LYS A 229 -3.96 -30.21 23.66
C LYS A 229 -4.31 -30.83 22.31
N ASP A 230 -3.68 -30.36 21.23
CA ASP A 230 -3.99 -30.89 19.90
C ASP A 230 -3.57 -32.34 19.77
N LEU A 231 -2.44 -32.72 20.37
CA LEU A 231 -2.01 -34.13 20.36
C LEU A 231 -2.98 -35.02 21.13
N ARG A 232 -3.41 -34.59 22.32
CA ARG A 232 -4.37 -35.37 23.07
C ARG A 232 -5.64 -35.56 22.25
N GLU A 233 -6.11 -34.49 21.59
CA GLU A 233 -7.28 -34.61 20.74
C GLU A 233 -7.03 -35.60 19.60
N TYR A 234 -5.84 -35.60 19.03
CA TYR A 234 -5.53 -36.51 17.94
C TYR A 234 -5.55 -37.96 18.40
N ILE A 235 -4.92 -38.26 19.54
CA ILE A 235 -4.90 -39.62 20.06
C ILE A 235 -6.32 -40.11 20.35
N LYS A 236 -7.07 -39.33 21.13
CA LYS A 236 -8.38 -39.76 21.58
C LYS A 236 -9.30 -40.08 20.42
N SER A 237 -9.17 -39.37 19.30
CA SER A 237 -10.12 -39.51 18.21
C SER A 237 -9.63 -40.44 17.10
N ASN A 238 -8.43 -41.01 17.22
CA ASN A 238 -7.92 -41.89 16.18
C ASN A 238 -7.54 -43.29 16.66
N VAL A 239 -7.27 -43.48 17.94
CA VAL A 239 -6.94 -44.79 18.48
C VAL A 239 -7.74 -45.02 19.74
N ASN A 240 -7.82 -46.29 20.13
CA ASN A 240 -8.29 -46.65 21.46
C ASN A 240 -7.07 -46.75 22.36
N VAL A 241 -7.02 -45.90 23.38
CA VAL A 241 -5.92 -45.94 24.34
C VAL A 241 -6.20 -47.10 25.29
N GLN A 242 -5.33 -48.11 25.26
CA GLN A 242 -5.52 -49.26 26.14
C GLN A 242 -5.07 -48.96 27.55
N GLU A 243 -3.89 -48.37 27.71
CA GLU A 243 -3.23 -48.32 29.00
C GLU A 243 -2.25 -47.15 29.02
N ILE A 244 -2.19 -46.48 30.18
CA ILE A 244 -1.24 -45.41 30.45
C ILE A 244 -0.49 -45.76 31.72
N VAL A 245 0.82 -45.88 31.63
CA VAL A 245 1.67 -46.05 32.81
C VAL A 245 2.35 -44.71 33.08
N ASP A 246 2.00 -44.06 34.17
CA ASP A 246 2.51 -42.75 34.52
C ASP A 246 3.50 -42.91 35.67
N PHE A 247 4.78 -42.68 35.39
CA PHE A 247 5.81 -42.75 36.42
C PHE A 247 5.97 -41.44 37.18
N LEU A 248 5.19 -40.40 36.85
CA LEU A 248 5.26 -39.09 37.51
C LEU A 248 6.73 -38.68 37.54
N GLY A 249 7.27 -38.24 38.68
CA GLY A 249 8.62 -37.75 38.77
C GLY A 249 9.69 -38.79 38.97
N ALA A 250 9.38 -40.08 38.83
CA ALA A 250 10.39 -41.10 39.03
C ALA A 250 11.46 -41.01 37.95
N ASN A 251 12.70 -41.35 38.32
CA ASN A 251 13.82 -41.20 37.40
C ASN A 251 14.00 -42.52 36.67
N ILE A 252 13.41 -42.61 35.48
CA ILE A 252 13.44 -43.83 34.68
C ILE A 252 14.76 -43.94 33.91
N PHE A 253 15.24 -42.82 33.38
CA PHE A 253 16.47 -42.76 32.63
C PHE A 253 17.56 -42.19 33.53
N LYS A 254 18.58 -42.99 33.80
CA LYS A 254 19.65 -42.56 34.69
C LYS A 254 20.35 -41.35 34.08
N ASN A 255 20.58 -40.33 34.92
CA ASN A 255 21.26 -39.09 34.53
C ASN A 255 20.51 -38.32 33.45
N ILE A 256 19.19 -38.51 33.36
CA ILE A 256 18.34 -37.77 32.43
C ILE A 256 17.24 -37.08 33.23
N GLY A 257 17.09 -35.78 33.01
CA GLY A 257 16.05 -35.03 33.68
C GLY A 257 14.76 -35.03 32.89
N VAL A 258 14.10 -36.18 32.80
CA VAL A 258 12.82 -36.28 32.11
C VAL A 258 11.89 -37.18 32.91
N SER A 259 10.59 -36.97 32.73
CA SER A 259 9.56 -37.74 33.40
C SER A 259 8.75 -38.48 32.34
N SER A 260 8.56 -39.78 32.57
CA SER A 260 8.20 -40.71 31.51
C SER A 260 6.81 -41.32 31.72
N CYS A 261 6.24 -41.78 30.61
CA CYS A 261 5.04 -42.59 30.64
C CYS A 261 5.08 -43.58 29.49
N ILE A 262 4.29 -44.65 29.63
CA ILE A 262 4.15 -45.67 28.61
C ILE A 262 2.71 -45.65 28.14
N LEU A 263 2.51 -45.42 26.85
CA LEU A 263 1.18 -45.37 26.26
C LEU A 263 1.01 -46.57 25.36
N THR A 264 -0.09 -47.30 25.54
CA THR A 264 -0.45 -48.41 24.68
C THR A 264 -1.82 -48.16 24.08
N PHE A 265 -1.90 -48.26 22.76
CA PHE A 265 -3.11 -47.93 22.03
C PHE A 265 -3.28 -48.91 20.87
N ASP A 266 -4.52 -49.02 20.39
CA ASP A 266 -4.82 -49.91 19.28
C ASP A 266 -5.83 -49.25 18.36
N LYS A 267 -6.03 -49.87 17.21
CA LYS A 267 -7.04 -49.50 16.23
C LYS A 267 -8.04 -50.63 16.07
N LYS A 268 -8.37 -51.29 17.17
CA LYS A 268 -9.29 -52.41 17.09
C LYS A 268 -10.74 -51.92 17.12
N LYS A 269 -11.61 -52.76 16.56
CA LYS A 269 -13.05 -52.53 16.60
C LYS A 269 -13.52 -52.85 18.01
N THR A 270 -13.62 -51.83 18.85
CA THR A 270 -13.95 -52.00 20.24
C THR A 270 -15.01 -50.99 20.61
N LYS A 271 -15.87 -51.35 21.55
CA LYS A 271 -16.95 -50.45 21.96
C LYS A 271 -16.84 -49.94 23.39
N GLU A 272 -16.33 -50.75 24.33
CA GLU A 272 -16.27 -50.31 25.73
C GLU A 272 -15.34 -49.11 25.94
N THR A 273 -14.20 -49.09 25.25
CA THR A 273 -13.20 -48.01 25.28
C THR A 273 -12.97 -47.43 26.69
N TYR A 274 -12.47 -48.27 27.58
CA TYR A 274 -11.93 -47.85 28.88
C TYR A 274 -10.42 -48.00 28.92
N ILE A 275 -9.76 -47.05 29.58
CA ILE A 275 -8.30 -47.00 29.73
C ILE A 275 -7.89 -47.58 31.07
N ASP A 276 -6.91 -48.47 31.07
CA ASP A 276 -6.23 -48.85 32.31
C ASP A 276 -5.17 -47.79 32.63
N VAL A 277 -5.28 -47.14 33.79
CA VAL A 277 -4.29 -46.16 34.21
C VAL A 277 -3.53 -46.72 35.41
N PHE A 278 -2.21 -46.77 35.30
CA PHE A 278 -1.32 -47.17 36.38
C PHE A 278 -0.48 -45.95 36.76
N LYS A 279 -0.78 -45.36 37.91
CA LYS A 279 -0.12 -44.17 38.42
C LYS A 279 0.78 -44.56 39.57
N ILE A 280 2.04 -44.14 39.53
CA ILE A 280 2.97 -44.52 40.59
C ILE A 280 2.60 -43.81 41.89
N LYS A 281 2.79 -44.51 43.01
CA LYS A 281 2.49 -44.00 44.34
C LYS A 281 3.70 -43.43 45.06
N ASN A 282 4.90 -43.98 44.79
CA ASN A 282 6.14 -43.54 45.41
C ASN A 282 7.14 -43.26 44.29
N GLU A 283 7.53 -41.98 44.14
CA GLU A 283 8.43 -41.63 43.05
C GLU A 283 9.87 -42.07 43.29
N ASP A 284 10.20 -42.50 44.51
CA ASP A 284 11.55 -42.91 44.87
C ASP A 284 11.80 -44.39 44.62
N ILE A 285 10.84 -45.09 44.02
CA ILE A 285 10.96 -46.53 43.86
C ILE A 285 12.04 -46.85 42.83
N CYS A 286 12.87 -47.84 43.15
CA CYS A 286 13.81 -48.39 42.18
C CYS A 286 13.08 -49.35 41.26
N ILE A 287 13.29 -49.18 39.96
CA ILE A 287 12.48 -49.88 38.97
C ILE A 287 12.84 -51.36 38.86
N ASN A 288 14.04 -51.75 39.27
CA ASN A 288 14.53 -53.12 39.12
C ASN A 288 14.22 -54.00 40.33
N LYS A 289 13.29 -53.59 41.20
CA LYS A 289 12.96 -54.39 42.37
C LYS A 289 12.30 -55.72 42.01
N PHE A 290 11.72 -55.81 40.82
CA PHE A 290 11.07 -57.04 40.35
C PHE A 290 11.65 -57.42 38.99
N GLU A 291 11.52 -58.70 38.66
CA GLU A 291 12.03 -59.22 37.41
C GLU A 291 11.26 -58.66 36.21
N THR A 292 10.00 -58.30 36.40
CA THR A 292 9.16 -57.81 35.31
C THR A 292 8.43 -56.55 35.76
N LEU A 293 8.12 -55.69 34.79
CA LEU A 293 7.41 -54.46 35.12
C LEU A 293 5.98 -54.74 35.59
N GLU A 294 5.38 -55.85 35.13
CA GLU A 294 4.02 -56.19 35.55
C GLU A 294 3.95 -56.43 37.05
N GLU A 295 5.00 -57.00 37.64
CA GLU A 295 5.03 -57.15 39.08
C GLU A 295 4.95 -55.79 39.77
N LEU A 296 5.68 -54.79 39.25
CA LEU A 296 5.64 -53.46 39.85
C LEU A 296 4.25 -52.82 39.75
N LEU A 297 3.60 -52.97 38.59
CA LEU A 297 2.31 -52.33 38.38
C LEU A 297 1.23 -52.92 39.28
N LYS A 298 1.26 -54.25 39.50
CA LYS A 298 0.26 -54.90 40.33
C LYS A 298 0.54 -54.71 41.82
N SER A 299 1.68 -54.13 42.18
CA SER A 299 2.11 -54.04 43.56
C SER A 299 1.49 -52.82 44.25
N SER A 300 1.86 -52.63 45.52
CA SER A 300 1.47 -51.47 46.28
C SER A 300 2.21 -50.23 45.86
N LYS A 301 3.26 -50.37 45.04
CA LYS A 301 4.01 -49.20 44.60
C LYS A 301 3.24 -48.40 43.56
N PHE A 302 2.17 -48.97 43.01
CA PHE A 302 1.33 -48.34 41.99
C PHE A 302 -0.13 -48.43 42.39
N GLU A 303 -0.90 -47.43 42.01
CA GLU A 303 -2.35 -47.53 42.04
C GLU A 303 -2.88 -47.75 40.62
N HIS A 304 -4.00 -48.45 40.51
CA HIS A 304 -4.67 -48.67 39.23
C HIS A 304 -6.07 -48.11 39.30
N PHE A 305 -6.53 -47.55 38.18
CA PHE A 305 -7.93 -47.14 38.03
C PHE A 305 -8.23 -47.05 36.55
N ASN A 306 -9.53 -46.96 36.24
CA ASN A 306 -10.01 -46.93 34.87
C ASN A 306 -10.60 -45.58 34.52
N ILE A 307 -10.38 -45.14 33.28
CA ILE A 307 -10.91 -43.88 32.77
C ILE A 307 -11.65 -44.17 31.47
N ASN A 308 -12.88 -43.66 31.37
CA ASN A 308 -13.68 -43.78 30.16
C ASN A 308 -13.19 -42.77 29.12
N GLN A 309 -12.61 -43.27 28.03
CA GLN A 309 -12.06 -42.40 26.99
C GLN A 309 -13.13 -41.52 26.35
N ARG A 310 -14.37 -42.00 26.28
CA ARG A 310 -15.43 -41.16 25.72
C ARG A 310 -15.69 -39.93 26.60
N LEU A 311 -15.32 -39.98 27.87
CA LEU A 311 -15.52 -38.87 28.80
C LEU A 311 -14.31 -37.94 28.90
N LEU A 312 -13.29 -38.15 28.10
CA LEU A 312 -12.15 -37.24 28.10
C LEU A 312 -12.53 -35.96 27.39
N SER A 313 -12.26 -34.83 28.03
CA SER A 313 -12.41 -33.52 27.42
C SER A 313 -11.09 -33.15 26.74
N ASP A 314 -10.91 -31.88 26.39
CA ASP A 314 -9.59 -31.46 25.92
C ASP A 314 -8.54 -31.63 27.02
N GLU A 315 -8.96 -31.67 28.29
CA GLU A 315 -8.10 -32.03 29.40
C GLU A 315 -8.38 -33.47 29.82
N TRP A 316 -7.32 -34.20 30.14
CA TRP A 316 -7.42 -35.59 30.56
C TRP A 316 -7.25 -35.66 32.07
N ILE A 317 -8.36 -35.82 32.80
CA ILE A 317 -8.31 -35.88 34.28
C ILE A 317 -8.13 -37.34 34.65
N LEU A 318 -6.88 -37.76 34.84
CA LEU A 318 -6.56 -39.15 35.13
C LEU A 318 -6.36 -39.33 36.63
N VAL A 319 -7.49 -39.50 37.34
CA VAL A 319 -7.48 -39.66 38.80
C VAL A 319 -8.48 -40.74 39.20
N ASN A 320 -8.29 -41.29 40.40
CA ASN A 320 -9.19 -42.33 40.87
C ASN A 320 -10.56 -41.74 41.26
N LYS A 321 -11.48 -42.63 41.62
CA LYS A 321 -12.86 -42.23 41.87
C LYS A 321 -12.98 -41.28 43.06
N ASP A 322 -12.19 -41.49 44.12
CA ASP A 322 -12.22 -40.57 45.25
C ASP A 322 -11.80 -39.17 44.83
N ASP A 323 -10.70 -39.07 44.08
CA ASP A 323 -10.19 -37.76 43.65
C ASP A 323 -11.12 -37.10 42.65
N GLU A 324 -11.70 -37.85 41.73
CA GLU A 324 -12.66 -37.25 40.81
C GLU A 324 -13.84 -36.66 41.57
N THR A 325 -14.35 -37.41 42.57
CA THR A 325 -15.45 -36.89 43.37
C THR A 325 -15.05 -35.62 44.09
N PHE A 326 -13.84 -35.61 44.66
CA PHE A 326 -13.28 -34.43 45.31
C PHE A 326 -13.19 -33.27 44.33
N TYR A 327 -12.58 -33.50 43.17
CA TYR A 327 -12.40 -32.44 42.18
C TYR A 327 -13.73 -31.88 41.70
N ASN A 328 -14.69 -32.76 41.43
CA ASN A 328 -15.98 -32.31 40.91
C ASN A 328 -16.77 -31.52 41.95
N LYS A 329 -16.67 -31.91 43.23
CA LYS A 329 -17.36 -31.13 44.28
C LYS A 329 -16.90 -29.69 44.25
N ILE A 330 -15.58 -29.48 44.20
CA ILE A 330 -15.03 -28.13 44.21
C ILE A 330 -15.43 -27.38 42.95
N GLN A 331 -15.35 -28.02 41.78
CA GLN A 331 -15.67 -27.35 40.53
C GLN A 331 -17.12 -26.86 40.51
N GLU A 332 -18.05 -27.69 40.97
CA GLU A 332 -19.45 -27.29 40.92
C GLU A 332 -19.73 -26.22 41.97
N LYS A 333 -19.09 -26.31 43.14
CA LYS A 333 -19.39 -25.40 44.25
C LYS A 333 -18.86 -23.99 43.98
N CYS A 334 -17.73 -23.86 43.30
CA CYS A 334 -17.11 -22.55 43.11
C CYS A 334 -17.69 -21.83 41.90
N LYS A 335 -18.14 -20.59 42.12
CA LYS A 335 -18.75 -19.83 41.04
C LYS A 335 -17.76 -18.94 40.28
N TYR A 336 -16.53 -18.78 40.78
CA TYR A 336 -15.55 -17.92 40.15
C TYR A 336 -14.27 -18.70 39.91
N SER A 337 -13.49 -18.23 38.94
CA SER A 337 -12.12 -18.68 38.73
C SER A 337 -11.21 -17.49 38.97
N LEU A 338 -9.93 -17.77 39.19
CA LEU A 338 -8.97 -16.67 39.35
C LEU A 338 -8.95 -15.78 38.11
N GLU A 339 -8.99 -16.39 36.93
CA GLU A 339 -9.03 -15.61 35.70
C GLU A 339 -10.20 -14.64 35.68
N ASP A 340 -11.33 -15.03 36.28
CA ASP A 340 -12.48 -14.13 36.32
C ASP A 340 -12.18 -12.87 37.11
N ILE A 341 -11.46 -13.01 38.22
CA ILE A 341 -11.33 -11.93 39.20
C ILE A 341 -9.96 -11.29 39.20
N ALA A 342 -8.99 -11.80 38.45
CA ALA A 342 -7.63 -11.37 38.59
C ALA A 342 -7.00 -11.11 37.22
N ILE A 343 -5.96 -10.27 37.23
CA ILE A 343 -5.10 -10.04 36.09
C ILE A 343 -3.78 -10.73 36.36
N SER A 344 -3.38 -11.63 35.47
CA SER A 344 -2.17 -12.42 35.62
C SER A 344 -1.06 -11.88 34.71
N PHE A 345 0.19 -12.05 35.14
CA PHE A 345 1.28 -11.69 34.24
C PHE A 345 2.57 -12.41 34.64
N GLN A 346 3.39 -12.67 33.62
CA GLN A 346 4.72 -13.24 33.82
C GLN A 346 5.71 -12.17 34.23
N GLY A 347 6.76 -12.59 34.92
CA GLY A 347 7.74 -11.65 35.40
C GLY A 347 8.65 -11.08 34.30
N ILE A 348 9.58 -10.23 34.74
CA ILE A 348 10.56 -9.65 33.84
C ILE A 348 11.39 -10.74 33.19
N ILE A 349 11.66 -10.57 31.90
CA ILE A 349 12.65 -11.36 31.20
C ILE A 349 13.72 -10.38 30.72
N THR A 350 14.84 -10.33 31.43
CA THR A 350 15.89 -9.41 31.03
C THR A 350 16.56 -9.84 29.73
N GLY A 351 16.71 -11.14 29.53
CA GLY A 351 17.47 -11.66 28.41
C GLY A 351 18.92 -11.92 28.73
N CYS A 352 19.44 -11.30 29.80
CA CYS A 352 20.75 -11.65 30.35
C CYS A 352 20.78 -11.13 31.80
N ASP A 353 20.50 -12.03 32.74
CA ASP A 353 20.31 -11.60 34.13
C ASP A 353 21.60 -11.01 34.71
N LYS A 354 22.76 -11.60 34.38
CA LYS A 354 24.02 -11.14 34.97
C LYS A 354 24.34 -9.71 34.60
N ALA A 355 23.72 -9.17 33.56
CA ALA A 355 23.98 -7.79 33.17
C ALA A 355 23.16 -6.78 33.96
N PHE A 356 22.01 -7.19 34.51
CA PHE A 356 21.07 -6.27 35.13
C PHE A 356 20.78 -6.55 36.60
N ILE A 357 21.13 -7.72 37.11
CA ILE A 357 20.81 -8.11 38.48
C ILE A 357 22.09 -8.03 39.30
N LEU A 358 22.03 -7.27 40.39
CA LEU A 358 23.16 -7.10 41.29
C LEU A 358 22.73 -7.36 42.73
N SER A 359 23.65 -7.90 43.52
CA SER A 359 23.44 -8.00 44.95
C SER A 359 23.25 -6.61 45.55
N LYS A 360 22.29 -6.49 46.47
CA LYS A 360 21.98 -5.19 47.03
C LYS A 360 23.13 -4.59 47.84
N ASP A 361 24.12 -5.39 48.19
CA ASP A 361 25.34 -4.91 48.82
C ASP A 361 26.47 -4.66 47.83
N ASP A 362 26.23 -4.83 46.53
CA ASP A 362 27.28 -4.60 45.54
C ASP A 362 27.61 -3.13 45.47
N VAL A 363 28.91 -2.82 45.41
CA VAL A 363 29.34 -1.42 45.41
C VAL A 363 29.02 -0.72 44.09
N LYS A 364 28.83 -1.48 43.01
CA LYS A 364 28.49 -0.88 41.73
C LYS A 364 27.12 -0.22 41.75
N LEU A 365 26.25 -0.55 42.70
CA LEU A 365 24.96 0.11 42.81
C LEU A 365 25.10 1.58 43.21
N ASN A 366 26.27 1.96 43.72
CA ASN A 366 26.52 3.36 43.99
C ASN A 366 26.54 4.18 42.71
N LEU A 367 26.78 3.54 41.56
CA LEU A 367 26.74 4.21 40.28
C LEU A 367 25.32 4.37 39.74
N VAL A 368 24.34 3.70 40.31
CA VAL A 368 22.99 3.66 39.75
C VAL A 368 22.05 4.49 40.62
N ASP A 369 21.41 5.48 39.99
CA ASP A 369 20.38 6.27 40.65
C ASP A 369 19.25 5.37 41.12
N ASP A 370 18.76 5.64 42.33
CA ASP A 370 17.78 4.75 42.95
C ASP A 370 16.48 4.71 42.19
N LYS A 371 16.23 5.69 41.31
CA LYS A 371 15.02 5.64 40.50
C LYS A 371 15.08 4.46 39.52
N PHE A 372 16.28 4.02 39.14
CA PHE A 372 16.46 2.89 38.24
C PHE A 372 16.44 1.53 38.95
N LEU A 373 16.51 1.51 40.28
CA LEU A 373 16.70 0.27 41.02
C LEU A 373 15.36 -0.26 41.53
N LYS A 374 15.11 -1.55 41.28
CA LYS A 374 13.93 -2.24 41.76
C LYS A 374 14.34 -3.43 42.60
N CYS A 375 13.49 -3.80 43.55
CA CYS A 375 13.72 -5.02 44.32
C CYS A 375 13.44 -6.27 43.48
N TRP A 376 14.28 -7.28 43.66
CA TRP A 376 14.32 -8.46 42.80
C TRP A 376 14.33 -9.71 43.68
N ILE A 377 13.38 -10.60 43.46
CA ILE A 377 13.29 -11.85 44.21
C ILE A 377 13.34 -13.03 43.25
N LYS A 378 13.70 -14.17 43.80
CA LYS A 378 13.67 -15.45 43.11
C LYS A 378 12.54 -16.31 43.66
N SER A 379 12.27 -17.43 42.98
CA SER A 379 11.19 -18.31 43.42
C SER A 379 11.40 -18.83 44.84
N LYS A 380 12.65 -19.04 45.27
CA LYS A 380 12.90 -19.52 46.63
C LYS A 380 12.54 -18.48 47.68
N ASN A 381 12.36 -17.22 47.29
CA ASN A 381 11.98 -16.19 48.25
C ASN A 381 10.49 -16.20 48.55
N ILE A 382 9.70 -16.92 47.76
CA ILE A 382 8.26 -17.01 47.98
C ILE A 382 8.00 -18.14 48.97
N ASN A 383 7.38 -17.80 50.09
CA ASN A 383 6.83 -18.75 51.04
C ASN A 383 5.32 -18.67 50.96
N LYS A 384 4.62 -19.51 51.70
CA LYS A 384 3.20 -19.29 51.88
C LYS A 384 2.98 -17.95 52.60
N TYR A 385 2.09 -17.15 52.06
CA TYR A 385 1.56 -15.91 52.62
C TYR A 385 2.49 -14.69 52.55
N ILE A 386 3.81 -14.87 52.47
CA ILE A 386 4.71 -13.71 52.52
C ILE A 386 6.01 -14.06 51.83
N VAL A 387 6.69 -13.01 51.37
CA VAL A 387 7.89 -13.10 50.58
C VAL A 387 9.08 -12.77 51.47
N ASP A 388 10.18 -13.49 51.28
CA ASP A 388 11.40 -13.14 51.98
C ASP A 388 11.84 -11.73 51.55
N LYS A 389 12.54 -11.05 52.45
CA LYS A 389 13.14 -9.77 52.10
C LYS A 389 14.08 -9.98 50.93
N SER A 390 14.05 -9.06 49.96
CA SER A 390 14.85 -9.25 48.75
C SER A 390 16.32 -8.96 49.01
N GLU A 391 17.18 -9.72 48.31
CA GLU A 391 18.61 -9.54 48.36
C GLU A 391 19.22 -9.04 47.05
N TYR A 392 18.41 -8.88 46.01
CA TYR A 392 18.94 -8.49 44.72
C TYR A 392 18.20 -7.26 44.22
N ARG A 393 18.86 -6.54 43.32
CA ARG A 393 18.31 -5.36 42.69
C ARG A 393 18.35 -5.52 41.17
N LEU A 394 17.27 -5.09 40.53
CA LEU A 394 17.18 -5.05 39.08
C LEU A 394 17.48 -3.62 38.64
N ILE A 395 18.33 -3.47 37.63
CA ILE A 395 18.57 -2.18 37.00
C ILE A 395 17.51 -2.05 35.90
N TYR A 396 16.47 -1.27 36.15
CA TYR A 396 15.42 -1.11 35.14
C TYR A 396 15.98 -0.19 34.06
N SER A 397 16.80 -0.79 33.19
CA SER A 397 17.60 -0.03 32.24
C SER A 397 16.76 0.62 31.15
N ASN A 398 15.51 0.19 30.96
CA ASN A 398 14.65 0.84 29.99
C ASN A 398 14.49 2.33 30.30
N ASP A 399 14.57 2.70 31.57
CA ASP A 399 14.38 4.09 31.97
C ASP A 399 15.60 4.96 31.73
N ILE A 400 16.71 4.39 31.28
CA ILE A 400 17.89 5.17 30.87
C ILE A 400 17.59 5.79 29.50
N ASP A 401 17.52 7.12 29.45
CA ASP A 401 17.01 7.79 28.26
C ASP A 401 17.97 7.65 27.09
N ASN A 402 19.25 7.93 27.29
CA ASN A 402 20.23 7.84 26.20
C ASN A 402 21.57 7.39 26.76
N GLU A 403 22.47 7.02 25.84
CA GLU A 403 23.76 6.44 26.21
C GLU A 403 24.75 7.44 26.80
N ASN A 404 24.58 8.74 26.58
CA ASN A 404 25.58 9.70 27.04
C ASN A 404 25.27 10.27 28.43
N THR A 405 24.01 10.23 28.85
CA THR A 405 23.64 10.79 30.16
C THR A 405 24.06 9.88 31.31
N ASN A 406 23.99 8.56 31.10
CA ASN A 406 24.33 7.59 32.13
C ASN A 406 25.42 6.65 31.61
N LYS A 407 26.46 7.22 30.98
CA LYS A 407 27.49 6.40 30.35
C LYS A 407 28.16 5.49 31.36
N ARG A 408 28.26 5.93 32.61
CA ARG A 408 28.97 5.14 33.62
C ARG A 408 28.30 3.79 33.85
N ILE A 409 26.97 3.77 33.93
CA ILE A 409 26.24 2.51 34.12
C ILE A 409 26.45 1.62 32.91
N LEU A 410 26.35 2.18 31.71
CA LEU A 410 26.49 1.38 30.50
C LEU A 410 27.90 0.84 30.37
N ASP A 411 28.90 1.67 30.67
CA ASP A 411 30.28 1.24 30.47
C ASP A 411 30.73 0.25 31.52
N GLU A 412 30.33 0.45 32.78
CA GLU A 412 30.94 -0.29 33.88
C GLU A 412 30.09 -1.43 34.42
N ILE A 413 28.79 -1.46 34.13
CA ILE A 413 27.95 -2.52 34.68
C ILE A 413 27.33 -3.33 33.55
N ILE A 414 26.45 -2.70 32.78
CA ILE A 414 25.68 -3.42 31.77
C ILE A 414 26.56 -3.82 30.60
N GLY A 415 27.47 -2.92 30.19
CA GLY A 415 28.31 -3.14 29.01
C GLY A 415 29.28 -4.29 29.13
N LEU A 416 29.51 -4.81 30.34
CA LEU A 416 30.36 -5.98 30.49
C LEU A 416 29.81 -7.19 29.76
N TYR A 417 28.53 -7.18 29.40
CA TYR A 417 27.88 -8.28 28.71
C TYR A 417 27.31 -7.82 27.37
N LYS A 418 27.92 -6.78 26.78
CA LYS A 418 27.34 -6.17 25.58
C LYS A 418 27.22 -7.18 24.44
N THR A 419 28.24 -8.02 24.24
CA THR A 419 28.18 -8.98 23.15
C THR A 419 26.99 -9.93 23.30
N LYS A 420 26.82 -10.50 24.49
CA LYS A 420 25.67 -11.37 24.71
C LYS A 420 24.35 -10.60 24.62
N LEU A 421 24.33 -9.36 25.10
CA LEU A 421 23.10 -8.59 25.01
C LEU A 421 22.72 -8.33 23.56
N GLU A 422 23.72 -8.04 22.71
CA GLU A 422 23.46 -7.76 21.31
C GLU A 422 22.98 -8.97 20.53
N ASN A 423 23.17 -10.17 21.08
CA ASN A 423 22.74 -11.37 20.38
C ASN A 423 21.29 -11.73 20.68
N ARG A 424 20.63 -11.01 21.58
CA ARG A 424 19.22 -11.25 21.81
C ARG A 424 18.40 -10.89 20.58
N ARG A 425 17.27 -11.58 20.42
CA ARG A 425 16.51 -11.49 19.16
C ARG A 425 16.09 -10.06 18.86
N GLU A 426 15.57 -9.35 19.86
CA GLU A 426 15.06 -8.00 19.64
C GLU A 426 16.18 -6.99 19.48
N CYS A 427 17.39 -7.30 19.93
CA CYS A 427 18.51 -6.42 19.62
C CYS A 427 18.98 -6.59 18.18
N LYS A 428 19.02 -7.83 17.67
CA LYS A 428 19.44 -8.05 16.29
C LYS A 428 18.45 -7.44 15.32
N SER A 429 17.17 -7.36 15.69
CA SER A 429 16.15 -6.76 14.86
C SER A 429 16.02 -5.26 15.08
N GLY A 430 16.68 -4.71 16.10
CA GLY A 430 16.62 -3.28 16.34
C GLY A 430 15.44 -2.82 17.17
N ILE A 431 14.57 -3.73 17.59
CA ILE A 431 13.41 -3.32 18.36
C ILE A 431 13.83 -2.85 19.75
N ARG A 432 14.94 -3.38 20.23
CA ARG A 432 15.40 -3.15 21.58
C ARG A 432 16.84 -2.67 21.52
N LYS A 433 17.17 -1.64 22.30
CA LYS A 433 18.56 -1.20 22.38
C LYS A 433 19.40 -2.23 23.12
N TRP A 434 20.70 -2.21 22.85
CA TRP A 434 21.58 -3.26 23.38
C TRP A 434 21.57 -3.28 24.91
N TYR A 435 21.34 -2.15 25.56
CA TYR A 435 21.34 -2.11 27.02
C TYR A 435 19.94 -2.25 27.63
N GLU A 436 18.89 -2.40 26.81
CA GLU A 436 17.55 -2.46 27.36
C GLU A 436 17.19 -3.88 27.82
N LEU A 437 16.23 -3.95 28.73
CA LEU A 437 15.66 -5.24 29.10
C LEU A 437 14.88 -5.81 27.92
N GLN A 438 15.04 -7.10 27.68
CA GLN A 438 14.38 -7.72 26.54
C GLN A 438 12.86 -7.64 26.69
N TRP A 439 12.32 -8.07 27.82
CA TRP A 439 10.88 -7.95 28.09
C TRP A 439 10.71 -7.31 29.46
N GLY A 440 10.72 -5.97 29.49
CA GLY A 440 10.61 -5.20 30.71
C GLY A 440 9.20 -5.01 31.22
N ARG A 441 8.20 -5.50 30.50
CA ARG A 441 6.79 -5.49 30.92
C ARG A 441 6.40 -4.05 31.22
N GLU A 442 5.50 -3.88 32.18
CA GLU A 442 5.03 -2.58 32.61
C GLU A 442 5.29 -2.47 34.11
N LYS A 443 6.08 -1.45 34.51
CA LYS A 443 6.43 -1.30 35.92
C LYS A 443 5.20 -1.19 36.81
N LEU A 444 4.16 -0.50 36.34
CA LEU A 444 2.97 -0.29 37.14
C LEU A 444 2.28 -1.60 37.52
N PHE A 445 2.52 -2.67 36.78
CA PHE A 445 1.96 -3.96 37.18
C PHE A 445 2.66 -4.51 38.42
N PHE A 446 3.96 -4.26 38.56
CA PHE A 446 4.71 -4.77 39.70
C PHE A 446 4.63 -3.86 40.91
N GLU A 447 4.56 -2.54 40.71
CA GLU A 447 4.66 -1.60 41.83
C GLU A 447 3.29 -1.35 42.45
N ARG A 448 2.73 -2.43 42.98
CA ARG A 448 1.40 -2.42 43.57
C ARG A 448 1.25 -3.67 44.42
N LYS A 449 0.27 -3.65 45.31
CA LYS A 449 -0.06 -4.85 46.07
C LYS A 449 -0.50 -5.95 45.12
N LYS A 450 0.08 -7.13 45.27
CA LYS A 450 -0.21 -8.24 44.36
C LYS A 450 0.11 -9.55 45.07
N ILE A 451 -0.28 -10.64 44.43
CA ILE A 451 0.05 -11.97 44.89
C ILE A 451 1.09 -12.55 43.95
N MET A 452 2.10 -13.23 44.53
CA MET A 452 3.15 -13.87 43.76
C MET A 452 3.26 -15.32 44.17
N TYR A 453 3.69 -16.16 43.22
CA TYR A 453 3.89 -17.58 43.47
C TYR A 453 5.03 -18.09 42.61
N PRO A 454 5.76 -19.11 43.05
CA PRO A 454 6.84 -19.67 42.23
C PRO A 454 6.32 -20.42 41.02
N TYR A 455 7.11 -20.43 39.95
CA TYR A 455 6.66 -21.07 38.71
C TYR A 455 6.78 -22.59 38.78
N LYS A 456 7.59 -23.10 39.68
CA LYS A 456 7.77 -24.53 39.87
C LYS A 456 7.96 -24.75 41.35
N SER A 457 7.15 -25.62 41.94
CA SER A 457 7.23 -25.83 43.38
C SER A 457 6.67 -27.21 43.73
N ASN A 458 6.96 -27.65 44.95
CA ASN A 458 6.42 -28.90 45.47
C ASN A 458 5.01 -28.72 46.04
N GLU A 459 4.59 -27.48 46.29
CA GLU A 459 3.33 -27.23 46.99
C GLU A 459 2.87 -25.81 46.67
N ASN A 460 1.61 -25.53 46.99
CA ASN A 460 1.05 -24.19 46.82
C ASN A 460 1.77 -23.19 47.72
N ARG A 461 2.38 -22.17 47.11
CA ARG A 461 3.02 -21.09 47.87
C ARG A 461 2.57 -19.78 47.22
N PHE A 462 1.45 -19.23 47.66
CA PHE A 462 0.94 -17.95 47.20
C PHE A 462 1.16 -16.93 48.28
N ALA A 463 1.88 -15.85 47.95
CA ALA A 463 2.23 -14.83 48.94
C ALA A 463 1.67 -13.48 48.52
N ILE A 464 1.36 -12.67 49.51
CA ILE A 464 1.02 -11.28 49.29
C ILE A 464 2.31 -10.48 49.26
N ASP A 465 2.52 -9.73 48.18
CA ASP A 465 3.68 -8.87 48.09
C ASP A 465 3.31 -7.46 48.54
N TYR A 466 3.99 -6.98 49.57
CA TYR A 466 3.79 -5.63 50.05
C TYR A 466 4.88 -4.66 49.58
N ASP A 467 5.94 -5.17 48.95
CA ASP A 467 7.18 -4.41 48.81
C ASP A 467 7.52 -4.11 47.35
N ASN A 468 6.53 -4.14 46.45
CA ASN A 468 6.75 -3.81 45.04
C ASN A 468 7.89 -4.63 44.47
N ASN A 469 7.89 -5.92 44.74
CA ASN A 469 8.96 -6.78 44.27
C ASN A 469 8.81 -7.05 42.78
N PHE A 470 9.92 -6.91 42.07
CA PHE A 470 10.05 -7.40 40.71
C PHE A 470 10.65 -8.80 40.74
N SER A 471 10.50 -9.52 39.65
CA SER A 471 11.03 -10.88 39.59
C SER A 471 11.20 -11.26 38.12
N SER A 472 11.95 -12.34 37.90
CA SER A 472 12.06 -12.93 36.57
C SER A 472 10.84 -13.81 36.30
N ALA A 473 10.92 -14.65 35.27
CA ALA A 473 9.81 -15.52 34.92
C ALA A 473 9.73 -16.77 35.81
N ASP A 474 10.61 -16.92 36.78
CA ASP A 474 10.47 -18.00 37.75
C ASP A 474 9.45 -17.67 38.82
N VAL A 475 8.88 -16.48 38.78
CA VAL A 475 7.83 -16.08 39.71
C VAL A 475 6.71 -15.43 38.90
N TYR A 476 5.47 -15.87 39.15
CA TYR A 476 4.30 -15.27 38.54
C TYR A 476 3.55 -14.40 39.54
N SER A 477 2.77 -13.45 39.01
CA SER A 477 2.09 -12.48 39.83
C SER A 477 0.67 -12.30 39.33
N PHE A 478 -0.25 -11.97 40.23
CA PHE A 478 -1.54 -11.46 39.80
C PHE A 478 -2.05 -10.46 40.82
N PHE A 479 -2.90 -9.56 40.35
CA PHE A 479 -3.61 -8.65 41.22
C PHE A 479 -5.10 -8.78 40.93
N ILE A 480 -5.91 -8.33 41.87
CA ILE A 480 -7.36 -8.48 41.79
C ILE A 480 -7.94 -7.33 41.00
N LYS A 481 -8.85 -7.66 40.08
CA LYS A 481 -9.55 -6.64 39.31
C LYS A 481 -10.34 -5.73 40.25
N GLU A 482 -10.49 -4.47 39.85
CA GLU A 482 -11.14 -3.50 40.72
C GLU A 482 -12.56 -3.92 41.07
N GLU A 483 -13.30 -4.49 40.11
CA GLU A 483 -14.70 -4.83 40.34
C GLU A 483 -14.90 -6.03 41.25
N TYR A 484 -13.83 -6.76 41.59
CA TYR A 484 -13.93 -7.90 42.49
C TYR A 484 -13.30 -7.63 43.85
N LEU A 485 -12.82 -6.41 44.11
CA LEU A 485 -12.17 -6.11 45.38
C LEU A 485 -13.14 -6.15 46.56
N ASP A 486 -14.42 -5.82 46.35
CA ASP A 486 -15.37 -5.91 47.45
C ASP A 486 -15.84 -7.34 47.71
N LYS A 487 -15.59 -8.28 46.80
CA LYS A 487 -15.92 -9.69 47.01
C LYS A 487 -14.75 -10.50 47.51
N PHE A 488 -13.54 -10.19 47.07
CA PHE A 488 -12.37 -10.97 47.42
C PHE A 488 -11.24 -10.05 47.85
N SER A 489 -10.54 -10.41 48.92
CA SER A 489 -9.39 -9.67 49.43
C SER A 489 -8.15 -10.52 49.21
N TYR A 490 -6.99 -9.85 49.20
CA TYR A 490 -5.76 -10.61 49.04
C TYR A 490 -5.56 -11.57 50.20
N GLU A 491 -5.95 -11.16 51.41
CA GLU A 491 -5.78 -11.99 52.57
C GLU A 491 -6.67 -13.24 52.50
N TYR A 492 -7.91 -13.10 52.03
CA TYR A 492 -8.75 -14.27 51.87
C TYR A 492 -8.19 -15.23 50.81
N LEU A 493 -7.68 -14.69 49.70
CA LEU A 493 -7.20 -15.53 48.61
C LEU A 493 -5.99 -16.37 49.02
N VAL A 494 -5.01 -15.76 49.67
CA VAL A 494 -3.85 -16.56 50.08
C VAL A 494 -4.25 -17.58 51.14
N GLY A 495 -5.30 -17.29 51.91
CA GLY A 495 -5.78 -18.27 52.87
C GLY A 495 -6.26 -19.55 52.21
N ILE A 496 -7.13 -19.43 51.21
CA ILE A 496 -7.65 -20.66 50.63
C ILE A 496 -6.66 -21.27 49.65
N LEU A 497 -5.87 -20.46 48.94
CA LEU A 497 -4.96 -20.99 47.95
C LEU A 497 -3.81 -21.76 48.61
N ASN A 498 -3.46 -21.43 49.84
CA ASN A 498 -2.41 -22.12 50.57
C ASN A 498 -2.94 -23.27 51.39
N SER A 499 -4.26 -23.50 51.38
CA SER A 499 -4.83 -24.56 52.19
C SER A 499 -4.46 -25.92 51.62
N SER A 500 -4.51 -26.92 52.49
CA SER A 500 -4.28 -28.29 52.06
C SER A 500 -5.28 -28.70 50.99
N VAL A 501 -6.52 -28.23 51.12
CA VAL A 501 -7.55 -28.57 50.13
C VAL A 501 -7.12 -28.11 48.75
N TYR A 502 -6.69 -26.84 48.66
CA TYR A 502 -6.33 -26.30 47.36
C TYR A 502 -5.00 -26.83 46.86
N ASP A 503 -4.12 -27.25 47.76
CA ASP A 503 -2.90 -27.91 47.31
C ASP A 503 -3.23 -29.23 46.61
N LYS A 504 -4.06 -30.07 47.25
CA LYS A 504 -4.53 -31.30 46.61
C LYS A 504 -5.36 -30.99 45.37
N TYR A 505 -6.23 -29.99 45.46
CA TYR A 505 -7.11 -29.65 44.35
C TYR A 505 -6.31 -29.22 43.13
N PHE A 506 -5.32 -28.35 43.32
CA PHE A 506 -4.52 -27.89 42.18
C PHE A 506 -3.75 -29.06 41.56
N LYS A 507 -3.20 -29.93 42.40
CA LYS A 507 -2.33 -31.00 41.90
C LYS A 507 -3.06 -32.08 41.11
N ILE A 508 -4.40 -32.11 41.18
CA ILE A 508 -5.14 -33.09 40.39
C ILE A 508 -4.88 -32.90 38.90
N THR A 509 -4.86 -31.66 38.44
CA THR A 509 -4.71 -31.36 37.01
C THR A 509 -3.43 -30.64 36.69
N ALA A 510 -2.57 -30.39 37.69
CA ALA A 510 -1.34 -29.68 37.45
C ALA A 510 -0.38 -30.52 36.61
N LYS A 511 0.63 -29.86 36.07
CA LYS A 511 1.59 -30.51 35.19
C LYS A 511 2.76 -30.99 36.04
N LYS A 512 2.86 -32.31 36.23
CA LYS A 512 3.94 -32.90 37.01
C LYS A 512 5.23 -32.88 36.22
N MET A 513 6.25 -32.19 36.74
CA MET A 513 7.49 -31.93 36.00
C MET A 513 8.63 -32.88 36.35
N SER A 514 9.04 -32.90 37.61
CA SER A 514 10.04 -33.85 38.08
C SER A 514 9.70 -34.17 39.52
N LYS A 515 10.56 -34.97 40.16
CA LYS A 515 10.22 -35.44 41.50
C LYS A 515 9.93 -34.26 42.41
N ASN A 516 8.72 -34.23 42.96
CA ASN A 516 8.29 -33.17 43.86
C ASN A 516 8.32 -31.78 43.24
N ILE A 517 8.07 -31.66 41.94
CA ILE A 517 7.96 -30.36 41.29
C ILE A 517 6.76 -30.37 40.36
N TYR A 518 5.86 -29.42 40.55
CA TYR A 518 4.79 -29.14 39.61
C TYR A 518 5.00 -27.76 38.99
N ASP A 519 4.51 -27.60 37.76
CA ASP A 519 4.44 -26.29 37.14
C ASP A 519 3.29 -25.52 37.77
N TYR A 520 3.60 -24.38 38.36
CA TYR A 520 2.57 -23.42 38.75
C TYR A 520 2.60 -22.28 37.72
N TYR A 521 1.98 -22.54 36.56
CA TYR A 521 1.93 -21.53 35.50
C TYR A 521 0.51 -21.01 35.33
N PRO A 522 0.35 -19.77 34.85
CA PRO A 522 -0.99 -19.20 34.69
C PRO A 522 -1.93 -20.05 33.85
N ASN A 523 -1.41 -20.82 32.87
CA ASN A 523 -2.33 -21.58 32.03
C ASN A 523 -3.10 -22.63 32.83
N LYS A 524 -2.64 -22.97 34.03
CA LYS A 524 -3.46 -23.77 34.94
C LYS A 524 -3.83 -23.03 36.22
N VAL A 525 -2.93 -22.21 36.77
CA VAL A 525 -3.21 -21.53 38.03
C VAL A 525 -4.41 -20.61 37.89
N MET A 526 -4.56 -19.95 36.74
CA MET A 526 -5.70 -19.08 36.53
C MET A 526 -7.01 -19.83 36.33
N LYS A 527 -6.96 -21.16 36.16
CA LYS A 527 -8.17 -21.96 36.07
C LYS A 527 -8.67 -22.42 37.42
N ILE A 528 -7.92 -22.14 38.50
CA ILE A 528 -8.35 -22.51 39.84
C ILE A 528 -9.63 -21.78 40.18
N ARG A 529 -10.63 -22.53 40.60
CA ARG A 529 -11.92 -21.97 40.98
C ARG A 529 -11.96 -21.67 42.48
N ILE A 530 -12.64 -20.58 42.82
CA ILE A 530 -12.68 -20.08 44.19
C ILE A 530 -14.14 -19.85 44.55
N PHE A 531 -14.41 -19.84 45.85
CA PHE A 531 -15.76 -19.73 46.36
C PHE A 531 -15.81 -18.58 47.36
N ARG A 532 -17.03 -18.20 47.71
CA ARG A 532 -17.23 -17.18 48.72
C ARG A 532 -18.55 -17.46 49.42
N ASP A 533 -18.51 -17.70 50.72
CA ASP A 533 -19.71 -18.12 51.48
C ASP A 533 -19.58 -17.65 52.92
N ASN A 534 -20.35 -18.28 53.81
CA ASN A 534 -20.45 -17.82 55.21
C ASN A 534 -19.15 -17.96 55.98
N ASN A 535 -18.21 -18.78 55.51
CA ASN A 535 -16.93 -18.89 56.22
C ASN A 535 -15.92 -17.81 55.81
N TYR A 536 -16.31 -16.91 54.89
CA TYR A 536 -15.37 -15.93 54.33
C TYR A 536 -14.69 -15.12 55.42
N GLU A 537 -15.47 -14.57 56.36
CA GLU A 537 -14.88 -13.70 57.37
C GLU A 537 -13.89 -14.45 58.25
N GLU A 538 -14.23 -15.67 58.67
CA GLU A 538 -13.33 -16.41 59.56
C GLU A 538 -12.10 -16.91 58.82
N ILE A 539 -12.28 -17.35 57.58
CA ILE A 539 -11.12 -17.74 56.77
C ILE A 539 -10.17 -16.55 56.60
N GLU A 540 -10.74 -15.39 56.25
CA GLU A 540 -9.92 -14.19 56.06
C GLU A 540 -9.21 -13.81 57.35
N ASN A 541 -9.93 -13.88 58.47
CA ASN A 541 -9.36 -13.49 59.75
C ASN A 541 -8.19 -14.39 60.15
N LEU A 542 -8.33 -15.70 59.94
CA LEU A 542 -7.22 -16.61 60.22
C LEU A 542 -6.02 -16.29 59.34
N SER A 543 -6.27 -15.95 58.08
CA SER A 543 -5.18 -15.62 57.19
C SER A 543 -4.43 -14.38 57.67
N LYS A 544 -5.15 -13.37 58.16
CA LYS A 544 -4.50 -12.19 58.72
C LYS A 544 -3.66 -12.54 59.95
N GLN A 545 -4.15 -13.45 60.80
CA GLN A 545 -3.36 -13.86 61.96
C GLN A 545 -2.08 -14.55 61.53
N ILE A 546 -2.17 -15.44 60.54
CA ILE A 546 -1.01 -16.13 60.04
C ILE A 546 0.01 -15.12 59.50
N ILE A 547 -0.47 -14.17 58.69
CA ILE A 547 0.43 -13.15 58.15
C ILE A 547 1.06 -12.33 59.26
N SER A 548 0.27 -11.94 60.27
CA SER A 548 0.80 -11.16 61.38
C SER A 548 1.89 -11.94 62.12
N ILE A 549 1.67 -13.23 62.37
CA ILE A 549 2.69 -14.04 63.02
C ILE A 549 3.91 -14.21 62.11
N LEU A 550 3.67 -14.42 60.79
CA LEU A 550 4.79 -14.67 59.89
C LEU A 550 5.69 -13.45 59.80
N LEU A 551 5.16 -12.27 60.07
CA LEU A 551 5.90 -11.02 59.95
C LEU A 551 6.52 -10.52 61.25
N ASN A 552 6.30 -11.19 62.39
CA ASN A 552 6.83 -10.66 63.65
C ASN A 552 8.30 -11.04 63.79
N LYS A 553 8.93 -10.52 64.83
CA LYS A 553 10.35 -10.74 65.06
C LYS A 553 10.60 -12.16 65.54
N SER A 554 10.03 -12.53 66.69
CA SER A 554 10.14 -13.87 67.25
C SER A 554 8.96 -14.66 66.71
N ILE A 555 9.20 -15.43 65.66
CA ILE A 555 8.13 -16.18 65.00
C ILE A 555 7.96 -17.50 65.72
N ASP A 556 6.76 -17.73 66.25
CA ASP A 556 6.40 -19.06 66.74
C ASP A 556 5.66 -19.70 65.57
N LYS A 557 6.41 -20.44 64.76
CA LYS A 557 5.84 -21.09 63.60
C LYS A 557 4.74 -22.07 63.97
N GLY A 558 4.79 -22.60 65.19
CA GLY A 558 3.83 -23.63 65.58
C GLY A 558 2.39 -23.14 65.60
N LYS A 559 2.14 -21.93 66.10
CA LYS A 559 0.76 -21.46 66.13
C LYS A 559 0.22 -21.27 64.71
N VAL A 560 1.10 -20.93 63.75
CA VAL A 560 0.67 -20.84 62.36
C VAL A 560 0.11 -22.18 61.91
N GLU A 561 0.77 -23.27 62.27
CA GLU A 561 0.30 -24.58 61.84
C GLU A 561 -1.09 -24.86 62.41
N LYS A 562 -1.30 -24.53 63.68
CA LYS A 562 -2.61 -24.73 64.29
C LYS A 562 -3.68 -23.89 63.61
N LEU A 563 -3.36 -22.63 63.28
CA LEU A 563 -4.30 -21.78 62.56
C LEU A 563 -4.60 -22.35 61.17
N GLN A 564 -3.58 -22.89 60.51
CA GLN A 564 -3.80 -23.47 59.19
C GLN A 564 -4.72 -24.69 59.28
N ILE A 565 -4.54 -25.53 60.30
CA ILE A 565 -5.42 -26.69 60.47
C ILE A 565 -6.85 -26.23 60.67
N LYS A 566 -7.06 -25.21 61.49
CA LYS A 566 -8.39 -24.65 61.67
C LYS A 566 -8.97 -24.11 60.36
N MET A 567 -8.13 -23.45 59.56
CA MET A 567 -8.62 -22.92 58.28
C MET A 567 -8.97 -24.05 57.32
N ASP A 568 -8.14 -25.08 57.25
CA ASP A 568 -8.45 -26.22 56.39
C ASP A 568 -9.80 -26.82 56.74
N ASN A 569 -10.11 -26.91 58.04
CA ASN A 569 -11.41 -27.45 58.43
C ASN A 569 -12.54 -26.57 57.93
N LEU A 570 -12.37 -25.24 58.01
CA LEU A 570 -13.39 -24.32 57.54
C LEU A 570 -13.61 -24.49 56.04
N ILE A 571 -12.53 -24.64 55.28
CA ILE A 571 -12.65 -24.79 53.83
C ILE A 571 -13.31 -26.12 53.47
N MET A 572 -12.93 -27.19 54.17
CA MET A 572 -13.59 -28.47 53.95
C MET A 572 -15.06 -28.40 54.34
N ASP A 573 -15.38 -27.68 55.41
CA ASP A 573 -16.79 -27.44 55.73
C ASP A 573 -17.48 -26.68 54.61
N SER A 574 -16.82 -25.64 54.07
CA SER A 574 -17.43 -24.84 53.01
C SER A 574 -17.69 -25.65 51.74
N LEU A 575 -16.73 -26.48 51.34
CA LEU A 575 -16.85 -27.22 50.10
C LEU A 575 -17.54 -28.56 50.28
N GLY A 576 -17.91 -28.93 51.51
CA GLY A 576 -18.62 -30.17 51.74
C GLY A 576 -17.81 -31.42 51.47
N ILE A 577 -16.54 -31.43 51.85
CA ILE A 577 -15.72 -32.62 51.64
C ILE A 577 -15.34 -33.17 53.02
N SER B 27 10.35 19.48 -15.20
CA SER B 27 9.62 19.47 -13.94
C SER B 27 8.17 19.88 -14.17
N GLY B 28 7.28 18.87 -14.28
CA GLY B 28 5.88 19.11 -14.60
C GLY B 28 5.01 19.55 -13.44
N ILE B 29 4.85 18.69 -12.43
CA ILE B 29 3.98 18.99 -11.30
C ILE B 29 4.75 19.26 -10.01
N TYR B 30 5.98 18.74 -9.86
CA TYR B 30 6.80 18.99 -8.69
C TYR B 30 7.78 20.14 -8.90
N TYR B 31 7.62 20.89 -10.00
CA TYR B 31 8.43 22.07 -10.28
C TYR B 31 8.36 23.05 -9.11
N THR B 32 9.52 23.47 -8.64
CA THR B 32 9.59 24.43 -7.54
C THR B 32 9.31 25.83 -8.08
N PRO B 33 8.48 26.63 -7.40
CA PRO B 33 8.17 27.98 -7.90
C PRO B 33 9.43 28.80 -8.06
N LYS B 34 9.46 29.63 -9.12
CA LYS B 34 10.70 30.35 -9.43
C LYS B 34 11.11 31.29 -8.31
N ILE B 35 10.14 31.93 -7.65
CA ILE B 35 10.46 32.86 -6.58
C ILE B 35 11.20 32.14 -5.46
N ILE B 36 10.85 30.87 -5.22
CA ILE B 36 11.55 30.05 -4.23
C ILE B 36 12.95 29.68 -4.73
N VAL B 37 13.05 29.24 -5.98
CA VAL B 37 14.35 28.84 -6.53
C VAL B 37 15.32 30.01 -6.51
N ASP B 38 14.85 31.18 -6.96
CA ASP B 38 15.70 32.36 -6.95
C ASP B 38 16.16 32.70 -5.56
N TYR B 39 15.27 32.59 -4.57
CA TYR B 39 15.63 32.88 -3.19
C TYR B 39 16.68 31.92 -2.67
N ILE B 40 16.51 30.62 -2.94
CA ILE B 40 17.43 29.63 -2.39
C ILE B 40 18.82 29.79 -3.00
N VAL B 41 18.88 30.00 -4.32
CA VAL B 41 20.17 30.17 -4.98
C VAL B 41 20.87 31.43 -4.46
N LYS B 42 20.13 32.53 -4.32
CA LYS B 42 20.74 33.75 -3.80
C LYS B 42 21.18 33.57 -2.34
N LYS B 43 20.41 32.82 -1.54
CA LYS B 43 20.79 32.58 -0.14
C LYS B 43 22.17 31.94 -0.04
N THR B 44 22.54 31.09 -0.98
CA THR B 44 23.82 30.42 -0.93
C THR B 44 24.94 31.21 -1.60
N LEU B 45 24.65 31.95 -2.67
CA LEU B 45 25.70 32.53 -3.49
C LEU B 45 25.87 34.04 -3.34
N LYS B 46 24.96 34.73 -2.66
CA LYS B 46 24.94 36.19 -2.74
C LYS B 46 26.22 36.82 -2.20
N ASN B 47 26.91 36.14 -1.29
CA ASN B 47 28.09 36.72 -0.66
C ASN B 47 29.35 35.95 -1.01
N HIS B 48 29.35 35.25 -2.14
CA HIS B 48 30.53 34.49 -2.53
C HIS B 48 31.60 35.44 -3.07
N ASP B 49 32.84 35.19 -2.65
CA ASP B 49 34.00 35.96 -3.10
C ASP B 49 34.59 35.24 -4.31
N ILE B 50 34.18 35.65 -5.50
CA ILE B 50 34.65 34.96 -6.70
C ILE B 50 36.13 35.22 -6.96
N ILE B 51 36.67 36.34 -6.47
CA ILE B 51 38.09 36.61 -6.64
C ILE B 51 38.92 35.67 -5.77
N LYS B 52 38.50 35.49 -4.51
CA LYS B 52 39.24 34.63 -3.59
C LYS B 52 39.11 33.17 -4.00
N ASN B 53 37.89 32.71 -4.30
CA ASN B 53 37.66 31.35 -4.79
C ASN B 53 36.87 31.40 -6.09
N PRO B 54 37.55 31.38 -7.23
CA PRO B 54 36.86 31.30 -8.52
C PRO B 54 36.46 29.90 -8.94
N TYR B 55 36.62 28.89 -8.07
CA TYR B 55 36.23 27.52 -8.37
C TYR B 55 35.22 26.99 -7.34
N PRO B 56 34.08 27.66 -7.17
CA PRO B 56 33.07 27.12 -6.24
C PRO B 56 32.30 25.97 -6.88
N ARG B 57 32.08 24.91 -6.11
CA ARG B 57 31.32 23.74 -6.56
C ARG B 57 29.91 23.83 -6.02
N ILE B 58 28.93 23.93 -6.91
CA ILE B 58 27.53 24.01 -6.53
C ILE B 58 26.85 22.74 -7.03
N LEU B 59 26.20 22.01 -6.11
CA LEU B 59 25.64 20.70 -6.37
C LEU B 59 24.15 20.68 -6.06
N ASP B 60 23.38 20.04 -6.95
CA ASP B 60 22.00 19.64 -6.69
C ASP B 60 21.91 18.12 -6.82
N ILE B 61 21.58 17.42 -5.74
CA ILE B 61 21.57 15.96 -5.76
C ILE B 61 20.23 15.38 -6.19
N SER B 62 19.23 16.22 -6.44
CA SER B 62 17.98 15.78 -7.08
C SER B 62 17.58 16.81 -8.15
N CYS B 63 18.53 17.12 -9.06
CA CYS B 63 18.43 18.30 -9.93
C CYS B 63 17.27 18.25 -10.93
N GLY B 64 16.78 17.06 -11.28
CA GLY B 64 15.70 16.99 -12.25
C GLY B 64 16.09 17.61 -13.58
N CYS B 65 15.18 18.42 -14.12
CA CYS B 65 15.43 19.15 -15.35
C CYS B 65 16.33 20.36 -15.15
N GLY B 66 16.65 20.69 -13.90
CA GLY B 66 17.59 21.75 -13.61
C GLY B 66 16.94 23.05 -13.20
N ASN B 67 15.81 22.99 -12.47
CA ASN B 67 15.18 24.22 -12.01
C ASN B 67 16.17 25.07 -11.23
N PHE B 68 16.95 24.44 -10.35
CA PHE B 68 17.92 25.18 -9.54
C PHE B 68 19.22 25.43 -10.29
N LEU B 69 19.75 24.42 -10.97
CA LEU B 69 21.08 24.55 -11.56
C LEU B 69 21.10 25.57 -12.69
N LEU B 70 20.02 25.64 -13.48
CA LEU B 70 19.97 26.64 -14.54
C LEU B 70 19.98 28.05 -13.96
N GLU B 71 19.32 28.24 -12.82
CA GLU B 71 19.41 29.50 -12.12
C GLU B 71 20.81 29.72 -11.56
N VAL B 72 21.45 28.63 -11.09
CA VAL B 72 22.82 28.72 -10.60
C VAL B 72 23.74 29.19 -11.72
N TYR B 73 23.56 28.65 -12.93
CA TYR B 73 24.39 29.05 -14.05
C TYR B 73 24.31 30.55 -14.27
N ASP B 74 23.10 31.09 -14.28
CA ASP B 74 22.90 32.52 -14.52
C ASP B 74 23.57 33.37 -13.45
N ILE B 75 23.39 33.00 -12.18
CA ILE B 75 24.01 33.75 -11.09
C ILE B 75 25.53 33.66 -11.20
N LEU B 76 26.05 32.48 -11.48
CA LEU B 76 27.49 32.32 -11.63
C LEU B 76 28.03 33.12 -12.81
N TYR B 77 27.32 33.10 -13.94
CA TYR B 77 27.83 33.79 -15.13
C TYR B 77 27.98 35.27 -14.89
N ASP B 78 26.98 35.89 -14.25
CA ASP B 78 27.09 37.31 -13.91
C ASP B 78 28.22 37.56 -12.92
N LEU B 79 28.39 36.64 -11.98
CA LEU B 79 29.45 36.81 -10.98
C LEU B 79 30.82 36.79 -11.64
N PHE B 80 31.05 35.86 -12.57
CA PHE B 80 32.31 35.83 -13.29
C PHE B 80 32.44 37.03 -14.22
N GLU B 81 31.37 37.38 -14.93
CA GLU B 81 31.46 38.45 -15.91
C GLU B 81 31.78 39.78 -15.24
N GLU B 82 31.17 40.06 -14.08
CA GLU B 82 31.40 41.34 -13.40
C GLU B 82 32.81 41.45 -12.81
N ASN B 83 33.51 40.34 -12.65
CA ASN B 83 34.85 40.37 -12.07
C ASN B 83 35.91 39.79 -13.00
N ILE B 84 35.65 39.75 -14.31
CA ILE B 84 36.52 39.01 -15.21
C ILE B 84 37.91 39.64 -15.29
N TYR B 85 37.99 40.98 -15.26
CA TYR B 85 39.31 41.59 -15.38
C TYR B 85 40.13 41.46 -14.10
N GLU B 86 39.47 41.45 -12.94
CA GLU B 86 40.19 41.19 -11.69
C GLU B 86 40.71 39.75 -11.64
N LEU B 87 39.91 38.79 -12.12
CA LEU B 87 40.37 37.40 -12.20
C LEU B 87 41.53 37.25 -13.19
N LYS B 88 41.43 37.94 -14.33
CA LYS B 88 42.47 37.89 -15.35
C LYS B 88 43.80 38.45 -14.85
N LYS B 89 43.74 39.49 -14.02
CA LYS B 89 44.94 40.12 -13.48
C LYS B 89 45.57 39.26 -12.38
N LYS B 90 44.74 38.65 -11.53
CA LYS B 90 45.23 37.86 -10.39
C LYS B 90 45.70 36.47 -10.80
N TYR B 91 45.09 35.90 -11.84
CA TYR B 91 45.34 34.53 -12.29
C TYR B 91 45.83 34.55 -13.74
N ASP B 92 45.85 33.39 -14.38
CA ASP B 92 46.25 33.29 -15.78
C ASP B 92 45.41 34.19 -16.69
N GLU B 93 46.04 35.21 -17.28
CA GLU B 93 45.32 36.19 -18.09
C GLU B 93 44.81 35.61 -19.41
N ASN B 94 45.39 34.52 -19.89
CA ASN B 94 44.86 33.91 -21.11
C ASN B 94 43.61 33.10 -20.83
N TYR B 95 43.52 32.49 -19.64
CA TYR B 95 42.37 31.65 -19.33
C TYR B 95 41.12 32.47 -19.08
N TRP B 96 41.25 33.60 -18.39
CA TRP B 96 40.09 34.33 -17.89
C TRP B 96 39.62 35.36 -18.91
N THR B 97 38.75 34.92 -19.81
CA THR B 97 38.08 35.80 -20.77
C THR B 97 36.59 35.56 -20.67
N VAL B 98 35.80 36.56 -21.12
CA VAL B 98 34.35 36.41 -21.07
C VAL B 98 33.92 35.21 -21.90
N ASP B 99 34.59 34.99 -23.03
CA ASP B 99 34.26 33.87 -23.88
C ASP B 99 34.50 32.53 -23.20
N ASN B 100 35.35 32.48 -22.19
CA ASN B 100 35.68 31.22 -21.54
C ASN B 100 34.86 30.95 -20.28
N ILE B 101 33.96 31.85 -19.89
CA ILE B 101 33.21 31.65 -18.65
C ILE B 101 32.33 30.42 -18.75
N HIS B 102 31.62 30.26 -19.87
CA HIS B 102 30.69 29.14 -20.04
C HIS B 102 31.38 27.81 -19.83
N ARG B 103 32.53 27.61 -20.49
CA ARG B 103 33.26 26.36 -20.32
C ARG B 103 33.74 26.20 -18.88
N HIS B 104 34.20 27.28 -18.25
CA HIS B 104 34.70 27.19 -16.88
C HIS B 104 33.60 26.76 -15.92
N ILE B 105 32.40 27.32 -16.09
CA ILE B 105 31.27 27.00 -15.20
C ILE B 105 30.93 25.51 -15.31
N LEU B 106 30.84 25.00 -16.55
CA LEU B 106 30.41 23.62 -16.72
C LEU B 106 31.51 22.64 -16.34
N ASN B 107 32.77 23.00 -16.50
CA ASN B 107 33.82 22.05 -16.16
C ASN B 107 34.05 21.94 -14.66
N TYR B 108 33.88 23.03 -13.91
CA TYR B 108 34.37 23.08 -12.54
C TYR B 108 33.34 23.47 -11.50
N CYS B 109 32.19 24.00 -11.89
CA CYS B 109 31.35 24.68 -10.91
C CYS B 109 30.00 24.01 -10.69
N ILE B 110 29.36 23.53 -11.74
CA ILE B 110 28.01 23.01 -11.65
C ILE B 110 28.08 21.49 -11.61
N TYR B 111 27.41 20.90 -10.62
CA TYR B 111 27.32 19.45 -10.43
C TYR B 111 25.86 19.10 -10.19
N GLY B 112 25.39 18.05 -10.86
CA GLY B 112 24.02 17.60 -10.67
C GLY B 112 23.95 16.09 -10.66
N ALA B 113 22.99 15.58 -9.89
CA ALA B 113 22.71 14.15 -9.83
C ALA B 113 21.20 13.94 -9.80
N ASP B 114 20.75 12.85 -10.44
CA ASP B 114 19.36 12.44 -10.51
C ASP B 114 19.28 11.02 -11.02
N ILE B 115 18.27 10.27 -10.58
CA ILE B 115 18.08 8.90 -11.08
C ILE B 115 17.44 8.87 -12.45
N ASP B 116 16.76 9.94 -12.87
CA ASP B 116 16.01 9.96 -14.12
C ASP B 116 16.92 10.37 -15.28
N GLU B 117 17.21 9.42 -16.18
CA GLU B 117 18.12 9.73 -17.28
C GLU B 117 17.50 10.71 -18.29
N LYS B 118 16.17 10.67 -18.47
CA LYS B 118 15.53 11.64 -19.35
C LYS B 118 15.72 13.06 -18.82
N ALA B 119 15.60 13.23 -17.50
CA ALA B 119 15.81 14.55 -16.88
C ALA B 119 17.26 15.00 -17.01
N ILE B 120 18.21 14.09 -16.78
CA ILE B 120 19.62 14.43 -16.94
C ILE B 120 19.90 14.78 -18.40
N SER B 121 19.31 14.03 -19.33
CA SER B 121 19.52 14.34 -20.74
C SER B 121 19.01 15.75 -21.08
N ILE B 122 17.84 16.11 -20.55
CA ILE B 122 17.28 17.44 -20.80
C ILE B 122 18.17 18.52 -20.21
N LEU B 123 18.61 18.33 -18.96
CA LEU B 123 19.43 19.34 -18.31
C LEU B 123 20.75 19.51 -19.05
N LYS B 124 21.33 18.41 -19.53
CA LYS B 124 22.58 18.48 -20.26
C LYS B 124 22.43 19.36 -21.50
N ASP B 125 21.31 19.21 -22.21
CA ASP B 125 21.07 20.07 -23.37
C ASP B 125 20.84 21.52 -22.96
N SER B 126 20.14 21.75 -21.86
CA SER B 126 19.87 23.11 -21.44
C SER B 126 21.16 23.84 -21.09
N LEU B 127 22.05 23.18 -20.35
CA LEU B 127 23.33 23.80 -19.99
C LEU B 127 24.20 24.01 -21.22
N THR B 128 24.18 23.04 -22.14
CA THR B 128 24.94 23.19 -23.37
C THR B 128 24.44 24.39 -24.16
N ASN B 129 23.13 24.62 -24.15
CA ASN B 129 22.51 25.68 -24.94
C ASN B 129 22.59 27.05 -24.29
N LYS B 130 23.25 27.17 -23.13
CA LYS B 130 23.51 28.46 -22.53
C LYS B 130 24.55 29.25 -23.30
N LYS B 131 25.28 28.58 -24.20
CA LYS B 131 26.34 29.23 -24.99
C LYS B 131 25.79 29.98 -26.18
N VAL B 132 24.68 29.50 -26.77
CA VAL B 132 24.07 30.04 -27.98
C VAL B 132 24.98 29.83 -29.19
N VAL B 133 26.26 30.19 -29.05
CA VAL B 133 27.25 29.97 -30.11
C VAL B 133 27.66 28.50 -30.05
N ASN B 134 27.05 27.67 -30.90
CA ASN B 134 27.41 26.27 -30.99
C ASN B 134 28.69 26.11 -31.83
N ASP B 135 29.36 24.98 -31.63
CA ASP B 135 30.68 24.72 -32.22
C ASP B 135 31.67 25.81 -31.84
N LEU B 136 31.76 26.08 -30.54
CA LEU B 136 32.66 27.11 -30.00
C LEU B 136 34.12 26.80 -30.29
N ASP B 137 34.63 25.72 -29.70
CA ASP B 137 36.03 25.32 -29.87
C ASP B 137 36.17 23.97 -30.57
N GLU B 138 35.06 23.39 -31.05
CA GLU B 138 35.03 22.10 -31.72
C GLU B 138 35.39 20.96 -30.76
N SER B 139 35.60 21.28 -29.49
CA SER B 139 35.90 20.30 -28.46
C SER B 139 34.72 20.21 -27.50
N ASP B 140 34.26 18.98 -27.25
CA ASP B 140 33.11 18.80 -26.36
C ASP B 140 33.45 19.27 -24.95
N ILE B 141 32.45 19.81 -24.27
CA ILE B 141 32.60 20.37 -22.92
C ILE B 141 32.22 19.29 -21.92
N LYS B 142 32.97 19.21 -20.82
CA LYS B 142 32.72 18.20 -19.80
C LYS B 142 31.75 18.78 -18.78
N ILE B 143 30.57 18.16 -18.67
CA ILE B 143 29.52 18.58 -17.75
C ILE B 143 29.44 17.59 -16.60
N ASN B 144 29.36 18.09 -15.37
CA ASN B 144 29.35 17.21 -14.19
C ASN B 144 27.92 16.84 -13.80
N LEU B 145 27.29 16.05 -14.65
CA LEU B 145 25.96 15.51 -14.39
C LEU B 145 26.06 14.00 -14.22
N PHE B 146 25.41 13.47 -13.20
CA PHE B 146 25.46 12.05 -12.88
C PHE B 146 24.06 11.49 -12.87
N CYS B 147 23.86 10.40 -13.60
CA CYS B 147 22.60 9.67 -13.56
C CYS B 147 22.79 8.49 -12.61
N CYS B 148 22.31 8.65 -11.37
CA CYS B 148 22.59 7.69 -10.32
C CYS B 148 21.66 7.95 -9.14
N ASP B 149 21.72 7.05 -8.16
CA ASP B 149 21.09 7.25 -6.85
C ASP B 149 22.02 8.10 -6.00
N SER B 150 21.59 9.33 -5.69
CA SER B 150 22.44 10.25 -4.94
C SER B 150 22.78 9.71 -3.55
N LEU B 151 21.87 8.93 -2.95
CA LEU B 151 22.10 8.37 -1.63
C LEU B 151 23.09 7.21 -1.65
N LYS B 152 23.45 6.71 -2.82
CA LYS B 152 24.43 5.64 -2.93
C LYS B 152 25.76 6.09 -3.53
N LYS B 153 25.82 7.24 -4.19
CA LYS B 153 27.05 7.63 -4.86
C LYS B 153 28.15 7.96 -3.86
N LYS B 154 29.34 7.39 -4.10
CA LYS B 154 30.54 7.73 -3.35
C LYS B 154 31.15 8.99 -3.98
N TRP B 155 31.13 10.09 -3.25
CA TRP B 155 31.65 11.37 -3.70
C TRP B 155 33.12 11.52 -3.30
N ARG B 156 33.99 11.89 -4.25
CA ARG B 156 35.41 11.96 -3.94
C ARG B 156 35.82 13.25 -3.23
N TYR B 157 34.93 14.23 -3.16
CA TYR B 157 35.24 15.50 -2.51
C TYR B 157 33.94 16.15 -2.11
N LYS B 158 34.04 17.12 -1.22
CA LYS B 158 32.87 17.82 -0.71
C LYS B 158 32.56 19.05 -1.59
N PHE B 159 31.48 19.74 -1.27
CA PHE B 159 30.93 20.76 -2.14
C PHE B 159 30.76 22.07 -1.39
N ASP B 160 31.01 23.18 -2.10
CA ASP B 160 30.92 24.49 -1.48
C ASP B 160 29.48 24.89 -1.21
N TYR B 161 28.57 24.59 -2.14
CA TYR B 161 27.18 24.98 -2.00
C TYR B 161 26.27 23.85 -2.50
N ILE B 162 25.19 23.60 -1.78
CA ILE B 162 24.22 22.57 -2.13
C ILE B 162 22.83 23.18 -2.08
N VAL B 163 22.07 23.03 -3.16
CA VAL B 163 20.72 23.56 -3.28
C VAL B 163 19.81 22.50 -3.87
N GLY B 164 18.50 22.67 -3.69
CA GLY B 164 17.57 21.85 -4.43
C GLY B 164 16.31 21.51 -3.65
N ASN B 165 15.52 20.63 -4.26
CA ASN B 165 14.23 20.18 -3.73
C ASN B 165 14.24 18.65 -3.78
N PRO B 166 14.54 17.98 -2.68
CA PRO B 166 14.71 16.52 -2.70
C PRO B 166 13.37 15.82 -2.87
N PRO B 167 13.37 14.52 -3.18
CA PRO B 167 12.10 13.79 -3.23
C PRO B 167 11.53 13.59 -1.83
N TYR B 168 10.20 13.62 -1.74
CA TYR B 168 9.50 13.30 -0.49
C TYR B 168 8.76 11.99 -0.75
N ILE B 169 9.18 10.92 -0.07
CA ILE B 169 8.49 9.64 -0.17
C ILE B 169 8.35 9.06 1.23
N GLY B 170 7.10 8.84 1.66
CA GLY B 170 6.83 8.31 2.98
C GLY B 170 6.93 6.79 3.07
N HIS B 171 6.61 6.29 4.26
CA HIS B 171 6.86 4.88 4.55
C HIS B 171 5.94 3.96 3.75
N LYS B 172 4.75 4.42 3.37
CA LYS B 172 3.86 3.59 2.57
C LYS B 172 4.32 3.49 1.11
N LYS B 173 4.77 4.60 0.53
CA LYS B 173 5.04 4.63 -0.90
C LYS B 173 6.47 4.25 -1.25
N LEU B 174 7.34 4.08 -0.27
CA LEU B 174 8.72 3.73 -0.54
C LEU B 174 8.85 2.22 -0.64
N GLU B 175 9.60 1.77 -1.64
CA GLU B 175 9.75 0.34 -1.89
C GLU B 175 10.46 -0.33 -0.71
N LYS B 176 9.94 -1.49 -0.29
CA LYS B 176 10.43 -2.09 0.95
C LYS B 176 11.86 -2.58 0.82
N LYS B 177 12.23 -3.12 -0.34
CA LYS B 177 13.61 -3.58 -0.53
C LYS B 177 14.58 -2.42 -0.40
N TYR B 178 14.21 -1.25 -0.90
CA TYR B 178 15.07 -0.07 -0.77
C TYR B 178 15.19 0.37 0.68
N LYS B 179 14.10 0.28 1.44
CA LYS B 179 14.12 0.67 2.86
C LYS B 179 15.12 -0.13 3.65
N LYS B 180 15.41 -1.37 3.25
CA LYS B 180 16.47 -2.11 3.93
C LYS B 180 17.81 -1.39 3.79
N PHE B 181 18.07 -0.81 2.62
CA PHE B 181 19.31 -0.04 2.45
C PHE B 181 19.31 1.22 3.33
N LEU B 182 18.20 1.95 3.37
CA LEU B 182 18.12 3.15 4.20
C LEU B 182 18.29 2.80 5.68
N LEU B 183 17.63 1.74 6.13
CA LEU B 183 17.69 1.38 7.55
C LEU B 183 19.09 0.96 7.96
N GLU B 184 19.88 0.48 7.00
CA GLU B 184 21.26 0.08 7.29
C GLU B 184 22.22 1.27 7.29
N LYS B 185 22.16 2.09 6.23
CA LYS B 185 23.17 3.10 6.01
C LYS B 185 22.78 4.49 6.51
N TYR B 186 21.49 4.74 6.73
CA TYR B 186 21.02 6.05 7.14
C TYR B 186 20.32 5.97 8.50
N SER B 187 20.75 5.05 9.35
CA SER B 187 20.05 4.83 10.62
C SER B 187 20.10 6.04 11.54
N GLU B 188 21.08 6.93 11.36
CA GLU B 188 21.16 8.12 12.21
C GLU B 188 19.96 9.04 12.01
N VAL B 189 19.28 8.97 10.86
CA VAL B 189 18.11 9.80 10.62
C VAL B 189 16.90 9.02 10.14
N TYR B 190 17.04 7.77 9.70
CA TYR B 190 15.93 7.03 9.10
C TYR B 190 15.62 5.79 9.93
N LYS B 191 14.44 5.78 10.57
CA LYS B 191 13.88 4.59 11.23
C LYS B 191 12.37 4.66 11.11
N ASP B 192 11.73 3.52 11.31
CA ASP B 192 10.26 3.49 11.47
C ASP B 192 9.54 4.22 10.34
N LYS B 193 8.74 5.25 10.68
CA LYS B 193 7.93 5.96 9.70
C LYS B 193 8.62 7.21 9.15
N ALA B 194 9.94 7.25 9.13
CA ALA B 194 10.69 8.40 8.62
C ALA B 194 10.43 8.56 7.13
N ASP B 195 10.91 9.69 6.58
CA ASP B 195 10.71 9.97 5.16
C ASP B 195 12.03 9.92 4.41
N LEU B 196 11.95 9.68 3.10
CA LEU B 196 13.15 9.62 2.27
C LEU B 196 13.94 10.94 2.33
N TYR B 197 13.26 12.08 2.41
CA TYR B 197 13.98 13.34 2.43
C TYR B 197 14.79 13.53 3.71
N PHE B 198 14.53 12.74 4.76
CA PHE B 198 15.44 12.76 5.91
C PHE B 198 16.84 12.36 5.47
N CYS B 199 16.93 11.35 4.59
CA CYS B 199 18.22 10.86 4.14
C CYS B 199 18.91 11.88 3.25
N PHE B 200 18.13 12.63 2.46
CA PHE B 200 18.72 13.68 1.64
C PHE B 200 19.32 14.78 2.51
N TYR B 201 18.66 15.12 3.62
CA TYR B 201 19.29 16.03 4.58
C TYR B 201 20.64 15.47 5.05
N LYS B 202 20.68 14.19 5.40
CA LYS B 202 21.94 13.63 5.89
C LYS B 202 23.01 13.63 4.82
N LYS B 203 22.67 13.22 3.60
CA LYS B 203 23.68 13.18 2.54
C LYS B 203 24.22 14.58 2.25
N ILE B 204 23.32 15.57 2.17
CA ILE B 204 23.71 16.94 1.89
C ILE B 204 24.67 17.47 2.94
N ILE B 205 24.31 17.26 4.22
CA ILE B 205 25.16 17.70 5.32
C ILE B 205 26.52 17.02 5.25
N ASP B 206 26.53 15.73 4.94
CA ASP B 206 27.77 14.96 5.00
C ASP B 206 28.77 15.40 3.93
N ILE B 207 28.28 15.76 2.74
CA ILE B 207 29.17 16.14 1.65
C ILE B 207 29.28 17.66 1.50
N LEU B 208 28.84 18.43 2.50
CA LEU B 208 29.02 19.87 2.48
C LEU B 208 30.42 20.19 3.00
N LYS B 209 31.14 21.02 2.24
CA LYS B 209 32.50 21.43 2.59
C LYS B 209 32.48 22.31 3.83
N GLN B 210 33.62 22.35 4.53
CA GLN B 210 33.74 23.27 5.66
C GLN B 210 33.61 24.71 5.17
N GLY B 211 32.75 25.47 5.83
CA GLY B 211 32.46 26.81 5.38
C GLY B 211 31.44 26.90 4.29
N GLY B 212 30.88 25.77 3.85
CA GLY B 212 29.90 25.81 2.78
C GLY B 212 28.53 26.19 3.28
N ILE B 213 27.63 26.41 2.33
CA ILE B 213 26.24 26.76 2.64
C ILE B 213 25.34 25.81 1.87
N GLY B 214 24.34 25.26 2.54
CA GLY B 214 23.31 24.48 1.89
C GLY B 214 21.95 25.12 2.12
N SER B 215 21.07 24.98 1.13
CA SER B 215 19.73 25.54 1.24
C SER B 215 18.78 24.67 0.43
N VAL B 216 17.71 24.17 1.06
CA VAL B 216 16.79 23.24 0.44
C VAL B 216 15.36 23.59 0.82
N ILE B 217 14.42 23.14 0.00
CA ILE B 217 13.01 23.21 0.35
C ILE B 217 12.50 21.77 0.50
N THR B 218 11.94 21.46 1.66
CA THR B 218 11.46 20.12 2.02
C THR B 218 10.10 20.26 2.67
N PRO B 219 9.44 19.17 3.06
CA PRO B 219 8.26 19.31 3.91
C PRO B 219 8.63 19.87 5.28
N ARG B 220 7.65 20.50 5.92
CA ARG B 220 7.87 21.09 7.24
C ARG B 220 7.72 20.10 8.39
N TYR B 221 7.20 18.90 8.12
CA TYR B 221 6.73 18.04 9.20
C TYR B 221 7.86 17.58 10.11
N PHE B 222 9.09 17.47 9.60
CA PHE B 222 10.18 17.03 10.47
C PHE B 222 10.47 18.02 11.59
N LEU B 223 9.99 19.27 11.47
CA LEU B 223 10.21 20.25 12.52
C LEU B 223 9.50 19.86 13.80
N GLU B 224 8.42 19.08 13.70
CA GLU B 224 7.61 18.72 14.85
C GLU B 224 7.37 17.22 15.03
N SER B 225 7.46 16.42 13.97
CA SER B 225 6.96 15.05 14.02
C SER B 225 7.81 14.17 14.93
N LEU B 226 7.17 13.12 15.45
CA LEU B 226 7.88 12.11 16.21
C LEU B 226 8.97 11.45 15.37
N SER B 227 8.69 11.22 14.09
CA SER B 227 9.65 10.53 13.22
C SER B 227 10.90 11.37 13.00
N GLY B 228 10.78 12.70 13.04
CA GLY B 228 11.89 13.59 12.78
C GLY B 228 12.86 13.81 13.92
N LYS B 229 12.66 13.16 15.06
CA LYS B 229 13.51 13.40 16.22
C LYS B 229 14.99 13.20 15.89
N ASP B 230 15.35 12.06 15.29
CA ASP B 230 16.76 11.81 15.00
C ASP B 230 17.32 12.80 13.99
N LEU B 231 16.52 13.18 12.99
CA LEU B 231 16.98 14.13 12.00
C LEU B 231 17.25 15.50 12.62
N ARG B 232 16.35 15.98 13.48
CA ARG B 232 16.55 17.26 14.13
C ARG B 232 17.83 17.26 14.93
N GLU B 233 18.11 16.19 15.66
CA GLU B 233 19.36 16.09 16.40
C GLU B 233 20.55 16.08 15.45
N TYR B 234 20.43 15.40 14.31
CA TYR B 234 21.54 15.36 13.37
C TYR B 234 21.85 16.74 12.80
N ILE B 235 20.81 17.46 12.39
CA ILE B 235 20.99 18.81 11.86
C ILE B 235 21.58 19.72 12.93
N LYS B 236 20.96 19.74 14.12
CA LYS B 236 21.35 20.68 15.16
C LYS B 236 22.81 20.49 15.55
N SER B 237 23.32 19.27 15.48
CA SER B 237 24.65 18.96 15.99
C SER B 237 25.72 18.89 14.90
N ASN B 238 25.37 19.11 13.64
CA ASN B 238 26.34 19.02 12.56
C ASN B 238 26.44 20.28 11.70
N VAL B 239 25.42 21.13 11.68
CA VAL B 239 25.47 22.37 10.92
C VAL B 239 24.95 23.51 11.79
N ASN B 240 25.27 24.74 11.40
CA ASN B 240 24.65 25.93 11.95
C ASN B 240 23.44 26.28 11.10
N VAL B 241 22.26 26.25 11.68
CA VAL B 241 21.05 26.62 10.96
C VAL B 241 20.97 28.14 10.89
N GLN B 242 21.07 28.68 9.68
CA GLN B 242 20.98 30.13 9.49
C GLN B 242 19.55 30.61 9.58
N GLU B 243 18.64 29.92 8.91
CA GLU B 243 17.29 30.44 8.70
C GLU B 243 16.33 29.29 8.43
N ILE B 244 15.12 29.43 8.97
CA ILE B 244 14.02 28.52 8.69
C ILE B 244 12.84 29.36 8.25
N VAL B 245 12.36 29.11 7.03
CA VAL B 245 11.15 29.76 6.54
C VAL B 245 10.03 28.72 6.62
N ASP B 246 9.07 28.94 7.50
CA ASP B 246 7.98 28.00 7.74
C ASP B 246 6.74 28.59 7.10
N PHE B 247 6.24 27.95 6.05
CA PHE B 247 5.02 28.37 5.40
C PHE B 247 3.78 27.79 6.06
N LEU B 248 3.95 27.04 7.16
CA LEU B 248 2.85 26.42 7.89
C LEU B 248 2.00 25.66 6.87
N GLY B 249 0.68 25.81 6.88
CA GLY B 249 -0.20 25.10 5.99
C GLY B 249 -0.42 25.70 4.63
N ALA B 250 0.38 26.70 4.23
CA ALA B 250 0.20 27.35 2.93
C ALA B 250 0.54 26.39 1.80
N ASN B 251 -0.16 26.55 0.68
CA ASN B 251 0.00 25.65 -0.47
C ASN B 251 1.01 26.26 -1.44
N ILE B 252 2.27 25.85 -1.31
CA ILE B 252 3.35 26.35 -2.15
C ILE B 252 3.37 25.66 -3.51
N PHE B 253 3.07 24.36 -3.54
CA PHE B 253 3.05 23.59 -4.76
C PHE B 253 1.60 23.37 -5.20
N LYS B 254 1.25 23.90 -6.37
CA LYS B 254 -0.13 23.79 -6.85
C LYS B 254 -0.49 22.33 -7.06
N ASN B 255 -1.68 21.95 -6.59
CA ASN B 255 -2.20 20.60 -6.74
C ASN B 255 -1.36 19.56 -6.01
N ILE B 256 -0.66 19.97 -4.95
CA ILE B 256 0.12 19.07 -4.12
C ILE B 256 -0.34 19.23 -2.68
N GLY B 257 -0.65 18.11 -2.04
CA GLY B 257 -1.03 18.16 -0.64
C GLY B 257 0.16 18.03 0.29
N VAL B 258 1.04 19.03 0.31
CA VAL B 258 2.19 19.03 1.19
C VAL B 258 2.36 20.44 1.76
N SER B 259 2.99 20.51 2.92
CA SER B 259 3.29 21.78 3.59
C SER B 259 4.80 21.92 3.68
N SER B 260 5.30 23.11 3.33
CA SER B 260 6.70 23.28 2.98
C SER B 260 7.44 24.17 3.95
N CYS B 261 8.76 24.04 3.94
CA CYS B 261 9.65 24.97 4.62
C CYS B 261 10.97 25.03 3.87
N ILE B 262 11.71 26.12 4.09
CA ILE B 262 13.02 26.34 3.50
C ILE B 262 14.03 26.38 4.64
N LEU B 263 15.05 25.53 4.55
CA LEU B 263 16.10 25.47 5.56
C LEU B 263 17.40 25.95 4.92
N THR B 264 18.10 26.86 5.60
CA THR B 264 19.43 27.29 5.18
C THR B 264 20.40 27.06 6.33
N PHE B 265 21.49 26.36 6.04
CA PHE B 265 22.48 25.99 7.05
C PHE B 265 23.86 26.12 6.44
N ASP B 266 24.87 26.20 7.32
CA ASP B 266 26.25 26.31 6.88
C ASP B 266 27.15 25.52 7.83
N LYS B 267 28.40 25.41 7.43
CA LYS B 267 29.45 24.84 8.26
C LYS B 267 30.53 25.88 8.55
N LYS B 268 30.12 27.12 8.75
CA LYS B 268 31.05 28.19 9.06
C LYS B 268 31.44 28.14 10.53
N LYS B 269 32.59 28.74 10.87
CA LYS B 269 32.96 28.87 12.28
C LYS B 269 32.09 29.96 12.92
N THR B 270 30.95 29.56 13.48
CA THR B 270 29.96 30.47 14.05
C THR B 270 30.20 30.62 15.55
N LYS B 271 29.82 31.78 16.07
CA LYS B 271 29.93 32.01 17.50
C LYS B 271 28.56 32.21 18.15
N GLU B 272 27.82 33.25 17.76
CA GLU B 272 26.50 33.47 18.36
C GLU B 272 25.49 32.40 17.97
N THR B 273 25.54 31.93 16.72
CA THR B 273 24.68 30.86 16.17
C THR B 273 23.22 30.99 16.62
N TYR B 274 22.56 32.04 16.15
CA TYR B 274 21.11 32.23 16.28
C TYR B 274 20.43 31.96 14.95
N ILE B 275 19.24 31.40 15.00
CA ILE B 275 18.46 31.03 13.82
C ILE B 275 17.47 32.14 13.50
N ASP B 276 17.43 32.56 12.24
CA ASP B 276 16.35 33.43 11.78
C ASP B 276 15.13 32.59 11.48
N VAL B 277 14.03 32.85 12.18
CA VAL B 277 12.79 32.11 11.95
C VAL B 277 11.78 33.06 11.34
N PHE B 278 11.28 32.69 10.16
CA PHE B 278 10.22 33.42 9.48
C PHE B 278 9.01 32.51 9.45
N LYS B 279 8.01 32.83 10.25
CA LYS B 279 6.79 32.05 10.34
C LYS B 279 5.67 32.83 9.68
N ILE B 280 4.96 32.20 8.76
CA ILE B 280 3.90 32.89 8.04
C ILE B 280 2.75 33.22 8.99
N LYS B 281 2.10 34.36 8.75
CA LYS B 281 1.01 34.79 9.62
C LYS B 281 -0.35 34.37 9.11
N ASN B 282 -0.55 34.36 7.79
CA ASN B 282 -1.82 33.96 7.19
C ASN B 282 -1.53 32.92 6.11
N GLU B 283 -2.08 31.72 6.28
CA GLU B 283 -1.78 30.63 5.37
C GLU B 283 -2.43 30.80 3.99
N ASP B 284 -3.33 31.76 3.82
CA ASP B 284 -4.03 31.92 2.56
C ASP B 284 -3.29 32.82 1.59
N ILE B 285 -2.10 33.31 1.94
CA ILE B 285 -1.43 34.30 1.12
C ILE B 285 -0.94 33.67 -0.18
N CYS B 286 -1.09 34.43 -1.27
CA CYS B 286 -0.47 34.08 -2.53
C CYS B 286 1.00 34.51 -2.53
N ILE B 287 1.87 33.62 -2.97
CA ILE B 287 3.31 33.84 -2.84
C ILE B 287 3.81 34.87 -3.85
N ASN B 288 3.06 35.12 -4.91
CA ASN B 288 3.45 36.00 -6.00
C ASN B 288 3.06 37.45 -5.75
N LYS B 289 2.79 37.83 -4.50
CA LYS B 289 2.42 39.20 -4.21
C LYS B 289 3.56 40.16 -4.48
N PHE B 290 4.80 39.68 -4.42
CA PHE B 290 5.99 40.46 -4.69
C PHE B 290 6.83 39.74 -5.74
N GLU B 291 7.66 40.49 -6.43
CA GLU B 291 8.55 39.91 -7.44
C GLU B 291 9.61 39.02 -6.81
N THR B 292 9.93 39.24 -5.53
CA THR B 292 10.98 38.50 -4.85
C THR B 292 10.48 38.00 -3.49
N LEU B 293 11.01 36.86 -3.05
CA LEU B 293 10.57 36.28 -1.78
C LEU B 293 11.04 37.08 -0.57
N GLU B 294 12.16 37.78 -0.68
CA GLU B 294 12.65 38.57 0.45
C GLU B 294 11.66 39.66 0.83
N GLU B 295 11.02 40.27 -0.17
CA GLU B 295 9.96 41.25 0.11
C GLU B 295 8.82 40.62 0.91
N LEU B 296 8.46 39.37 0.59
CA LEU B 296 7.39 38.70 1.33
C LEU B 296 7.80 38.44 2.77
N LEU B 297 9.04 37.99 2.98
CA LEU B 297 9.48 37.65 4.33
C LEU B 297 9.56 38.88 5.23
N LYS B 298 10.02 40.00 4.68
CA LYS B 298 10.17 41.23 5.47
C LYS B 298 8.86 41.96 5.67
N SER B 299 7.78 41.52 5.04
CA SER B 299 6.51 42.22 5.12
C SER B 299 5.72 41.81 6.36
N SER B 300 4.52 42.38 6.47
CA SER B 300 3.59 42.03 7.54
C SER B 300 3.00 40.64 7.37
N LYS B 301 3.21 40.01 6.22
CA LYS B 301 2.69 38.67 5.98
C LYS B 301 3.44 37.60 6.76
N PHE B 302 4.62 37.91 7.28
CA PHE B 302 5.47 36.96 7.99
C PHE B 302 5.88 37.56 9.32
N GLU B 303 6.01 36.70 10.32
CA GLU B 303 6.60 37.05 11.60
C GLU B 303 8.04 36.59 11.61
N HIS B 304 8.90 37.37 12.28
CA HIS B 304 10.29 37.00 12.42
C HIS B 304 10.67 36.95 13.90
N PHE B 305 11.51 35.98 14.27
CA PHE B 305 12.11 35.95 15.59
C PHE B 305 13.35 35.08 15.53
N ASN B 306 14.18 35.16 16.56
CA ASN B 306 15.43 34.43 16.62
C ASN B 306 15.36 33.33 17.66
N ILE B 307 16.02 32.21 17.37
CA ILE B 307 16.11 31.07 18.26
C ILE B 307 17.59 30.74 18.46
N ASN B 308 18.01 30.60 19.70
CA ASN B 308 19.38 30.17 19.99
C ASN B 308 19.46 28.67 19.73
N GLN B 309 20.22 28.28 18.70
CA GLN B 309 20.29 26.88 18.33
C GLN B 309 20.87 26.04 19.44
N ARG B 310 21.80 26.59 20.20
CA ARG B 310 22.41 25.86 21.31
C ARG B 310 21.41 25.55 22.42
N LEU B 311 20.30 26.28 22.49
CA LEU B 311 19.28 26.07 23.50
C LEU B 311 18.17 25.14 23.03
N LEU B 312 18.30 24.56 21.85
CA LEU B 312 17.32 23.62 21.36
C LEU B 312 17.43 22.29 22.10
N SER B 313 16.28 21.74 22.49
CA SER B 313 16.20 20.40 23.05
C SER B 313 16.00 19.40 21.91
N ASP B 314 15.60 18.17 22.25
CA ASP B 314 15.22 17.20 21.22
C ASP B 314 13.99 17.65 20.44
N GLU B 315 13.16 18.51 21.03
CA GLU B 315 12.05 19.14 20.33
C GLU B 315 12.45 20.56 19.98
N TRP B 316 12.04 21.00 18.78
CA TRP B 316 12.33 22.36 18.32
C TRP B 316 11.07 23.19 18.51
N ILE B 317 11.05 23.97 19.59
CA ILE B 317 9.93 24.83 19.90
C ILE B 317 10.30 26.20 19.34
N LEU B 318 9.87 26.42 18.10
CA LEU B 318 10.20 27.63 17.35
C LEU B 318 9.00 28.56 17.50
N VAL B 319 9.00 29.29 18.62
CA VAL B 319 7.93 30.22 18.95
C VAL B 319 8.57 31.50 19.50
N ASN B 320 7.81 32.58 19.45
CA ASN B 320 8.29 33.86 19.97
C ASN B 320 8.30 33.84 21.50
N LYS B 321 8.82 34.93 22.08
CA LYS B 321 9.04 34.97 23.52
C LYS B 321 7.74 34.88 24.30
N ASP B 322 6.67 35.51 23.79
CA ASP B 322 5.39 35.44 24.46
C ASP B 322 4.90 34.00 24.55
N ASP B 323 4.98 33.26 23.44
CA ASP B 323 4.53 31.87 23.43
C ASP B 323 5.40 30.99 24.32
N GLU B 324 6.71 31.21 24.30
CA GLU B 324 7.61 30.43 25.14
C GLU B 324 7.25 30.58 26.62
N THR B 325 7.02 31.81 27.07
CA THR B 325 6.64 32.06 28.46
C THR B 325 5.29 31.48 28.78
N PHE B 326 4.33 31.65 27.87
CA PHE B 326 2.99 31.07 28.03
C PHE B 326 3.09 29.55 28.18
N TYR B 327 3.81 28.91 27.27
CA TYR B 327 3.96 27.46 27.31
C TYR B 327 4.63 27.02 28.60
N ASN B 328 5.68 27.72 29.03
CA ASN B 328 6.38 27.28 30.24
C ASN B 328 5.53 27.45 31.48
N LYS B 329 4.73 28.52 31.55
CA LYS B 329 3.86 28.67 32.70
C LYS B 329 2.94 27.47 32.86
N ILE B 330 2.31 27.06 31.76
CA ILE B 330 1.39 25.93 31.83
C ILE B 330 2.13 24.65 32.19
N GLN B 331 3.29 24.41 31.55
CA GLN B 331 4.04 23.19 31.82
C GLN B 331 4.42 23.10 33.29
N GLU B 332 4.84 24.22 33.89
CA GLU B 332 5.24 24.18 35.30
C GLU B 332 4.06 23.96 36.23
N LYS B 333 2.92 24.61 35.96
CA LYS B 333 1.81 24.56 36.90
C LYS B 333 1.19 23.16 36.94
N CYS B 334 1.19 22.45 35.83
CA CYS B 334 0.53 21.17 35.72
C CYS B 334 1.40 20.06 36.26
N LYS B 335 0.88 19.29 37.18
CA LYS B 335 1.65 18.22 37.80
C LYS B 335 1.44 16.88 37.11
N TYR B 336 0.46 16.77 36.21
CA TYR B 336 0.11 15.51 35.55
C TYR B 336 0.09 15.70 34.04
N SER B 337 0.29 14.60 33.32
CA SER B 337 0.05 14.54 31.89
C SER B 337 -1.06 13.54 31.62
N LEU B 338 -1.68 13.66 30.44
CA LEU B 338 -2.72 12.71 30.06
C LEU B 338 -2.19 11.29 30.09
N GLU B 339 -0.95 11.09 29.64
CA GLU B 339 -0.38 9.75 29.66
C GLU B 339 -0.38 9.18 31.07
N ASP B 340 -0.19 10.03 32.09
CA ASP B 340 -0.18 9.54 33.46
C ASP B 340 -1.51 8.96 33.87
N ILE B 341 -2.61 9.59 33.48
CA ILE B 341 -3.91 9.29 34.06
C ILE B 341 -4.82 8.51 33.12
N ALA B 342 -4.42 8.27 31.89
CA ALA B 342 -5.33 7.72 30.90
C ALA B 342 -4.70 6.57 30.12
N ILE B 343 -5.56 5.70 29.60
CA ILE B 343 -5.19 4.67 28.64
C ILE B 343 -5.68 5.14 27.28
N SER B 344 -4.75 5.28 26.35
CA SER B 344 -5.01 5.78 25.00
C SER B 344 -4.96 4.64 23.99
N PHE B 345 -5.75 4.75 22.92
CA PHE B 345 -5.69 3.73 21.87
C PHE B 345 -6.21 4.28 20.54
N GLN B 346 -5.67 3.71 19.46
CA GLN B 346 -6.14 4.02 18.12
C GLN B 346 -7.40 3.23 17.81
N GLY B 347 -8.19 3.74 16.88
CA GLY B 347 -9.42 3.09 16.53
C GLY B 347 -9.20 1.80 15.74
N ILE B 348 -10.32 1.18 15.36
CA ILE B 348 -10.30 -0.03 14.55
C ILE B 348 -9.67 0.25 13.20
N ILE B 349 -8.83 -0.67 12.74
CA ILE B 349 -8.33 -0.65 11.37
C ILE B 349 -8.81 -1.94 10.70
N THR B 350 -9.88 -1.84 9.91
CA THR B 350 -10.44 -3.04 9.29
C THR B 350 -9.51 -3.58 8.21
N GLY B 351 -8.85 -2.70 7.47
CA GLY B 351 -8.07 -3.08 6.32
C GLY B 351 -8.83 -2.99 5.00
N CYS B 352 -10.17 -2.97 5.05
CA CYS B 352 -10.97 -2.61 3.87
C CYS B 352 -12.35 -2.19 4.36
N ASP B 353 -12.57 -0.88 4.51
CA ASP B 353 -13.78 -0.39 5.16
C ASP B 353 -15.03 -0.77 4.39
N LYS B 354 -14.95 -0.79 3.06
CA LYS B 354 -16.15 -1.04 2.27
C LYS B 354 -16.72 -2.43 2.52
N ALA B 355 -15.91 -3.33 3.08
CA ALA B 355 -16.36 -4.70 3.35
C ALA B 355 -17.06 -4.85 4.71
N PHE B 356 -16.80 -3.93 5.66
CA PHE B 356 -17.30 -4.05 7.02
C PHE B 356 -18.19 -2.91 7.49
N ILE B 357 -18.17 -1.77 6.81
CA ILE B 357 -18.90 -0.58 7.25
C ILE B 357 -20.11 -0.42 6.35
N LEU B 358 -21.29 -0.29 6.95
CA LEU B 358 -22.51 -0.11 6.19
C LEU B 358 -23.25 1.11 6.71
N SER B 359 -23.89 1.83 5.80
CA SER B 359 -24.83 2.88 6.19
C SER B 359 -25.94 2.25 7.02
N LYS B 360 -26.35 2.93 8.09
CA LYS B 360 -27.32 2.29 8.97
C LYS B 360 -28.68 2.12 8.30
N ASP B 361 -28.90 2.77 7.15
CA ASP B 361 -30.08 2.57 6.34
C ASP B 361 -29.90 1.50 5.25
N ASP B 362 -28.74 0.86 5.18
CA ASP B 362 -28.47 -0.16 4.18
C ASP B 362 -29.29 -1.42 4.44
N VAL B 363 -29.80 -2.01 3.36
CA VAL B 363 -30.65 -3.18 3.47
C VAL B 363 -29.86 -4.45 3.79
N LYS B 364 -28.56 -4.49 3.50
CA LYS B 364 -27.78 -5.67 3.86
C LYS B 364 -27.67 -5.86 5.37
N LEU B 365 -27.92 -4.82 6.17
CA LEU B 365 -27.88 -4.97 7.62
C LEU B 365 -28.95 -5.90 8.15
N ASN B 366 -29.99 -6.19 7.36
CA ASN B 366 -30.96 -7.20 7.75
C ASN B 366 -30.38 -8.60 7.77
N LEU B 367 -29.29 -8.84 7.02
CA LEU B 367 -28.61 -10.12 7.03
C LEU B 367 -27.68 -10.29 8.23
N VAL B 368 -27.42 -9.24 8.99
CA VAL B 368 -26.42 -9.27 10.06
C VAL B 368 -27.14 -9.25 11.41
N ASP B 369 -26.89 -10.28 12.21
CA ASP B 369 -27.42 -10.31 13.57
C ASP B 369 -26.90 -9.12 14.37
N ASP B 370 -27.77 -8.55 15.19
CA ASP B 370 -27.41 -7.33 15.90
C ASP B 370 -26.26 -7.53 16.88
N LYS B 371 -25.95 -8.79 17.24
CA LYS B 371 -24.81 -9.04 18.12
C LYS B 371 -23.50 -8.67 17.43
N PHE B 372 -23.45 -8.73 16.10
CA PHE B 372 -22.25 -8.36 15.35
C PHE B 372 -22.13 -6.87 15.07
N LEU B 373 -23.18 -6.08 15.28
CA LEU B 373 -23.21 -4.70 14.80
C LEU B 373 -22.79 -3.72 15.88
N LYS B 374 -21.87 -2.82 15.52
CA LYS B 374 -21.42 -1.75 16.39
C LYS B 374 -21.72 -0.41 15.73
N CYS B 375 -21.90 0.62 16.56
CA CYS B 375 -22.01 1.98 16.06
C CYS B 375 -20.65 2.48 15.59
N TRP B 376 -20.64 3.23 14.50
CA TRP B 376 -19.41 3.64 13.82
C TRP B 376 -19.48 5.12 13.52
N ILE B 377 -18.50 5.87 14.00
CA ILE B 377 -18.44 7.31 13.76
C ILE B 377 -17.15 7.65 13.01
N LYS B 378 -17.20 8.79 12.33
CA LYS B 378 -16.06 9.38 11.64
C LYS B 378 -15.60 10.62 12.39
N SER B 379 -14.44 11.15 11.97
CA SER B 379 -13.87 12.32 12.64
C SER B 379 -14.80 13.52 12.61
N LYS B 380 -15.59 13.67 11.53
CA LYS B 380 -16.50 14.81 11.45
C LYS B 380 -17.61 14.73 12.51
N ASN B 381 -17.82 13.56 13.11
CA ASN B 381 -18.89 13.45 14.11
C ASN B 381 -18.48 14.02 15.47
N ILE B 382 -17.20 14.28 15.69
CA ILE B 382 -16.75 14.74 17.01
C ILE B 382 -16.94 16.26 17.10
N ASN B 383 -17.70 16.69 18.08
CA ASN B 383 -17.74 18.09 18.47
C ASN B 383 -17.06 18.23 19.82
N LYS B 384 -16.96 19.45 20.30
CA LYS B 384 -16.60 19.66 21.68
C LYS B 384 -17.69 19.05 22.57
N TYR B 385 -17.26 18.23 23.53
CA TYR B 385 -18.05 17.66 24.62
C TYR B 385 -19.00 16.51 24.27
N ILE B 386 -19.42 16.36 23.01
CA ILE B 386 -20.38 15.31 22.66
C ILE B 386 -20.22 14.92 21.21
N VAL B 387 -20.63 13.70 20.90
CA VAL B 387 -20.48 13.09 19.58
C VAL B 387 -21.84 13.10 18.88
N ASP B 388 -21.82 13.40 17.59
CA ASP B 388 -23.04 13.29 16.77
C ASP B 388 -23.48 11.84 16.69
N LYS B 389 -24.79 11.66 16.52
CA LYS B 389 -25.35 10.32 16.30
C LYS B 389 -24.71 9.67 15.08
N SER B 390 -24.39 8.39 15.21
CA SER B 390 -23.70 7.67 14.13
C SER B 390 -24.65 7.36 12.98
N GLU B 391 -24.10 7.39 11.77
CA GLU B 391 -24.82 7.06 10.56
C GLU B 391 -24.33 5.76 9.93
N TYR B 392 -23.36 5.09 10.55
CA TYR B 392 -22.79 3.86 10.01
C TYR B 392 -22.76 2.78 11.07
N ARG B 393 -22.71 1.53 10.61
CA ARG B 393 -22.59 0.37 11.48
C ARG B 393 -21.37 -0.45 11.06
N LEU B 394 -20.63 -0.95 12.04
CA LEU B 394 -19.49 -1.81 11.79
C LEU B 394 -19.90 -3.27 12.02
N ILE B 395 -19.53 -4.14 11.08
CA ILE B 395 -19.71 -5.58 11.26
C ILE B 395 -18.44 -6.11 11.94
N TYR B 396 -18.52 -6.35 13.25
CA TYR B 396 -17.36 -6.81 14.01
C TYR B 396 -17.14 -8.30 13.70
N SER B 397 -16.53 -8.54 12.54
CA SER B 397 -16.48 -9.89 11.99
C SER B 397 -15.58 -10.83 12.76
N ASN B 398 -14.73 -10.32 13.67
CA ASN B 398 -13.93 -11.18 14.52
C ASN B 398 -14.79 -12.12 15.35
N ASP B 399 -16.02 -11.69 15.66
CA ASP B 399 -16.98 -12.47 16.44
C ASP B 399 -17.67 -13.55 15.64
N ILE B 400 -17.46 -13.59 14.33
CA ILE B 400 -17.95 -14.69 13.51
C ILE B 400 -17.03 -15.89 13.71
N ASP B 401 -17.56 -16.94 14.32
CA ASP B 401 -16.74 -18.06 14.77
C ASP B 401 -16.27 -18.92 13.60
N ASN B 402 -17.17 -19.24 12.67
CA ASN B 402 -16.87 -20.15 11.57
C ASN B 402 -17.51 -19.66 10.27
N GLU B 403 -17.01 -20.22 9.16
CA GLU B 403 -17.48 -19.84 7.84
C GLU B 403 -18.83 -20.47 7.48
N ASN B 404 -19.23 -21.55 8.15
CA ASN B 404 -20.47 -22.24 7.79
C ASN B 404 -21.66 -21.77 8.62
N THR B 405 -21.42 -21.23 9.81
CA THR B 405 -22.52 -20.82 10.68
C THR B 405 -23.16 -19.51 10.20
N ASN B 406 -22.38 -18.60 9.63
CA ASN B 406 -22.90 -17.31 9.18
C ASN B 406 -22.62 -17.10 7.70
N LYS B 407 -22.90 -18.12 6.88
CA LYS B 407 -22.47 -18.09 5.47
C LYS B 407 -23.06 -16.91 4.70
N ARG B 408 -24.27 -16.47 5.03
CA ARG B 408 -24.91 -15.42 4.26
C ARG B 408 -24.12 -14.10 4.34
N ILE B 409 -23.64 -13.75 5.53
CA ILE B 409 -22.86 -12.53 5.70
C ILE B 409 -21.57 -12.58 4.90
N LEU B 410 -20.87 -13.72 4.96
CA LEU B 410 -19.60 -13.82 4.25
C LEU B 410 -19.79 -13.79 2.74
N ASP B 411 -20.83 -14.46 2.24
CA ASP B 411 -21.00 -14.54 0.79
C ASP B 411 -21.50 -13.23 0.19
N GLU B 412 -22.42 -12.55 0.88
CA GLU B 412 -23.14 -11.44 0.27
C GLU B 412 -22.66 -10.05 0.70
N ILE B 413 -21.90 -9.94 1.80
CA ILE B 413 -21.45 -8.62 2.24
C ILE B 413 -19.93 -8.56 2.24
N ILE B 414 -19.30 -9.35 3.10
CA ILE B 414 -17.86 -9.24 3.27
C ILE B 414 -17.12 -9.80 2.07
N GLY B 415 -17.59 -10.94 1.54
CA GLY B 415 -16.91 -11.64 0.46
C GLY B 415 -16.83 -10.86 -0.83
N LEU B 416 -17.61 -9.79 -0.98
CA LEU B 416 -17.51 -8.95 -2.17
C LEU B 416 -16.12 -8.34 -2.31
N TYR B 417 -15.34 -8.33 -1.23
CA TYR B 417 -13.99 -7.77 -1.23
C TYR B 417 -12.96 -8.81 -0.80
N LYS B 418 -13.26 -10.09 -1.03
CA LYS B 418 -12.42 -11.17 -0.52
C LYS B 418 -11.00 -11.07 -1.06
N THR B 419 -10.86 -10.83 -2.36
CA THR B 419 -9.52 -10.75 -2.94
C THR B 419 -8.73 -9.62 -2.30
N LYS B 420 -9.36 -8.45 -2.14
CA LYS B 420 -8.67 -7.33 -1.50
C LYS B 420 -8.33 -7.67 -0.05
N LEU B 421 -9.25 -8.35 0.65
CA LEU B 421 -9.02 -8.74 2.03
C LEU B 421 -7.88 -9.75 2.13
N GLU B 422 -7.78 -10.65 1.15
CA GLU B 422 -6.76 -11.67 1.20
C GLU B 422 -5.36 -11.12 0.99
N ASN B 423 -5.24 -9.88 0.49
CA ASN B 423 -3.96 -9.24 0.24
C ASN B 423 -3.39 -8.51 1.47
N ARG B 424 -4.17 -8.43 2.55
CA ARG B 424 -3.67 -7.84 3.78
C ARG B 424 -2.56 -8.68 4.37
N ARG B 425 -1.63 -8.01 5.04
CA ARG B 425 -0.38 -8.67 5.45
C ARG B 425 -0.64 -9.87 6.34
N GLU B 426 -1.53 -9.74 7.31
CA GLU B 426 -1.79 -10.81 8.28
C GLU B 426 -2.63 -11.94 7.71
N CYS B 427 -3.36 -11.71 6.61
CA CYS B 427 -4.04 -12.80 5.93
C CYS B 427 -3.05 -13.63 5.11
N LYS B 428 -2.11 -12.97 4.43
CA LYS B 428 -1.08 -13.67 3.69
C LYS B 428 -0.17 -14.46 4.60
N SER B 429 0.00 -14.04 5.86
CA SER B 429 0.81 -14.77 6.82
C SER B 429 0.03 -15.85 7.56
N GLY B 430 -1.30 -15.87 7.42
CA GLY B 430 -2.15 -16.90 7.99
C GLY B 430 -2.61 -16.68 9.42
N ILE B 431 -2.17 -15.62 10.09
CA ILE B 431 -2.65 -15.39 11.45
C ILE B 431 -4.04 -14.79 11.49
N ARG B 432 -4.51 -14.22 10.39
CA ARG B 432 -5.81 -13.55 10.32
C ARG B 432 -6.66 -14.23 9.25
N LYS B 433 -7.91 -14.54 9.58
CA LYS B 433 -8.80 -15.10 8.57
C LYS B 433 -9.17 -14.03 7.54
N TRP B 434 -9.49 -14.47 6.32
CA TRP B 434 -9.71 -13.51 5.23
C TRP B 434 -10.85 -12.56 5.54
N TYR B 435 -11.83 -13.00 6.33
CA TYR B 435 -13.00 -12.19 6.65
C TYR B 435 -12.88 -11.42 7.95
N GLU B 436 -11.77 -11.57 8.69
CA GLU B 436 -11.65 -10.91 9.98
C GLU B 436 -11.15 -9.48 9.82
N LEU B 437 -11.40 -8.66 10.84
CA LEU B 437 -10.83 -7.32 10.89
C LEU B 437 -9.32 -7.40 11.04
N GLN B 438 -8.60 -6.56 10.28
CA GLN B 438 -7.14 -6.63 10.32
C GLN B 438 -6.63 -6.32 11.73
N TRP B 439 -7.04 -5.18 12.30
CA TRP B 439 -6.70 -4.82 13.68
C TRP B 439 -8.01 -4.45 14.37
N GLY B 440 -8.69 -5.46 14.92
CA GLY B 440 -9.97 -5.31 15.59
C GLY B 440 -9.88 -4.82 17.01
N ARG B 441 -8.67 -4.65 17.52
CA ARG B 441 -8.45 -4.06 18.84
C ARG B 441 -9.20 -4.87 19.89
N GLU B 442 -9.64 -4.20 20.94
CA GLU B 442 -10.33 -4.81 22.07
C GLU B 442 -11.69 -4.13 22.25
N LYS B 443 -12.76 -4.92 22.13
CA LYS B 443 -14.10 -4.37 22.27
C LYS B 443 -14.31 -3.71 23.63
N LEU B 444 -13.74 -4.31 24.68
CA LEU B 444 -13.91 -3.79 26.03
C LEU B 444 -13.35 -2.40 26.18
N PHE B 445 -12.44 -2.00 25.30
CA PHE B 445 -11.93 -0.64 25.31
C PHE B 445 -12.93 0.35 24.74
N PHE B 446 -13.68 -0.05 23.70
CA PHE B 446 -14.64 0.84 23.05
C PHE B 446 -16.00 0.88 23.72
N GLU B 447 -16.45 -0.23 24.30
CA GLU B 447 -17.79 -0.30 24.87
C GLU B 447 -17.79 0.10 26.34
N ARG B 448 -17.45 1.37 26.55
CA ARG B 448 -17.38 1.97 27.86
C ARG B 448 -17.46 3.48 27.67
N LYS B 449 -17.71 4.19 28.77
CA LYS B 449 -17.54 5.63 28.75
C LYS B 449 -16.09 5.98 28.47
N LYS B 450 -15.88 6.89 27.52
CA LYS B 450 -14.53 7.25 27.12
C LYS B 450 -14.59 8.63 26.46
N ILE B 451 -13.41 9.17 26.19
CA ILE B 451 -13.29 10.43 25.45
C ILE B 451 -12.74 10.13 24.06
N MET B 452 -13.31 10.78 23.05
CA MET B 452 -12.88 10.62 21.67
C MET B 452 -12.56 11.97 21.06
N TYR B 453 -11.60 11.98 20.13
CA TYR B 453 -11.22 13.21 19.44
C TYR B 453 -10.80 12.91 18.00
N PRO B 454 -10.99 13.86 17.08
CA PRO B 454 -10.58 13.62 15.69
C PRO B 454 -9.06 13.58 15.58
N TYR B 455 -8.57 12.80 14.62
CA TYR B 455 -7.13 12.65 14.48
C TYR B 455 -6.49 13.83 13.77
N LYS B 456 -7.30 14.61 13.06
CA LYS B 456 -6.86 15.79 12.35
C LYS B 456 -7.99 16.80 12.45
N SER B 457 -7.67 17.99 12.92
CA SER B 457 -8.72 18.98 13.13
C SER B 457 -8.09 20.36 13.14
N ASN B 458 -8.94 21.38 13.04
CA ASN B 458 -8.51 22.77 13.18
C ASN B 458 -8.45 23.25 14.63
N GLU B 459 -9.05 22.52 15.57
CA GLU B 459 -9.18 22.98 16.94
C GLU B 459 -9.43 21.78 17.85
N ASN B 460 -9.26 22.01 19.15
CA ASN B 460 -9.50 20.98 20.15
C ASN B 460 -10.97 20.56 20.14
N ARG B 461 -11.21 19.28 19.86
CA ARG B 461 -12.57 18.72 19.90
C ARG B 461 -12.50 17.40 20.67
N PHE B 462 -12.66 17.48 21.99
CA PHE B 462 -12.67 16.31 22.85
C PHE B 462 -14.09 16.09 23.35
N ALA B 463 -14.64 14.91 23.10
CA ALA B 463 -16.03 14.61 23.42
C ALA B 463 -16.11 13.40 24.33
N ILE B 464 -17.13 13.40 25.18
CA ILE B 464 -17.45 12.23 25.99
C ILE B 464 -18.36 11.34 25.16
N ASP B 465 -17.96 10.10 24.98
CA ASP B 465 -18.79 9.12 24.29
C ASP B 465 -19.60 8.34 25.31
N TYR B 466 -20.92 8.39 25.19
CA TYR B 466 -21.82 7.61 26.02
C TYR B 466 -22.39 6.39 25.29
N ASP B 467 -22.10 6.26 24.00
CA ASP B 467 -22.86 5.37 23.13
C ASP B 467 -22.04 4.20 22.60
N ASN B 468 -20.94 3.86 23.26
CA ASN B 468 -20.09 2.73 22.85
C ASN B 468 -19.75 2.82 21.37
N ASN B 469 -19.34 4.01 20.93
CA ASN B 469 -19.02 4.21 19.53
C ASN B 469 -17.69 3.56 19.20
N PHE B 470 -17.64 2.84 18.09
CA PHE B 470 -16.40 2.43 17.47
C PHE B 470 -16.03 3.41 16.37
N SER B 471 -14.76 3.38 15.97
CA SER B 471 -14.31 4.28 14.92
C SER B 471 -13.05 3.71 14.29
N SER B 472 -12.72 4.25 13.12
CA SER B 472 -11.47 3.91 12.46
C SER B 472 -10.33 4.71 13.09
N ALA B 473 -9.17 4.73 12.43
CA ALA B 473 -8.02 5.44 12.94
C ALA B 473 -8.09 6.94 12.71
N ASP B 474 -9.19 7.45 12.16
CA ASP B 474 -9.41 8.89 12.09
C ASP B 474 -9.93 9.47 13.40
N VAL B 475 -10.20 8.62 14.40
CA VAL B 475 -10.65 9.04 15.72
C VAL B 475 -9.85 8.30 16.78
N TYR B 476 -9.30 9.03 17.74
CA TYR B 476 -8.60 8.40 18.85
C TYR B 476 -9.47 8.46 20.11
N SER B 477 -9.17 7.57 21.04
CA SER B 477 -9.93 7.46 22.27
C SER B 477 -9.00 7.30 23.44
N PHE B 478 -9.46 7.74 24.60
CA PHE B 478 -8.81 7.36 25.83
C PHE B 478 -9.85 7.31 26.94
N PHE B 479 -9.58 6.49 27.94
CA PHE B 479 -10.37 6.46 29.15
C PHE B 479 -9.41 6.64 30.32
N ILE B 480 -9.98 7.03 31.46
CA ILE B 480 -9.18 7.37 32.63
C ILE B 480 -8.80 6.10 33.37
N LYS B 481 -7.54 6.00 33.80
CA LYS B 481 -7.10 4.86 34.59
C LYS B 481 -7.87 4.77 35.89
N GLU B 482 -8.05 3.54 36.37
CA GLU B 482 -8.86 3.32 37.56
C GLU B 482 -8.32 4.08 38.76
N GLU B 483 -7.00 4.14 38.90
CA GLU B 483 -6.40 4.78 40.06
C GLU B 483 -6.46 6.30 40.03
N TYR B 484 -6.84 6.90 38.90
CA TYR B 484 -6.95 8.35 38.83
C TYR B 484 -8.39 8.84 38.79
N LEU B 485 -9.37 7.95 38.89
CA LEU B 485 -10.76 8.35 38.77
C LEU B 485 -11.20 9.27 39.91
N ASP B 486 -10.61 9.14 41.09
CA ASP B 486 -10.96 10.02 42.19
C ASP B 486 -10.30 11.38 42.09
N LYS B 487 -9.30 11.54 41.23
CA LYS B 487 -8.67 12.85 41.01
C LYS B 487 -9.21 13.56 39.79
N PHE B 488 -9.56 12.85 38.72
CA PHE B 488 -10.00 13.48 37.48
C PHE B 488 -11.25 12.81 36.94
N SER B 489 -12.21 13.62 36.47
CA SER B 489 -13.43 13.11 35.86
C SER B 489 -13.46 13.44 34.37
N TYR B 490 -14.28 12.69 33.64
CA TYR B 490 -14.40 12.93 32.21
C TYR B 490 -14.91 14.35 31.95
N GLU B 491 -15.83 14.81 32.79
CA GLU B 491 -16.42 16.14 32.62
C GLU B 491 -15.39 17.24 32.87
N TYR B 492 -14.54 17.06 33.89
CA TYR B 492 -13.47 18.03 34.09
C TYR B 492 -12.50 18.02 32.93
N LEU B 493 -12.15 16.85 32.42
CA LEU B 493 -11.14 16.77 31.36
C LEU B 493 -11.61 17.44 30.07
N VAL B 494 -12.83 17.14 29.61
CA VAL B 494 -13.29 17.80 28.40
C VAL B 494 -13.50 19.28 28.66
N GLY B 495 -13.74 19.65 29.92
CA GLY B 495 -13.82 21.06 30.26
C GLY B 495 -12.52 21.79 29.98
N ILE B 496 -11.39 21.23 30.45
CA ILE B 496 -10.16 21.97 30.25
C ILE B 496 -9.61 21.75 28.85
N LEU B 497 -9.79 20.55 28.27
CA LEU B 497 -9.22 20.27 26.96
C LEU B 497 -9.89 21.07 25.85
N ASN B 498 -11.15 21.46 26.03
CA ASN B 498 -11.84 22.23 24.99
C ASN B 498 -11.72 23.72 25.21
N SER B 499 -11.03 24.17 26.26
CA SER B 499 -10.97 25.58 26.54
C SER B 499 -10.07 26.29 25.53
N SER B 500 -10.30 27.59 25.38
CA SER B 500 -9.44 28.42 24.54
C SER B 500 -7.99 28.34 24.99
N VAL B 501 -7.77 28.21 26.30
CA VAL B 501 -6.40 28.11 26.82
C VAL B 501 -5.71 26.87 26.26
N TYR B 502 -6.37 25.72 26.34
CA TYR B 502 -5.75 24.48 25.90
C TYR B 502 -5.67 24.36 24.39
N ASP B 503 -6.56 25.04 23.65
CA ASP B 503 -6.42 25.04 22.20
C ASP B 503 -5.13 25.75 21.79
N LYS B 504 -4.88 26.93 22.37
CA LYS B 504 -3.62 27.63 22.13
C LYS B 504 -2.43 26.82 22.63
N TYR B 505 -2.55 26.22 23.81
CA TYR B 505 -1.44 25.47 24.41
C TYR B 505 -1.04 24.28 23.54
N PHE B 506 -2.02 23.49 23.11
CA PHE B 506 -1.69 22.31 22.30
C PHE B 506 -0.99 22.72 21.02
N LYS B 507 -1.51 23.76 20.36
CA LYS B 507 -1.00 24.19 19.07
C LYS B 507 0.39 24.82 19.13
N ILE B 508 0.90 25.11 20.33
CA ILE B 508 2.28 25.62 20.42
C ILE B 508 3.23 24.62 19.79
N THR B 509 3.05 23.34 20.10
CA THR B 509 3.94 22.29 19.67
C THR B 509 3.30 21.27 18.75
N ALA B 510 2.03 21.43 18.39
CA ALA B 510 1.34 20.45 17.57
C ALA B 510 1.90 20.43 16.14
N LYS B 511 1.60 19.34 15.44
CA LYS B 511 2.13 19.09 14.09
C LYS B 511 1.17 19.67 13.07
N LYS B 512 1.56 20.77 12.44
CA LYS B 512 0.74 21.43 11.43
C LYS B 512 0.81 20.63 10.13
N MET B 513 -0.33 20.13 9.66
CA MET B 513 -0.37 19.22 8.51
C MET B 513 -0.68 19.93 7.20
N SER B 514 -1.82 20.62 7.15
CA SER B 514 -2.21 21.42 6.00
C SER B 514 -3.01 22.61 6.51
N LYS B 515 -3.56 23.39 5.59
CA LYS B 515 -4.27 24.62 5.96
C LYS B 515 -5.39 24.30 6.94
N ASN B 516 -5.32 24.90 8.14
CA ASN B 516 -6.32 24.69 9.19
C ASN B 516 -6.40 23.24 9.65
N ILE B 517 -5.30 22.50 9.62
CA ILE B 517 -5.31 21.11 10.11
C ILE B 517 -4.07 20.86 10.94
N TYR B 518 -4.28 20.41 12.18
CA TYR B 518 -3.21 19.88 13.03
C TYR B 518 -3.47 18.40 13.26
N ASP B 519 -2.39 17.65 13.45
CA ASP B 519 -2.50 16.27 13.91
C ASP B 519 -2.87 16.28 15.38
N TYR B 520 -4.00 15.66 15.72
CA TYR B 520 -4.31 15.34 17.11
C TYR B 520 -4.05 13.85 17.30
N TYR B 521 -2.77 13.51 17.43
CA TYR B 521 -2.37 12.12 17.62
C TYR B 521 -1.86 11.93 19.04
N PRO B 522 -1.96 10.71 19.57
CA PRO B 522 -1.50 10.46 20.93
C PRO B 522 -0.06 10.86 21.18
N ASN B 523 0.82 10.78 20.18
CA ASN B 523 2.22 11.08 20.45
C ASN B 523 2.41 12.53 20.87
N LYS B 524 1.43 13.38 20.62
CA LYS B 524 1.43 14.72 21.21
C LYS B 524 0.28 14.96 22.17
N VAL B 525 -0.91 14.40 21.90
CA VAL B 525 -2.06 14.64 22.77
C VAL B 525 -1.81 14.03 24.16
N MET B 526 -1.18 12.86 24.22
CA MET B 526 -0.92 12.29 25.53
C MET B 526 0.16 13.03 26.32
N LYS B 527 0.88 13.97 25.71
CA LYS B 527 1.85 14.79 26.42
C LYS B 527 1.23 16.08 26.95
N ILE B 528 -0.05 16.32 26.66
CA ILE B 528 -0.72 17.49 27.20
C ILE B 528 -0.75 17.41 28.72
N ARG B 529 -0.31 18.48 29.38
CA ARG B 529 -0.27 18.51 30.84
C ARG B 529 -1.55 19.09 31.43
N ILE B 530 -2.00 18.50 32.54
CA ILE B 530 -3.25 18.86 33.18
C ILE B 530 -2.98 19.15 34.65
N PHE B 531 -3.86 19.95 35.24
CA PHE B 531 -3.69 20.40 36.62
C PHE B 531 -4.96 20.12 37.42
N ARG B 532 -4.84 20.23 38.74
CA ARG B 532 -6.03 20.15 39.58
C ARG B 532 -5.77 20.99 40.83
N ASP B 533 -6.64 21.95 41.07
CA ASP B 533 -6.46 22.94 42.12
C ASP B 533 -7.83 23.36 42.62
N ASN B 534 -7.90 24.50 43.33
CA ASN B 534 -9.15 24.92 43.96
C ASN B 534 -10.28 25.17 42.96
N ASN B 535 -9.96 25.37 41.68
CA ASN B 535 -11.01 25.64 40.70
C ASN B 535 -11.64 24.37 40.13
N TYR B 536 -11.21 23.18 40.59
CA TYR B 536 -11.67 21.93 39.98
C TYR B 536 -13.18 21.82 39.98
N GLU B 537 -13.82 22.05 41.14
CA GLU B 537 -15.25 21.83 41.23
C GLU B 537 -16.04 22.75 40.31
N GLU B 538 -15.65 24.03 40.25
CA GLU B 538 -16.40 24.98 39.43
C GLU B 538 -16.16 24.74 37.95
N ILE B 539 -14.93 24.40 37.56
CA ILE B 539 -14.66 24.04 36.17
C ILE B 539 -15.50 22.83 35.78
N GLU B 540 -15.51 21.81 36.63
CA GLU B 540 -16.26 20.61 36.35
C GLU B 540 -17.74 20.89 36.25
N ASN B 541 -18.25 21.72 37.15
CA ASN B 541 -19.66 22.02 37.12
C ASN B 541 -20.06 22.77 35.86
N LEU B 542 -19.22 23.71 35.41
CA LEU B 542 -19.52 24.42 34.17
C LEU B 542 -19.55 23.46 32.99
N SER B 543 -18.61 22.51 32.96
CA SER B 543 -18.60 21.53 31.90
C SER B 543 -19.86 20.67 31.90
N LYS B 544 -20.33 20.27 33.09
CA LYS B 544 -21.56 19.49 33.17
C LYS B 544 -22.75 20.28 32.65
N GLN B 545 -22.81 21.58 32.95
CA GLN B 545 -23.90 22.42 32.47
C GLN B 545 -23.89 22.50 30.95
N ILE B 546 -22.71 22.67 30.36
CA ILE B 546 -22.60 22.74 28.91
C ILE B 546 -23.11 21.44 28.28
N ILE B 547 -22.69 20.31 28.85
CA ILE B 547 -23.11 19.02 28.32
C ILE B 547 -24.63 18.90 28.38
N SER B 548 -25.23 19.32 29.49
CA SER B 548 -26.69 19.22 29.60
C SER B 548 -27.39 20.07 28.56
N ILE B 549 -26.87 21.28 28.29
CA ILE B 549 -27.47 22.12 27.28
C ILE B 549 -27.30 21.50 25.90
N LEU B 550 -26.11 20.93 25.62
CA LEU B 550 -25.86 20.36 24.32
C LEU B 550 -26.72 19.13 24.07
N LEU B 551 -27.13 18.43 25.12
CA LEU B 551 -27.93 17.23 24.99
C LEU B 551 -29.41 17.51 25.06
N ASN B 552 -29.80 18.76 25.24
CA ASN B 552 -31.18 19.15 25.39
C ASN B 552 -31.85 19.27 24.02
N LYS B 553 -33.16 19.46 24.03
CA LYS B 553 -33.92 19.59 22.79
C LYS B 553 -33.65 20.94 22.13
N SER B 554 -33.96 22.02 22.83
CA SER B 554 -33.70 23.38 22.36
C SER B 554 -32.33 23.78 22.90
N ILE B 555 -31.33 23.76 22.02
CA ILE B 555 -29.97 24.13 22.41
C ILE B 555 -29.83 25.65 22.33
N ASP B 556 -29.46 26.26 23.44
CA ASP B 556 -29.14 27.69 23.49
C ASP B 556 -27.64 27.86 23.28
N LYS B 557 -27.23 28.12 22.04
CA LYS B 557 -25.81 28.31 21.76
C LYS B 557 -25.26 29.53 22.50
N GLY B 558 -26.11 30.53 22.77
CA GLY B 558 -25.65 31.70 23.49
C GLY B 558 -25.26 31.39 24.93
N LYS B 559 -26.06 30.55 25.61
CA LYS B 559 -25.78 30.19 27.00
C LYS B 559 -24.51 29.35 27.11
N VAL B 560 -24.28 28.45 26.15
CA VAL B 560 -23.06 27.65 26.18
C VAL B 560 -21.84 28.57 26.10
N GLU B 561 -21.91 29.58 25.23
CA GLU B 561 -20.77 30.47 25.03
C GLU B 561 -20.44 31.21 26.33
N LYS B 562 -21.46 31.69 27.04
CA LYS B 562 -21.21 32.38 28.30
C LYS B 562 -20.57 31.45 29.33
N LEU B 563 -21.04 30.21 29.43
CA LEU B 563 -20.43 29.23 30.33
C LEU B 563 -19.01 28.92 29.89
N GLN B 564 -18.79 28.82 28.58
CA GLN B 564 -17.46 28.54 28.06
C GLN B 564 -16.49 29.67 28.38
N ILE B 565 -16.92 30.92 28.22
CA ILE B 565 -16.08 32.07 28.55
C ILE B 565 -15.75 32.07 30.04
N LYS B 566 -16.76 31.81 30.87
CA LYS B 566 -16.55 31.74 32.31
C LYS B 566 -15.54 30.65 32.66
N MET B 567 -15.62 29.49 31.98
CA MET B 567 -14.66 28.43 32.25
C MET B 567 -13.26 28.80 31.77
N ASP B 568 -13.16 29.42 30.59
CA ASP B 568 -11.86 29.82 30.07
C ASP B 568 -11.14 30.72 31.07
N ASN B 569 -11.88 31.67 31.65
CA ASN B 569 -11.26 32.58 32.61
C ASN B 569 -10.78 31.85 33.85
N LEU B 570 -11.56 30.87 34.34
CA LEU B 570 -11.13 30.09 35.50
C LEU B 570 -9.83 29.36 35.23
N ILE B 571 -9.71 28.80 34.03
CA ILE B 571 -8.48 28.10 33.68
C ILE B 571 -7.33 29.10 33.54
N MET B 572 -7.60 30.28 32.99
CA MET B 572 -6.55 31.30 32.94
C MET B 572 -6.10 31.70 34.34
N ASP B 573 -7.05 31.83 35.28
CA ASP B 573 -6.69 32.12 36.66
C ASP B 573 -5.85 31.01 37.26
N SER B 574 -6.23 29.75 37.00
CA SER B 574 -5.52 28.61 37.58
C SER B 574 -4.08 28.54 37.11
N LEU B 575 -3.84 28.78 35.82
CA LEU B 575 -2.50 28.66 35.26
C LEU B 575 -1.73 29.97 35.32
N GLY B 576 -2.32 31.04 35.83
CA GLY B 576 -1.63 32.32 35.98
C GLY B 576 -1.22 32.97 34.68
N ILE B 577 -2.05 32.88 33.66
CA ILE B 577 -1.76 33.49 32.36
C ILE B 577 -2.80 34.57 32.06
N TYR C 31 -26.00 5.25 -48.35
CA TYR C 31 -25.50 4.18 -49.21
C TYR C 31 -24.07 4.47 -49.68
N THR C 32 -23.18 3.50 -49.48
CA THR C 32 -21.81 3.61 -49.95
C THR C 32 -21.76 3.30 -51.45
N PRO C 33 -21.01 4.08 -52.23
CA PRO C 33 -20.98 3.87 -53.69
C PRO C 33 -20.52 2.49 -54.10
N LYS C 34 -21.11 1.99 -55.20
CA LYS C 34 -20.86 0.61 -55.63
C LYS C 34 -19.38 0.39 -55.90
N ILE C 35 -18.72 1.41 -56.48
CA ILE C 35 -17.30 1.31 -56.79
C ILE C 35 -16.46 1.11 -55.53
N ILE C 36 -16.86 1.75 -54.42
CA ILE C 36 -16.15 1.56 -53.15
C ILE C 36 -16.42 0.17 -52.59
N VAL C 37 -17.69 -0.26 -52.60
CA VAL C 37 -18.05 -1.56 -52.03
C VAL C 37 -17.33 -2.69 -52.74
N ASP C 38 -17.33 -2.65 -54.08
CA ASP C 38 -16.65 -3.69 -54.84
C ASP C 38 -15.17 -3.75 -54.52
N TYR C 39 -14.53 -2.58 -54.41
CA TYR C 39 -13.11 -2.53 -54.11
C TYR C 39 -12.80 -3.14 -52.75
N ILE C 40 -13.63 -2.83 -51.73
CA ILE C 40 -13.39 -3.31 -50.38
C ILE C 40 -13.57 -4.83 -50.31
N VAL C 41 -14.62 -5.35 -50.94
CA VAL C 41 -14.83 -6.79 -50.96
C VAL C 41 -13.67 -7.47 -51.69
N LYS C 42 -13.24 -6.89 -52.80
CA LYS C 42 -12.11 -7.42 -53.54
C LYS C 42 -10.82 -7.38 -52.73
N LYS C 43 -10.62 -6.31 -51.96
CA LYS C 43 -9.40 -6.18 -51.18
C LYS C 43 -9.26 -7.30 -50.14
N THR C 44 -10.37 -7.79 -49.61
CA THR C 44 -10.31 -8.85 -48.61
C THR C 44 -10.35 -10.26 -49.20
N LEU C 45 -11.07 -10.47 -50.31
CA LEU C 45 -11.37 -11.82 -50.78
C LEU C 45 -10.56 -12.25 -52.00
N LYS C 46 -9.79 -11.35 -52.61
CA LYS C 46 -9.20 -11.63 -53.92
C LYS C 46 -8.26 -12.83 -53.88
N ASN C 47 -7.65 -13.11 -52.71
CA ASN C 47 -6.64 -14.15 -52.59
C ASN C 47 -7.05 -15.26 -51.63
N HIS C 48 -8.34 -15.49 -51.43
CA HIS C 48 -8.76 -16.59 -50.56
C HIS C 48 -8.64 -17.92 -51.30
N ASP C 49 -8.08 -18.92 -50.62
CA ASP C 49 -7.97 -20.28 -51.17
C ASP C 49 -9.20 -21.04 -50.69
N ILE C 50 -10.22 -21.10 -51.54
CA ILE C 50 -11.47 -21.75 -51.15
C ILE C 50 -11.29 -23.27 -51.02
N ILE C 51 -10.28 -23.87 -51.68
CA ILE C 51 -10.06 -25.31 -51.53
C ILE C 51 -9.50 -25.62 -50.14
N LYS C 52 -8.55 -24.82 -49.65
CA LYS C 52 -7.98 -25.07 -48.32
C LYS C 52 -8.98 -24.74 -47.22
N ASN C 53 -9.61 -23.57 -47.30
CA ASN C 53 -10.63 -23.16 -46.33
C ASN C 53 -11.90 -22.86 -47.09
N PRO C 54 -12.80 -23.84 -47.24
CA PRO C 54 -14.11 -23.58 -47.83
C PRO C 54 -15.15 -23.06 -46.85
N TYR C 55 -14.75 -22.71 -45.62
CA TYR C 55 -15.66 -22.20 -44.60
C TYR C 55 -15.23 -20.82 -44.11
N PRO C 56 -15.14 -19.83 -45.00
CA PRO C 56 -14.71 -18.50 -44.56
C PRO C 56 -15.84 -17.73 -43.88
N ARG C 57 -15.49 -17.02 -42.81
CA ARG C 57 -16.43 -16.17 -42.09
C ARG C 57 -16.19 -14.71 -42.47
N ILE C 58 -17.17 -14.11 -43.16
CA ILE C 58 -17.10 -12.72 -43.59
C ILE C 58 -18.18 -11.95 -42.84
N LEU C 59 -17.78 -10.87 -42.17
CA LEU C 59 -18.65 -10.11 -41.28
C LEU C 59 -18.71 -8.65 -41.69
N ASP C 60 -19.92 -8.09 -41.65
CA ASP C 60 -20.13 -6.64 -41.70
C ASP C 60 -20.79 -6.23 -40.39
N ILE C 61 -20.08 -5.40 -39.60
CA ILE C 61 -20.53 -5.06 -38.25
C ILE C 61 -21.50 -3.88 -38.23
N SER C 62 -21.67 -3.20 -39.35
CA SER C 62 -22.66 -2.13 -39.50
C SER C 62 -23.35 -2.30 -40.85
N CYS C 63 -23.85 -3.52 -41.09
CA CYS C 63 -24.22 -3.96 -42.44
C CYS C 63 -25.33 -3.15 -43.08
N GLY C 64 -26.17 -2.47 -42.29
CA GLY C 64 -27.26 -1.71 -42.86
C GLY C 64 -28.16 -2.61 -43.68
N CYS C 65 -28.53 -2.13 -44.87
CA CYS C 65 -29.33 -2.95 -45.78
C CYS C 65 -28.50 -4.00 -46.51
N GLY C 66 -27.17 -3.96 -46.36
CA GLY C 66 -26.31 -4.99 -46.93
C GLY C 66 -25.61 -4.61 -48.22
N ASN C 67 -25.20 -3.34 -48.37
CA ASN C 67 -24.44 -2.96 -49.56
C ASN C 67 -23.21 -3.83 -49.72
N PHE C 68 -22.51 -4.10 -48.62
CA PHE C 68 -21.31 -4.91 -48.67
C PHE C 68 -21.63 -6.40 -48.71
N LEU C 69 -22.55 -6.85 -47.86
CA LEU C 69 -22.80 -8.28 -47.69
C LEU C 69 -23.40 -8.90 -48.96
N LEU C 70 -24.28 -8.17 -49.65
CA LEU C 70 -24.83 -8.70 -50.89
C LEU C 70 -23.75 -8.87 -51.94
N GLU C 71 -22.80 -7.95 -52.00
CA GLU C 71 -21.66 -8.13 -52.90
C GLU C 71 -20.78 -9.29 -52.45
N VAL C 72 -20.66 -9.50 -51.14
CA VAL C 72 -19.93 -10.67 -50.63
C VAL C 72 -20.57 -11.97 -51.12
N TYR C 73 -21.90 -12.05 -51.09
CA TYR C 73 -22.59 -13.24 -51.56
C TYR C 73 -22.27 -13.52 -53.02
N ASP C 74 -22.34 -12.49 -53.88
CA ASP C 74 -22.10 -12.68 -55.30
C ASP C 74 -20.68 -13.17 -55.56
N ILE C 75 -19.70 -12.56 -54.90
CA ILE C 75 -18.31 -12.97 -55.07
C ILE C 75 -18.12 -14.40 -54.57
N LEU C 76 -18.71 -14.73 -53.42
CA LEU C 76 -18.62 -16.08 -52.88
C LEU C 76 -19.28 -17.10 -53.81
N TYR C 77 -20.45 -16.76 -54.36
CA TYR C 77 -21.18 -17.71 -55.20
C TYR C 77 -20.36 -18.10 -56.42
N ASP C 78 -19.73 -17.12 -57.06
CA ASP C 78 -18.85 -17.41 -58.19
C ASP C 78 -17.64 -18.23 -57.75
N LEU C 79 -17.06 -17.92 -56.59
CA LEU C 79 -15.88 -18.65 -56.13
C LEU C 79 -16.18 -20.12 -55.90
N PHE C 80 -17.34 -20.43 -55.29
CA PHE C 80 -17.73 -21.82 -55.09
C PHE C 80 -18.03 -22.49 -56.42
N GLU C 81 -18.73 -21.79 -57.32
CA GLU C 81 -19.14 -22.39 -58.59
C GLU C 81 -17.94 -22.73 -59.46
N GLU C 82 -16.93 -21.85 -59.50
CA GLU C 82 -15.75 -22.09 -60.33
C GLU C 82 -14.85 -23.20 -59.78
N ASN C 83 -15.02 -23.58 -58.50
CA ASN C 83 -14.21 -24.61 -57.87
C ASN C 83 -15.05 -25.80 -57.42
N ILE C 84 -16.23 -25.97 -58.00
CA ILE C 84 -17.18 -26.94 -57.46
C ILE C 84 -16.66 -28.36 -57.67
N TYR C 85 -15.98 -28.63 -58.79
CA TYR C 85 -15.50 -29.97 -59.05
C TYR C 85 -14.30 -30.34 -58.19
N GLU C 86 -13.43 -29.38 -57.89
CA GLU C 86 -12.32 -29.62 -56.97
C GLU C 86 -12.82 -29.85 -55.55
N LEU C 87 -13.87 -29.11 -55.14
CA LEU C 87 -14.49 -29.36 -53.84
C LEU C 87 -15.10 -30.76 -53.78
N LYS C 88 -15.74 -31.20 -54.86
CA LYS C 88 -16.35 -32.53 -54.90
C LYS C 88 -15.29 -33.63 -54.79
N LYS C 89 -14.14 -33.44 -55.43
CA LYS C 89 -13.08 -34.45 -55.38
C LYS C 89 -12.33 -34.44 -54.04
N LYS C 90 -12.05 -33.24 -53.50
CA LYS C 90 -11.25 -33.10 -52.29
C LYS C 90 -12.04 -33.40 -51.02
N TYR C 91 -13.32 -33.12 -51.02
CA TYR C 91 -14.21 -33.27 -49.87
C TYR C 91 -15.38 -34.18 -50.24
N ASP C 92 -16.42 -34.16 -49.41
CA ASP C 92 -17.63 -34.92 -49.66
C ASP C 92 -18.21 -34.60 -51.03
N GLU C 93 -18.20 -35.58 -51.94
CA GLU C 93 -18.63 -35.32 -53.31
C GLU C 93 -20.14 -35.06 -53.39
N ASN C 94 -20.91 -35.58 -52.43
CA ASN C 94 -22.35 -35.32 -52.43
C ASN C 94 -22.71 -33.98 -51.78
N TYR C 95 -21.95 -33.54 -50.78
CA TYR C 95 -22.27 -32.28 -50.10
C TYR C 95 -22.02 -31.09 -51.00
N TRP C 96 -20.94 -31.14 -51.78
CA TRP C 96 -20.47 -30.01 -52.58
C TRP C 96 -21.13 -30.09 -53.95
N THR C 97 -22.33 -29.53 -54.05
CA THR C 97 -23.06 -29.40 -55.31
C THR C 97 -23.46 -27.95 -55.52
N VAL C 98 -23.69 -27.58 -56.78
CA VAL C 98 -24.12 -26.22 -57.08
C VAL C 98 -25.47 -25.93 -56.44
N ASP C 99 -26.36 -26.92 -56.40
CA ASP C 99 -27.69 -26.71 -55.81
C ASP C 99 -27.62 -26.38 -54.33
N ASN C 100 -26.55 -26.76 -53.63
CA ASN C 100 -26.42 -26.47 -52.20
C ASN C 100 -25.56 -25.24 -51.92
N ILE C 101 -25.03 -24.58 -52.97
CA ILE C 101 -24.12 -23.46 -52.78
C ILE C 101 -24.80 -22.30 -52.07
N HIS C 102 -26.03 -21.99 -52.48
CA HIS C 102 -26.79 -20.90 -51.88
C HIS C 102 -26.98 -21.11 -50.38
N ARG C 103 -27.41 -22.31 -49.98
CA ARG C 103 -27.60 -22.61 -48.56
C ARG C 103 -26.28 -22.55 -47.81
N HIS C 104 -25.20 -23.05 -48.43
CA HIS C 104 -23.90 -23.08 -47.75
C HIS C 104 -23.41 -21.69 -47.44
N ILE C 105 -23.57 -20.74 -48.37
CA ILE C 105 -23.11 -19.38 -48.13
C ILE C 105 -23.84 -18.77 -46.94
N LEU C 106 -25.15 -18.95 -46.89
CA LEU C 106 -25.95 -18.29 -45.86
C LEU C 106 -25.76 -18.92 -44.48
N ASN C 107 -25.54 -20.24 -44.42
CA ASN C 107 -25.43 -20.94 -43.14
C ASN C 107 -24.07 -20.76 -42.49
N TYR C 108 -22.99 -20.67 -43.28
CA TYR C 108 -21.64 -20.79 -42.75
C TYR C 108 -20.71 -19.63 -43.07
N CYS C 109 -21.07 -18.74 -44.00
CA CYS C 109 -20.09 -17.80 -44.54
C CYS C 109 -20.38 -16.34 -44.25
N ILE C 110 -21.64 -15.91 -44.31
CA ILE C 110 -22.01 -14.50 -44.23
C ILE C 110 -22.54 -14.18 -42.84
N TYR C 111 -22.03 -13.11 -42.24
CA TYR C 111 -22.45 -12.62 -40.93
C TYR C 111 -22.68 -11.10 -40.99
N GLY C 112 -23.78 -10.64 -40.42
CA GLY C 112 -24.07 -9.21 -40.38
C GLY C 112 -24.70 -8.82 -39.07
N ALA C 113 -24.42 -7.58 -38.65
CA ALA C 113 -24.98 -7.02 -37.43
C ALA C 113 -25.36 -5.56 -37.66
N ASP C 114 -26.42 -5.12 -36.98
CA ASP C 114 -26.89 -3.75 -37.06
C ASP C 114 -27.93 -3.51 -35.96
N ILE C 115 -27.99 -2.28 -35.47
CA ILE C 115 -28.98 -1.95 -34.43
C ILE C 115 -30.39 -1.74 -35.01
N ASP C 116 -30.50 -1.42 -36.30
CA ASP C 116 -31.78 -1.11 -36.91
C ASP C 116 -32.42 -2.40 -37.39
N GLU C 117 -33.53 -2.79 -36.75
CA GLU C 117 -34.18 -4.05 -37.11
C GLU C 117 -34.82 -3.98 -38.49
N LYS C 118 -35.30 -2.80 -38.90
CA LYS C 118 -35.84 -2.64 -40.24
C LYS C 118 -34.77 -2.92 -41.30
N ALA C 119 -33.55 -2.46 -41.06
CA ALA C 119 -32.45 -2.72 -41.98
C ALA C 119 -32.08 -4.20 -42.03
N ILE C 120 -32.03 -4.86 -40.87
CA ILE C 120 -31.74 -6.29 -40.84
C ILE C 120 -32.83 -7.07 -41.56
N SER C 121 -34.10 -6.66 -41.38
CA SER C 121 -35.20 -7.33 -42.08
C SER C 121 -35.07 -7.21 -43.58
N ILE C 122 -34.68 -6.03 -44.09
CA ILE C 122 -34.51 -5.84 -45.52
C ILE C 122 -33.42 -6.76 -46.05
N LEU C 123 -32.28 -6.80 -45.36
CA LEU C 123 -31.18 -7.64 -45.80
C LEU C 123 -31.55 -9.12 -45.73
N LYS C 124 -32.28 -9.54 -44.70
CA LYS C 124 -32.69 -10.93 -44.60
C LYS C 124 -33.60 -11.33 -45.76
N ASP C 125 -34.54 -10.46 -46.13
CA ASP C 125 -35.40 -10.72 -47.29
C ASP C 125 -34.60 -10.70 -48.59
N SER C 126 -33.62 -9.79 -48.70
CA SER C 126 -32.79 -9.73 -49.90
C SER C 126 -31.96 -11.00 -50.06
N LEU C 127 -31.36 -11.48 -48.96
CA LEU C 127 -30.56 -12.70 -49.02
C LEU C 127 -31.42 -13.91 -49.35
N THR C 128 -32.66 -13.95 -48.84
CA THR C 128 -33.55 -15.04 -49.20
C THR C 128 -33.83 -15.05 -50.71
N ASN C 129 -33.92 -13.85 -51.31
CA ASN C 129 -34.24 -13.70 -52.73
C ASN C 129 -33.03 -13.82 -53.66
N LYS C 130 -31.83 -14.03 -53.13
CA LYS C 130 -30.64 -14.25 -53.96
C LYS C 130 -30.61 -15.63 -54.61
N ILE C 141 -33.14 -22.35 -44.04
CA ILE C 141 -31.73 -22.00 -43.85
C ILE C 141 -31.60 -20.85 -42.85
N LYS C 142 -30.59 -20.93 -41.99
CA LYS C 142 -30.34 -19.94 -40.94
C LYS C 142 -29.34 -18.91 -41.43
N ILE C 143 -29.76 -17.64 -41.47
CA ILE C 143 -28.90 -16.54 -41.91
C ILE C 143 -28.36 -15.86 -40.65
N ASN C 144 -27.06 -15.61 -40.64
CA ASN C 144 -26.39 -15.12 -39.42
C ASN C 144 -26.44 -13.60 -39.36
N LEU C 145 -27.64 -13.09 -39.15
CA LEU C 145 -27.88 -11.66 -38.97
C LEU C 145 -28.29 -11.41 -37.53
N PHE C 146 -27.69 -10.39 -36.91
CA PHE C 146 -27.97 -10.05 -35.52
C PHE C 146 -28.40 -8.59 -35.43
N CYS C 147 -29.52 -8.36 -34.76
CA CYS C 147 -29.97 -7.00 -34.48
C CYS C 147 -29.55 -6.65 -33.04
N CYS C 148 -28.48 -5.89 -32.91
CA CYS C 148 -27.86 -5.62 -31.63
C CYS C 148 -26.89 -4.46 -31.79
N ASP C 149 -26.35 -4.01 -30.66
CA ASP C 149 -25.27 -3.03 -30.66
C ASP C 149 -23.97 -3.76 -30.93
N SER C 150 -23.35 -3.47 -32.08
CA SER C 150 -22.15 -4.20 -32.48
C SER C 150 -21.02 -4.01 -31.49
N LEU C 151 -20.96 -2.85 -30.81
CA LEU C 151 -19.92 -2.65 -29.82
C LEU C 151 -20.18 -3.42 -28.53
N LYS C 152 -21.39 -3.97 -28.37
CA LYS C 152 -21.76 -4.73 -27.18
C LYS C 152 -21.93 -6.22 -27.41
N LYS C 153 -22.09 -6.68 -28.66
CA LYS C 153 -22.35 -8.09 -28.90
C LYS C 153 -21.12 -8.92 -28.52
N LYS C 154 -21.34 -9.93 -27.69
CA LYS C 154 -20.29 -10.86 -27.32
C LYS C 154 -20.15 -11.90 -28.42
N TRP C 155 -19.02 -11.87 -29.12
CA TRP C 155 -18.78 -12.82 -30.21
C TRP C 155 -18.07 -14.07 -29.69
N ARG C 156 -18.65 -15.23 -29.98
CA ARG C 156 -18.12 -16.49 -29.50
C ARG C 156 -16.97 -17.02 -30.36
N TYR C 157 -16.72 -16.40 -31.51
CA TYR C 157 -15.66 -16.84 -32.40
C TYR C 157 -15.25 -15.66 -33.27
N LYS C 158 -14.04 -15.73 -33.80
CA LYS C 158 -13.50 -14.68 -34.63
C LYS C 158 -13.83 -14.91 -36.10
N PHE C 159 -13.41 -13.98 -36.96
CA PHE C 159 -13.84 -13.93 -38.36
C PHE C 159 -12.64 -13.83 -39.29
N ASP C 160 -12.75 -14.47 -40.45
CA ASP C 160 -11.67 -14.44 -41.42
C ASP C 160 -11.58 -13.09 -42.11
N TYR C 161 -12.72 -12.49 -42.46
CA TYR C 161 -12.73 -11.25 -43.20
C TYR C 161 -13.81 -10.33 -42.64
N ILE C 162 -13.48 -9.04 -42.52
CA ILE C 162 -14.41 -8.03 -42.03
C ILE C 162 -14.40 -6.84 -42.98
N VAL C 163 -15.58 -6.42 -43.42
CA VAL C 163 -15.76 -5.31 -44.34
C VAL C 163 -16.89 -4.42 -43.82
N GLY C 164 -16.91 -3.18 -44.30
CA GLY C 164 -18.08 -2.35 -44.10
C GLY C 164 -17.74 -0.88 -43.92
N ASN C 165 -18.80 -0.11 -43.63
CA ASN C 165 -18.76 1.33 -43.50
C ASN C 165 -19.42 1.70 -42.17
N PRO C 166 -18.64 1.90 -41.11
CA PRO C 166 -19.21 2.09 -39.76
C PRO C 166 -19.88 3.45 -39.62
N PRO C 167 -20.67 3.65 -38.57
CA PRO C 167 -21.25 4.98 -38.33
C PRO C 167 -20.21 5.97 -37.82
N TYR C 168 -20.36 7.23 -38.23
CA TYR C 168 -19.50 8.32 -37.75
C TYR C 168 -20.38 9.25 -36.92
N ILE C 169 -20.11 9.32 -35.62
CA ILE C 169 -20.82 10.24 -34.74
C ILE C 169 -19.80 10.92 -33.84
N GLY C 170 -19.73 12.26 -33.94
CA GLY C 170 -18.78 13.03 -33.16
C GLY C 170 -19.28 13.32 -31.77
N HIS C 171 -18.47 14.10 -31.04
CA HIS C 171 -18.70 14.32 -29.62
C HIS C 171 -19.95 15.14 -29.34
N LYS C 172 -20.37 16.01 -30.27
CA LYS C 172 -21.58 16.79 -30.04
C LYS C 172 -22.83 15.95 -30.19
N LYS C 173 -22.86 15.10 -31.21
CA LYS C 173 -24.08 14.39 -31.61
C LYS C 173 -24.26 13.04 -30.93
N LEU C 174 -23.27 12.57 -30.17
CA LEU C 174 -23.36 11.29 -29.49
C LEU C 174 -24.03 11.47 -28.13
N GLU C 175 -24.94 10.55 -27.78
CA GLU C 175 -25.67 10.63 -26.52
C GLU C 175 -24.72 10.47 -25.34
N LYS C 176 -24.86 11.34 -24.34
CA LYS C 176 -23.88 11.38 -23.26
C LYS C 176 -23.90 10.10 -22.42
N LYS C 177 -25.07 9.48 -22.23
CA LYS C 177 -25.11 8.22 -21.48
C LYS C 177 -24.32 7.14 -22.21
N TYR C 178 -24.42 7.08 -23.53
CA TYR C 178 -23.65 6.08 -24.29
C TYR C 178 -22.15 6.35 -24.19
N LYS C 179 -21.76 7.63 -24.15
CA LYS C 179 -20.34 7.95 -24.02
C LYS C 179 -19.74 7.39 -22.74
N LYS C 180 -20.54 7.28 -21.67
CA LYS C 180 -20.06 6.68 -20.42
C LYS C 180 -19.65 5.23 -20.66
N PHE C 181 -20.41 4.49 -21.47
CA PHE C 181 -20.01 3.14 -21.83
C PHE C 181 -18.74 3.13 -22.67
N LEU C 182 -18.63 4.01 -23.66
CA LEU C 182 -17.44 4.03 -24.51
C LEU C 182 -16.20 4.38 -23.69
N LEU C 183 -16.31 5.34 -22.78
CA LEU C 183 -15.16 5.76 -21.99
C LEU C 183 -14.67 4.67 -21.05
N GLU C 184 -15.55 3.77 -20.60
CA GLU C 184 -15.10 2.70 -19.71
C GLU C 184 -14.47 1.54 -20.49
N LYS C 185 -15.17 1.04 -21.51
CA LYS C 185 -14.78 -0.20 -22.17
C LYS C 185 -13.95 0.00 -23.44
N TYR C 186 -13.97 1.20 -24.04
CA TYR C 186 -13.22 1.46 -25.27
C TYR C 186 -12.19 2.56 -25.07
N SER C 187 -11.68 2.68 -23.83
CA SER C 187 -10.79 3.76 -23.47
C SER C 187 -9.47 3.73 -24.23
N GLU C 188 -9.09 2.56 -24.78
CA GLU C 188 -7.85 2.45 -25.54
C GLU C 188 -7.87 3.28 -26.82
N VAL C 189 -9.05 3.60 -27.35
CA VAL C 189 -9.15 4.44 -28.55
C VAL C 189 -10.08 5.63 -28.37
N TYR C 190 -10.94 5.65 -27.36
CA TYR C 190 -11.96 6.69 -27.23
C TYR C 190 -11.71 7.52 -25.98
N LYS C 191 -11.36 8.80 -26.19
CA LYS C 191 -11.26 9.80 -25.14
C LYS C 191 -11.69 11.14 -25.71
N ASP C 192 -12.05 12.06 -24.83
CA ASP C 192 -12.23 13.47 -25.14
C ASP C 192 -13.12 13.66 -26.38
N LYS C 193 -12.59 14.31 -27.43
CA LYS C 193 -13.39 14.62 -28.61
C LYS C 193 -13.31 13.55 -29.69
N ALA C 194 -13.04 12.30 -29.33
CA ALA C 194 -12.96 11.21 -30.29
C ALA C 194 -14.33 10.92 -30.92
N ASP C 195 -14.31 10.08 -31.94
CA ASP C 195 -15.51 9.74 -32.69
C ASP C 195 -15.90 8.28 -32.47
N LEU C 196 -17.17 7.98 -32.72
CA LEU C 196 -17.66 6.61 -32.56
C LEU C 196 -16.90 5.64 -33.45
N TYR C 197 -16.54 6.06 -34.67
CA TYR C 197 -15.88 5.10 -35.56
C TYR C 197 -14.50 4.69 -35.07
N PHE C 198 -13.92 5.39 -34.10
CA PHE C 198 -12.70 4.90 -33.48
C PHE C 198 -12.95 3.54 -32.83
N CYS C 199 -14.10 3.39 -32.18
CA CYS C 199 -14.43 2.15 -31.47
C CYS C 199 -14.69 1.00 -32.42
N PHE C 200 -15.28 1.28 -33.58
CA PHE C 200 -15.50 0.22 -34.56
C PHE C 200 -14.18 -0.33 -35.10
N TYR C 201 -13.17 0.53 -35.29
CA TYR C 201 -11.83 0.04 -35.61
C TYR C 201 -11.34 -0.92 -34.53
N LYS C 202 -11.50 -0.55 -33.26
CA LYS C 202 -11.03 -1.43 -32.18
C LYS C 202 -11.82 -2.73 -32.15
N LYS C 203 -13.14 -2.66 -32.33
CA LYS C 203 -13.95 -3.87 -32.31
C LYS C 203 -13.58 -4.80 -33.47
N ILE C 204 -13.42 -4.23 -34.67
CA ILE C 204 -13.09 -5.02 -35.85
C ILE C 204 -11.72 -5.68 -35.68
N ILE C 205 -10.73 -4.92 -35.22
CA ILE C 205 -9.41 -5.50 -35.00
C ILE C 205 -9.48 -6.61 -33.96
N ASP C 206 -10.26 -6.40 -32.89
CA ASP C 206 -10.27 -7.35 -31.78
C ASP C 206 -10.86 -8.70 -32.18
N ILE C 207 -11.91 -8.70 -33.01
CA ILE C 207 -12.59 -9.95 -33.37
C ILE C 207 -12.14 -10.47 -34.73
N LEU C 208 -11.03 -9.96 -35.24
CA LEU C 208 -10.48 -10.49 -36.48
C LEU C 208 -9.62 -11.70 -36.15
N LYS C 209 -9.83 -12.81 -36.88
CA LYS C 209 -9.07 -14.02 -36.66
C LYS C 209 -7.62 -13.79 -37.08
N GLN C 210 -6.71 -14.57 -36.50
CA GLN C 210 -5.31 -14.48 -36.89
C GLN C 210 -5.15 -14.86 -38.35
N GLY C 211 -4.44 -14.02 -39.10
CA GLY C 211 -4.29 -14.16 -40.53
C GLY C 211 -5.41 -13.59 -41.37
N GLY C 212 -6.44 -13.01 -40.74
CA GLY C 212 -7.55 -12.46 -41.47
C GLY C 212 -7.24 -11.09 -42.03
N ILE C 213 -8.16 -10.60 -42.87
CA ILE C 213 -8.02 -9.31 -43.53
C ILE C 213 -9.26 -8.47 -43.26
N GLY C 214 -9.06 -7.20 -42.89
CA GLY C 214 -10.14 -6.26 -42.75
C GLY C 214 -9.97 -5.07 -43.70
N SER C 215 -11.09 -4.54 -44.18
CA SER C 215 -11.08 -3.40 -45.09
C SER C 215 -12.34 -2.58 -44.86
N VAL C 216 -12.18 -1.29 -44.53
CA VAL C 216 -13.30 -0.41 -44.20
C VAL C 216 -13.10 0.95 -44.84
N ILE C 217 -14.20 1.68 -45.01
CA ILE C 217 -14.16 3.10 -45.37
C ILE C 217 -14.69 3.89 -44.18
N THR C 218 -13.89 4.84 -43.70
CA THR C 218 -14.18 5.67 -42.54
C THR C 218 -13.85 7.11 -42.91
N PRO C 219 -14.07 8.08 -42.02
CA PRO C 219 -13.52 9.41 -42.28
C PRO C 219 -12.01 9.37 -42.23
N ARG C 220 -11.39 10.31 -42.93
CA ARG C 220 -9.94 10.35 -43.01
C ARG C 220 -9.29 11.04 -41.82
N TYR C 221 -10.07 11.74 -40.98
CA TYR C 221 -9.51 12.70 -40.03
C TYR C 221 -8.62 12.06 -38.97
N PHE C 222 -8.87 10.79 -38.62
CA PHE C 222 -8.07 10.13 -37.60
C PHE C 222 -6.61 9.97 -38.03
N LEU C 223 -6.30 10.09 -39.33
CA LEU C 223 -4.92 9.97 -39.81
C LEU C 223 -4.04 11.12 -39.33
N GLU C 224 -4.62 12.28 -39.04
CA GLU C 224 -3.85 13.44 -38.61
C GLU C 224 -4.31 14.06 -37.30
N SER C 225 -5.56 13.82 -36.88
CA SER C 225 -6.16 14.57 -35.79
C SER C 225 -5.51 14.21 -34.46
N LEU C 226 -5.58 15.18 -33.54
CA LEU C 226 -5.12 14.96 -32.18
C LEU C 226 -5.93 13.87 -31.49
N SER C 227 -7.25 13.84 -31.73
CA SER C 227 -8.08 12.84 -31.07
C SER C 227 -7.75 11.43 -31.52
N GLY C 228 -7.27 11.28 -32.75
CA GLY C 228 -6.95 9.97 -33.26
C GLY C 228 -5.62 9.40 -32.85
N LYS C 229 -4.86 10.11 -32.00
CA LYS C 229 -3.53 9.63 -31.64
C LYS C 229 -3.58 8.23 -31.05
N ASP C 230 -4.50 7.99 -30.11
CA ASP C 230 -4.59 6.66 -29.49
C ASP C 230 -5.00 5.60 -30.50
N LEU C 231 -5.89 5.95 -31.43
CA LEU C 231 -6.34 4.97 -32.42
C LEU C 231 -5.19 4.54 -33.34
N ARG C 232 -4.39 5.51 -33.81
CA ARG C 232 -3.26 5.19 -34.68
C ARG C 232 -2.29 4.24 -33.99
N GLU C 233 -2.01 4.49 -32.71
CA GLU C 233 -1.16 3.59 -31.94
C GLU C 233 -1.80 2.20 -31.81
N TYR C 234 -3.11 2.14 -31.61
CA TYR C 234 -3.78 0.86 -31.52
C TYR C 234 -3.71 0.10 -32.85
N ILE C 235 -3.99 0.80 -33.95
CA ILE C 235 -3.92 0.19 -35.27
C ILE C 235 -2.50 -0.25 -35.58
N LYS C 236 -1.55 0.66 -35.38
CA LYS C 236 -0.16 0.39 -35.77
C LYS C 236 0.40 -0.82 -35.03
N SER C 237 -0.06 -1.08 -33.81
CA SER C 237 0.52 -2.12 -32.97
C SER C 237 -0.24 -3.44 -32.99
N ASN C 238 -1.36 -3.53 -33.71
CA ASN C 238 -2.17 -4.74 -33.69
C ASN C 238 -2.43 -5.35 -35.06
N VAL C 239 -2.31 -4.59 -36.14
CA VAL C 239 -2.48 -5.13 -37.47
C VAL C 239 -1.34 -4.64 -38.36
N ASN C 240 -1.13 -5.35 -39.46
CA ASN C 240 -0.27 -4.85 -40.52
C ASN C 240 -1.17 -4.07 -41.48
N VAL C 241 -0.88 -2.78 -41.65
CA VAL C 241 -1.65 -1.96 -42.58
C VAL C 241 -1.15 -2.25 -43.99
N GLN C 242 -2.02 -2.81 -44.82
CA GLN C 242 -1.65 -3.12 -46.20
C GLN C 242 -1.66 -1.87 -47.07
N GLU C 243 -2.72 -1.08 -46.97
CA GLU C 243 -2.98 -0.03 -47.94
C GLU C 243 -3.85 1.06 -47.34
N ILE C 244 -3.55 2.31 -47.69
CA ILE C 244 -4.38 3.45 -47.31
C ILE C 244 -4.74 4.20 -48.57
N VAL C 245 -6.03 4.32 -48.85
CA VAL C 245 -6.54 5.13 -49.95
C VAL C 245 -7.11 6.41 -49.34
N ASP C 246 -6.44 7.53 -49.57
CA ASP C 246 -6.82 8.82 -48.99
C ASP C 246 -7.41 9.69 -50.09
N PHE C 247 -8.71 9.98 -49.98
CA PHE C 247 -9.39 10.84 -50.92
C PHE C 247 -9.26 12.32 -50.60
N LEU C 248 -8.55 12.67 -49.53
CA LEU C 248 -8.34 14.06 -49.10
C LEU C 248 -9.71 14.74 -49.04
N GLY C 249 -9.87 15.94 -49.59
CA GLY C 249 -11.13 16.63 -49.48
C GLY C 249 -12.18 16.26 -50.50
N ALA C 250 -11.95 15.20 -51.27
CA ALA C 250 -12.92 14.80 -52.30
C ALA C 250 -14.23 14.35 -51.67
N ASN C 251 -15.32 14.61 -52.39
CA ASN C 251 -16.67 14.33 -51.90
C ASN C 251 -17.09 12.95 -52.41
N ILE C 252 -16.90 11.93 -51.58
CA ILE C 252 -17.23 10.56 -51.95
C ILE C 252 -18.72 10.30 -51.75
N PHE C 253 -19.31 10.88 -50.70
CA PHE C 253 -20.72 10.70 -50.38
C PHE C 253 -21.50 11.94 -50.78
N LYS C 254 -22.43 11.77 -51.73
CA LYS C 254 -23.21 12.88 -52.25
C LYS C 254 -24.06 13.52 -51.15
N ASN C 255 -24.04 14.85 -51.11
CA ASN C 255 -24.80 15.64 -50.13
C ASN C 255 -24.40 15.34 -48.69
N ILE C 256 -23.17 14.85 -48.50
CA ILE C 256 -22.62 14.58 -47.18
C ILE C 256 -21.31 15.34 -47.04
N GLY C 257 -21.18 16.10 -45.97
CA GLY C 257 -19.95 16.83 -45.75
C GLY C 257 -18.91 16.05 -44.96
N VAL C 258 -18.38 14.98 -45.53
CA VAL C 258 -17.35 14.18 -44.90
C VAL C 258 -16.28 13.84 -45.93
N SER C 259 -15.05 13.64 -45.46
CA SER C 259 -13.92 13.29 -46.30
C SER C 259 -13.41 11.91 -45.85
N SER C 260 -13.19 11.03 -46.81
CA SER C 260 -13.13 9.61 -46.56
C SER C 260 -11.75 9.00 -46.84
N CYS C 261 -11.55 7.80 -46.30
CA CYS C 261 -10.41 6.98 -46.67
C CYS C 261 -10.77 5.50 -46.55
N ILE C 262 -9.98 4.66 -47.22
CA ILE C 262 -10.15 3.22 -47.19
C ILE C 262 -8.90 2.61 -46.56
N LEU C 263 -9.08 1.85 -45.49
CA LEU C 263 -7.99 1.18 -44.78
C LEU C 263 -8.11 -0.33 -44.96
N THR C 264 -7.02 -0.95 -45.39
CA THR C 264 -6.94 -2.40 -45.51
C THR C 264 -5.80 -2.90 -44.66
N PHE C 265 -6.08 -3.87 -43.78
CA PHE C 265 -5.12 -4.36 -42.81
C PHE C 265 -5.31 -5.86 -42.61
N ASP C 266 -4.29 -6.50 -42.07
CA ASP C 266 -4.33 -7.94 -41.82
C ASP C 266 -3.63 -8.25 -40.51
N LYS C 267 -3.81 -9.48 -40.03
CA LYS C 267 -3.13 -10.02 -38.87
C LYS C 267 -2.23 -11.19 -39.30
N LYS C 268 -1.60 -11.07 -40.45
CA LYS C 268 -0.74 -12.08 -41.05
C LYS C 268 0.68 -12.01 -40.47
N LYS C 269 1.44 -13.06 -40.74
CA LYS C 269 2.84 -13.16 -40.30
C LYS C 269 3.65 -12.08 -41.01
N THR C 270 3.96 -11.01 -40.28
CA THR C 270 4.58 -9.80 -40.82
C THR C 270 5.70 -10.12 -41.80
N LYS C 271 5.78 -9.31 -42.84
CA LYS C 271 6.75 -9.38 -43.93
C LYS C 271 7.51 -8.07 -44.00
N GLU C 272 8.08 -7.75 -45.17
CA GLU C 272 8.78 -6.48 -45.35
C GLU C 272 7.92 -5.31 -44.90
N THR C 273 6.60 -5.51 -44.81
CA THR C 273 5.60 -4.59 -44.26
C THR C 273 5.78 -3.16 -44.72
N TYR C 274 5.62 -2.93 -46.01
CA TYR C 274 5.49 -1.58 -46.55
C TYR C 274 4.03 -1.32 -46.83
N ILE C 275 3.59 -0.09 -46.53
CA ILE C 275 2.20 0.30 -46.69
C ILE C 275 2.05 0.99 -48.05
N ASP C 276 1.08 0.53 -48.82
CA ASP C 276 0.73 1.22 -50.06
C ASP C 276 -0.17 2.39 -49.73
N VAL C 277 0.29 3.60 -50.02
CA VAL C 277 -0.49 4.81 -49.76
C VAL C 277 -0.86 5.43 -51.09
N PHE C 278 -2.16 5.63 -51.31
CA PHE C 278 -2.71 6.30 -52.48
C PHE C 278 -3.34 7.62 -52.06
N LYS C 279 -2.71 8.73 -52.43
CA LYS C 279 -3.21 10.06 -52.14
C LYS C 279 -3.74 10.67 -53.42
N ILE C 280 -4.97 11.17 -53.38
CA ILE C 280 -5.59 11.71 -54.58
C ILE C 280 -4.87 13.01 -54.98
N LYS C 281 -4.77 13.22 -56.29
CA LYS C 281 -4.09 14.41 -56.80
C LYS C 281 -5.04 15.56 -57.06
N ASN C 282 -6.28 15.28 -57.46
CA ASN C 282 -7.28 16.31 -57.73
C ASN C 282 -8.54 15.99 -56.94
N GLU C 283 -8.91 16.87 -56.01
CA GLU C 283 -10.08 16.65 -55.17
C GLU C 283 -11.39 16.84 -55.90
N ASP C 284 -11.36 17.32 -57.13
CA ASP C 284 -12.58 17.66 -57.85
C ASP C 284 -13.20 16.49 -58.59
N ILE C 285 -12.63 15.28 -58.49
CA ILE C 285 -13.13 14.17 -59.29
C ILE C 285 -14.49 13.71 -58.76
N CYS C 286 -15.43 13.50 -59.68
CA CYS C 286 -16.68 12.86 -59.33
C CYS C 286 -16.49 11.35 -59.32
N ILE C 287 -16.93 10.69 -58.24
CA ILE C 287 -16.58 9.28 -58.08
C ILE C 287 -17.37 8.37 -59.01
N ASN C 288 -18.53 8.77 -59.50
CA ASN C 288 -19.33 7.85 -60.30
C ASN C 288 -18.96 7.92 -61.78
N LYS C 289 -17.93 8.69 -62.10
CA LYS C 289 -17.42 8.79 -63.46
C LYS C 289 -16.65 7.54 -63.88
N PHE C 290 -16.23 6.69 -62.94
CA PHE C 290 -15.32 5.60 -63.26
C PHE C 290 -15.96 4.23 -62.99
N GLU C 291 -15.60 3.25 -63.83
CA GLU C 291 -16.18 1.92 -63.70
C GLU C 291 -15.61 1.16 -62.52
N THR C 292 -14.33 1.35 -62.20
CA THR C 292 -13.67 0.66 -61.10
C THR C 292 -12.77 1.63 -60.35
N LEU C 293 -12.56 1.36 -59.06
CA LEU C 293 -11.65 2.20 -58.29
C LEU C 293 -10.20 1.96 -58.71
N GLU C 294 -9.89 0.74 -59.18
CA GLU C 294 -8.53 0.46 -59.63
C GLU C 294 -8.17 1.30 -60.84
N GLU C 295 -9.15 1.56 -61.73
CA GLU C 295 -8.89 2.42 -62.88
C GLU C 295 -8.42 3.79 -62.41
N LEU C 296 -9.02 4.28 -61.32
CA LEU C 296 -8.65 5.55 -60.72
C LEU C 296 -7.27 5.50 -60.07
N LEU C 297 -6.97 4.43 -59.31
CA LEU C 297 -5.73 4.36 -58.55
C LEU C 297 -4.49 4.21 -59.43
N LYS C 298 -4.54 3.39 -60.48
CA LYS C 298 -3.36 3.25 -61.35
C LYS C 298 -3.25 4.39 -62.35
N SER C 299 -4.19 5.32 -62.36
CA SER C 299 -4.12 6.43 -63.27
C SER C 299 -3.25 7.53 -62.68
N SER C 300 -3.12 8.62 -63.43
CA SER C 300 -2.40 9.81 -62.98
C SER C 300 -3.15 10.57 -61.90
N LYS C 301 -4.42 10.21 -61.62
CA LYS C 301 -5.25 10.90 -60.64
C LYS C 301 -4.83 10.64 -59.19
N PHE C 302 -3.96 9.66 -58.96
CA PHE C 302 -3.53 9.30 -57.61
C PHE C 302 -2.02 9.20 -57.59
N GLU C 303 -1.42 9.62 -56.48
CA GLU C 303 -0.01 9.39 -56.24
C GLU C 303 0.14 8.16 -55.36
N HIS C 304 1.21 7.40 -55.59
CA HIS C 304 1.52 6.25 -54.77
C HIS C 304 2.91 6.38 -54.16
N PHE C 305 3.05 5.92 -52.93
CA PHE C 305 4.36 5.79 -52.28
C PHE C 305 4.23 4.80 -51.14
N ASN C 306 5.36 4.35 -50.62
CA ASN C 306 5.42 3.34 -49.60
C ASN C 306 5.86 3.94 -48.26
N ILE C 307 5.29 3.41 -47.18
CA ILE C 307 5.61 3.84 -45.83
C ILE C 307 6.00 2.61 -45.02
N ASN C 308 7.14 2.69 -44.34
CA ASN C 308 7.55 1.60 -43.46
C ASN C 308 6.73 1.72 -42.17
N GLN C 309 5.89 0.71 -41.91
CA GLN C 309 5.00 0.77 -40.76
C GLN C 309 5.80 0.78 -39.45
N ARG C 310 6.94 0.11 -39.42
CA ARG C 310 7.78 0.10 -38.23
C ARG C 310 8.35 1.48 -37.90
N LEU C 311 8.43 2.38 -38.88
CA LEU C 311 9.00 3.70 -38.66
C LEU C 311 7.96 4.76 -38.33
N LEU C 312 6.70 4.40 -38.18
CA LEU C 312 5.69 5.37 -37.80
C LEU C 312 5.81 5.73 -36.32
N SER C 313 5.75 7.02 -36.04
CA SER C 313 5.68 7.53 -34.68
C SER C 313 4.21 7.63 -34.27
N ASP C 314 3.93 8.37 -33.19
CA ASP C 314 2.54 8.69 -32.85
C ASP C 314 1.87 9.55 -33.91
N GLU C 315 2.63 10.29 -34.71
CA GLU C 315 2.11 10.99 -35.87
C GLU C 315 2.46 10.20 -37.12
N TRP C 316 1.51 10.07 -38.04
CA TRP C 316 1.70 9.33 -39.28
C TRP C 316 1.97 10.31 -40.39
N ILE C 317 3.24 10.46 -40.75
CA ILE C 317 3.65 11.39 -41.81
C ILE C 317 3.62 10.57 -43.09
N LEU C 318 2.48 10.62 -43.79
CA LEU C 318 2.29 9.84 -45.01
C LEU C 318 2.61 10.73 -46.21
N VAL C 319 3.90 10.84 -46.50
CA VAL C 319 4.39 11.70 -47.58
C VAL C 319 5.48 10.98 -48.35
N ASN C 320 5.73 11.45 -49.57
CA ASN C 320 6.74 10.83 -50.40
C ASN C 320 8.12 11.22 -49.89
N LYS C 321 9.15 10.65 -50.54
CA LYS C 321 10.51 10.81 -50.04
C LYS C 321 10.96 12.27 -50.04
N ASP C 322 10.59 13.01 -51.09
CA ASP C 322 10.98 14.40 -51.18
C ASP C 322 10.40 15.23 -50.05
N ASP C 323 9.10 15.06 -49.78
CA ASP C 323 8.46 15.83 -48.71
C ASP C 323 9.03 15.46 -47.36
N GLU C 324 9.30 14.17 -47.14
CA GLU C 324 9.89 13.74 -45.88
C GLU C 324 11.23 14.41 -45.63
N THR C 325 12.08 14.47 -46.66
CA THR C 325 13.37 15.15 -46.55
C THR C 325 13.20 16.64 -46.28
N PHE C 326 12.29 17.28 -47.03
CA PHE C 326 11.98 18.69 -46.84
C PHE C 326 11.51 18.97 -45.41
N TYR C 327 10.55 18.19 -44.94
CA TYR C 327 10.00 18.37 -43.60
C TYR C 327 11.08 18.20 -42.53
N ASN C 328 11.92 17.19 -42.69
CA ASN C 328 12.93 16.92 -41.67
C ASN C 328 14.01 18.00 -41.65
N LYS C 329 14.37 18.54 -42.82
CA LYS C 329 15.34 19.64 -42.85
C LYS C 329 14.88 20.81 -42.00
N ILE C 330 13.62 21.22 -42.16
CA ILE C 330 13.10 22.37 -41.42
C ILE C 330 13.06 22.06 -39.92
N GLN C 331 12.61 20.85 -39.56
CA GLN C 331 12.51 20.49 -38.16
C GLN C 331 13.86 20.54 -37.45
N GLU C 332 14.91 20.06 -38.12
CA GLU C 332 16.23 20.07 -37.49
C GLU C 332 16.80 21.49 -37.42
N LYS C 333 16.58 22.31 -38.46
CA LYS C 333 17.20 23.63 -38.50
C LYS C 333 16.59 24.59 -37.48
N CYS C 334 15.29 24.49 -37.21
CA CYS C 334 14.63 25.46 -36.35
C CYS C 334 14.82 25.13 -34.89
N LYS C 335 15.26 26.13 -34.12
CA LYS C 335 15.53 25.95 -32.70
C LYS C 335 14.34 26.31 -31.82
N TYR C 336 13.29 26.92 -32.38
CA TYR C 336 12.14 27.37 -31.63
C TYR C 336 10.87 26.82 -32.27
N SER C 337 9.80 26.75 -31.47
CA SER C 337 8.46 26.54 -31.98
C SER C 337 7.61 27.75 -31.60
N LEU C 338 6.48 27.90 -32.29
CA LEU C 338 5.58 28.99 -31.92
C LEU C 338 5.13 28.86 -30.48
N GLU C 339 4.84 27.64 -30.04
CA GLU C 339 4.44 27.40 -28.66
C GLU C 339 5.51 27.89 -27.69
N ASP C 340 6.78 27.81 -28.06
CA ASP C 340 7.87 28.30 -27.21
C ASP C 340 7.79 29.80 -27.00
N ILE C 341 7.47 30.56 -28.06
CA ILE C 341 7.64 32.01 -28.05
C ILE C 341 6.33 32.78 -27.96
N ALA C 342 5.18 32.11 -28.03
CA ALA C 342 3.90 32.81 -28.15
C ALA C 342 2.87 32.23 -27.19
N ILE C 343 1.90 33.07 -26.84
CA ILE C 343 0.74 32.67 -26.05
C ILE C 343 -0.45 32.55 -27.00
N SER C 344 -1.02 31.37 -27.09
CA SER C 344 -2.10 31.09 -28.02
C SER C 344 -3.44 31.06 -27.29
N PHE C 345 -4.51 31.45 -27.99
CA PHE C 345 -5.84 31.34 -27.40
C PHE C 345 -6.92 31.32 -28.48
N GLN C 346 -8.00 30.62 -28.16
CA GLN C 346 -9.20 30.56 -28.97
C GLN C 346 -10.06 31.80 -28.73
N GLY C 347 -10.87 32.16 -29.71
CA GLY C 347 -11.68 33.35 -29.63
C GLY C 347 -12.86 33.22 -28.66
N ILE C 348 -13.65 34.30 -28.62
CA ILE C 348 -14.86 34.33 -27.82
C ILE C 348 -15.82 33.25 -28.30
N ILE C 349 -16.43 32.55 -27.35
CA ILE C 349 -17.54 31.66 -27.65
C ILE C 349 -18.73 32.21 -26.88
N THR C 350 -19.59 32.95 -27.58
CA THR C 350 -20.74 33.56 -26.92
C THR C 350 -21.72 32.51 -26.43
N GLY C 351 -21.88 31.42 -27.20
CA GLY C 351 -22.89 30.43 -26.95
C GLY C 351 -24.18 30.65 -27.72
N CYS C 352 -24.42 31.89 -28.18
CA CYS C 352 -25.51 32.18 -29.10
C CYS C 352 -25.17 33.51 -29.80
N ASP C 353 -24.61 33.43 -31.01
CA ASP C 353 -24.09 34.64 -31.64
C ASP C 353 -25.21 35.64 -31.91
N LYS C 354 -26.41 35.15 -32.29
CA LYS C 354 -27.48 36.06 -32.67
C LYS C 354 -27.91 36.97 -31.52
N ALA C 355 -27.55 36.62 -30.28
CA ALA C 355 -27.90 37.43 -29.12
C ALA C 355 -26.90 38.54 -28.83
N PHE C 356 -25.65 38.40 -29.26
CA PHE C 356 -24.58 39.32 -28.89
C PHE C 356 -23.91 40.03 -30.07
N ILE C 357 -24.07 39.55 -31.30
CA ILE C 357 -23.35 40.09 -32.46
C ILE C 357 -24.32 40.89 -33.32
N LEU C 358 -23.96 42.14 -33.62
CA LEU C 358 -24.78 43.01 -34.45
C LEU C 358 -23.96 43.58 -35.60
N SER C 359 -24.63 43.76 -36.73
CA SER C 359 -24.02 44.51 -37.82
C SER C 359 -23.69 45.93 -37.36
N LYS C 360 -22.52 46.42 -37.74
CA LYS C 360 -22.11 47.72 -37.22
C LYS C 360 -22.99 48.85 -37.72
N ASP C 361 -23.83 48.61 -38.73
CA ASP C 361 -24.83 49.58 -39.16
C ASP C 361 -26.20 49.35 -38.53
N ASP C 362 -26.35 48.37 -37.64
CA ASP C 362 -27.65 48.10 -37.04
C ASP C 362 -28.06 49.23 -36.10
N VAL C 363 -29.34 49.62 -36.17
CA VAL C 363 -29.80 50.75 -35.38
C VAL C 363 -29.95 50.39 -33.90
N LYS C 364 -30.10 49.11 -33.57
CA LYS C 364 -30.19 48.75 -32.16
C LYS C 364 -28.91 49.04 -31.39
N LEU C 365 -27.78 49.29 -32.07
CA LEU C 365 -26.58 49.70 -31.35
C LEU C 365 -26.74 51.03 -30.63
N ASN C 366 -27.78 51.82 -30.95
CA ASN C 366 -28.03 53.02 -30.18
C ASN C 366 -28.42 52.70 -28.74
N LEU C 367 -28.89 51.48 -28.50
CA LEU C 367 -29.24 51.04 -27.15
C LEU C 367 -28.02 50.63 -26.34
N VAL C 368 -26.86 50.44 -26.96
CA VAL C 368 -25.67 49.90 -26.30
C VAL C 368 -24.63 51.00 -26.16
N ASP C 369 -24.19 51.23 -24.92
CA ASP C 369 -23.08 52.15 -24.67
C ASP C 369 -21.83 51.65 -25.38
N ASP C 370 -21.05 52.57 -25.94
CA ASP C 370 -19.89 52.18 -26.73
C ASP C 370 -18.83 51.46 -25.90
N LYS C 371 -18.85 51.60 -24.57
CA LYS C 371 -17.87 50.91 -23.75
C LYS C 371 -18.06 49.39 -23.78
N PHE C 372 -19.28 48.93 -24.05
CA PHE C 372 -19.56 47.50 -24.15
C PHE C 372 -19.27 46.92 -25.53
N LEU C 373 -19.03 47.76 -26.53
CA LEU C 373 -18.97 47.32 -27.92
C LEU C 373 -17.53 47.06 -28.32
N LYS C 374 -17.30 45.89 -28.91
CA LYS C 374 -16.00 45.49 -29.44
C LYS C 374 -16.14 45.21 -30.93
N CYS C 375 -15.04 45.39 -31.67
CA CYS C 375 -15.03 45.01 -33.07
C CYS C 375 -14.99 43.49 -33.20
N TRP C 376 -15.70 42.97 -34.19
CA TRP C 376 -15.92 41.53 -34.35
C TRP C 376 -15.59 41.15 -35.78
N ILE C 377 -14.66 40.20 -35.97
CA ILE C 377 -14.30 39.76 -37.30
C ILE C 377 -14.60 38.27 -37.43
N LYS C 378 -14.77 37.85 -38.67
CA LYS C 378 -14.96 36.46 -39.04
C LYS C 378 -13.71 35.94 -39.77
N SER C 379 -13.67 34.62 -39.97
CA SER C 379 -12.54 34.01 -40.64
C SER C 379 -12.33 34.60 -42.03
N LYS C 380 -13.42 35.01 -42.68
CA LYS C 380 -13.38 35.56 -44.02
C LYS C 380 -12.61 36.88 -44.08
N ASN C 381 -12.47 37.56 -42.94
CA ASN C 381 -11.78 38.85 -42.88
C ASN C 381 -10.25 38.73 -42.83
N ILE C 382 -9.70 37.56 -42.58
CA ILE C 382 -8.25 37.42 -42.43
C ILE C 382 -7.61 37.20 -43.80
N ASN C 383 -6.68 38.09 -44.18
CA ASN C 383 -5.79 37.87 -45.30
C ASN C 383 -4.37 37.66 -44.77
N LYS C 384 -3.43 37.36 -45.67
CA LYS C 384 -2.03 37.42 -45.30
C LYS C 384 -1.66 38.85 -44.90
N TYR C 385 -1.03 38.96 -43.74
CA TYR C 385 -0.44 40.17 -43.16
C TYR C 385 -1.42 41.20 -42.58
N ILE C 386 -2.69 41.19 -42.96
CA ILE C 386 -3.60 42.25 -42.52
C ILE C 386 -5.03 41.73 -42.45
N VAL C 387 -5.83 42.39 -41.61
CA VAL C 387 -7.22 42.01 -41.38
C VAL C 387 -8.12 43.03 -42.07
N ASP C 388 -9.18 42.54 -42.70
CA ASP C 388 -10.17 43.44 -43.27
C ASP C 388 -10.84 44.25 -42.17
N LYS C 389 -11.28 45.46 -42.51
CA LYS C 389 -12.06 46.25 -41.56
C LYS C 389 -13.29 45.46 -41.13
N SER C 390 -13.59 45.50 -39.83
CA SER C 390 -14.68 44.71 -39.29
C SER C 390 -16.03 45.32 -39.63
N GLU C 391 -17.02 44.44 -39.85
CA GLU C 391 -18.37 44.83 -40.20
C GLU C 391 -19.40 44.54 -39.11
N TYR C 392 -18.97 43.94 -38.00
CA TYR C 392 -19.86 43.52 -36.91
C TYR C 392 -19.33 44.06 -35.59
N ARG C 393 -20.22 44.13 -34.62
CA ARG C 393 -19.88 44.53 -33.26
C ARG C 393 -20.29 43.43 -32.27
N LEU C 394 -19.44 43.19 -31.27
CA LEU C 394 -19.74 42.28 -30.18
C LEU C 394 -20.19 43.07 -28.96
N ILE C 395 -21.29 42.63 -28.34
CA ILE C 395 -21.74 43.18 -27.07
C ILE C 395 -21.07 42.36 -25.97
N TYR C 396 -20.02 42.90 -25.37
CA TYR C 396 -19.30 42.20 -24.31
C TYR C 396 -20.13 42.29 -23.03
N SER C 397 -21.15 41.44 -22.95
CA SER C 397 -22.16 41.55 -21.92
C SER C 397 -21.65 41.24 -20.52
N ASN C 398 -20.47 40.63 -20.40
CA ASN C 398 -19.88 40.37 -19.09
C ASN C 398 -19.60 41.66 -18.31
N ASP C 399 -19.42 42.78 -19.00
CA ASP C 399 -19.15 44.05 -18.34
C ASP C 399 -20.40 44.70 -17.77
N ILE C 400 -21.58 44.13 -18.02
CA ILE C 400 -22.81 44.53 -17.35
C ILE C 400 -22.85 43.87 -15.98
N ASP C 401 -22.86 44.67 -14.92
CA ASP C 401 -22.70 44.12 -13.58
C ASP C 401 -23.94 43.32 -13.13
N ASN C 402 -25.12 43.89 -13.31
CA ASN C 402 -26.37 43.26 -12.89
C ASN C 402 -27.47 43.61 -13.88
N GLU C 403 -28.62 42.94 -13.72
CA GLU C 403 -29.74 43.09 -14.65
C GLU C 403 -30.44 44.44 -14.54
N ASN C 404 -30.25 45.18 -13.45
CA ASN C 404 -31.01 46.41 -13.23
C ASN C 404 -30.31 47.66 -13.76
N THR C 405 -28.99 47.63 -13.96
CA THR C 405 -28.28 48.83 -14.38
C THR C 405 -28.45 49.16 -15.86
N ASN C 406 -28.45 48.15 -16.75
CA ASN C 406 -28.56 48.34 -18.20
C ASN C 406 -29.71 47.51 -18.78
N LYS C 407 -30.86 47.56 -18.12
CA LYS C 407 -31.96 46.63 -18.46
C LYS C 407 -32.35 46.72 -19.94
N ARG C 408 -32.22 47.89 -20.56
CA ARG C 408 -32.67 48.06 -21.94
C ARG C 408 -31.91 47.15 -22.90
N ILE C 409 -30.60 46.99 -22.68
CA ILE C 409 -29.82 46.10 -23.53
C ILE C 409 -30.31 44.67 -23.38
N LEU C 410 -30.52 44.24 -22.13
CA LEU C 410 -30.96 42.86 -21.88
C LEU C 410 -32.35 42.62 -22.41
N ASP C 411 -33.23 43.61 -22.28
CA ASP C 411 -34.62 43.44 -22.67
C ASP C 411 -34.79 43.43 -24.18
N GLU C 412 -34.06 44.29 -24.89
CA GLU C 412 -34.36 44.50 -26.31
C GLU C 412 -33.40 43.81 -27.25
N ILE C 413 -32.23 43.37 -26.79
CA ILE C 413 -31.28 42.74 -27.69
C ILE C 413 -30.98 41.31 -27.24
N ILE C 414 -30.36 41.18 -26.05
CA ILE C 414 -29.90 39.87 -25.59
C ILE C 414 -31.08 38.98 -25.24
N GLY C 415 -32.09 39.53 -24.56
CA GLY C 415 -33.21 38.74 -24.07
C GLY C 415 -34.07 38.13 -25.15
N LEU C 416 -33.91 38.55 -26.40
CA LEU C 416 -34.65 37.92 -27.49
C LEU C 416 -34.32 36.44 -27.62
N TYR C 417 -33.19 36.00 -27.07
CA TYR C 417 -32.76 34.62 -27.11
C TYR C 417 -32.57 34.06 -25.71
N LYS C 418 -33.31 34.61 -24.74
CA LYS C 418 -33.09 34.25 -23.35
C LYS C 418 -33.28 32.77 -23.11
N THR C 419 -34.31 32.18 -23.72
CA THR C 419 -34.57 30.75 -23.58
C THR C 419 -33.39 29.94 -24.09
N LYS C 420 -32.87 30.27 -25.27
CA LYS C 420 -31.71 29.57 -25.80
C LYS C 420 -30.50 29.79 -24.90
N LEU C 421 -30.33 31.02 -24.40
CA LEU C 421 -29.19 31.35 -23.54
C LEU C 421 -29.23 30.59 -22.22
N GLU C 422 -30.43 30.45 -21.64
CA GLU C 422 -30.55 29.74 -20.37
C GLU C 422 -30.27 28.26 -20.49
N ASN C 423 -30.28 27.72 -21.71
CA ASN C 423 -30.03 26.31 -21.92
C ASN C 423 -28.55 25.98 -22.02
N ARG C 424 -27.67 26.98 -22.03
CA ARG C 424 -26.24 26.73 -22.04
C ARG C 424 -25.82 26.09 -20.72
N ARG C 425 -24.79 25.25 -20.79
CA ARG C 425 -24.44 24.40 -19.66
C ARG C 425 -24.12 25.21 -18.42
N GLU C 426 -23.33 26.28 -18.57
CA GLU C 426 -22.88 27.04 -17.42
C GLU C 426 -23.98 27.89 -16.82
N CYS C 427 -25.03 28.18 -17.59
CA CYS C 427 -26.20 28.84 -17.02
C CYS C 427 -27.04 27.86 -16.21
N LYS C 428 -27.18 26.63 -16.69
CA LYS C 428 -27.94 25.65 -15.93
C LYS C 428 -27.27 25.30 -14.62
N SER C 429 -25.94 25.39 -14.55
CA SER C 429 -25.25 25.12 -13.29
C SER C 429 -25.17 26.35 -12.39
N GLY C 430 -25.56 27.52 -12.91
CA GLY C 430 -25.63 28.73 -12.13
C GLY C 430 -24.35 29.53 -12.01
N ILE C 431 -23.24 29.06 -12.59
CA ILE C 431 -22.01 29.87 -12.52
C ILE C 431 -22.04 31.03 -13.52
N ARG C 432 -22.89 30.97 -14.53
CA ARG C 432 -22.96 31.97 -15.58
C ARG C 432 -24.36 32.57 -15.59
N LYS C 433 -24.44 33.90 -15.63
CA LYS C 433 -25.73 34.57 -15.74
C LYS C 433 -26.30 34.39 -17.15
N TRP C 434 -27.62 34.47 -17.26
CA TRP C 434 -28.25 34.15 -18.54
C TRP C 434 -27.81 35.10 -19.65
N TYR C 435 -27.48 36.34 -19.32
CA TYR C 435 -27.13 37.32 -20.31
C TYR C 435 -25.63 37.43 -20.56
N GLU C 436 -24.82 36.67 -19.84
CA GLU C 436 -23.37 36.77 -20.00
C GLU C 436 -22.92 35.91 -21.19
N LEU C 437 -21.75 36.25 -21.71
CA LEU C 437 -21.09 35.41 -22.72
C LEU C 437 -20.67 34.08 -22.10
N GLN C 438 -20.89 32.98 -22.84
CA GLN C 438 -20.58 31.66 -22.29
C GLN C 438 -19.08 31.51 -22.01
N TRP C 439 -18.23 31.80 -22.98
CA TRP C 439 -16.77 31.82 -22.78
C TRP C 439 -16.23 33.17 -23.27
N GLY C 440 -16.23 34.16 -22.38
CA GLY C 440 -15.80 35.52 -22.68
C GLY C 440 -14.31 35.79 -22.62
N ARG C 441 -13.51 34.80 -22.23
CA ARG C 441 -12.03 34.86 -22.25
C ARG C 441 -11.57 36.07 -21.43
N GLU C 442 -10.44 36.67 -21.82
CA GLU C 442 -9.88 37.83 -21.14
C GLU C 442 -9.70 38.95 -22.16
N LYS C 443 -10.32 40.11 -21.89
CA LYS C 443 -10.26 41.22 -22.84
C LYS C 443 -8.82 41.65 -23.09
N LEU C 444 -7.96 41.64 -22.06
CA LEU C 444 -6.58 42.05 -22.26
C LEU C 444 -5.83 41.15 -23.22
N PHE C 445 -6.33 39.93 -23.47
CA PHE C 445 -5.69 39.12 -24.50
C PHE C 445 -5.99 39.63 -25.90
N PHE C 446 -7.22 40.11 -26.14
CA PHE C 446 -7.60 40.58 -27.47
C PHE C 446 -7.22 42.03 -27.71
N GLU C 447 -7.28 42.89 -26.69
CA GLU C 447 -7.09 44.33 -26.84
C GLU C 447 -5.61 44.70 -26.72
N ARG C 448 -4.86 44.17 -27.68
CA ARG C 448 -3.42 44.37 -27.79
C ARG C 448 -3.02 43.99 -29.20
N LYS C 449 -1.82 44.41 -29.60
CA LYS C 449 -1.25 43.94 -30.84
C LYS C 449 -1.06 42.42 -30.79
N LYS C 450 -1.51 41.73 -31.85
CA LYS C 450 -1.45 40.28 -31.88
C LYS C 450 -1.55 39.82 -33.33
N ILE C 451 -1.37 38.52 -33.52
CA ILE C 451 -1.51 37.86 -34.82
C ILE C 451 -2.78 37.02 -34.81
N MET C 452 -3.55 37.08 -35.90
CA MET C 452 -4.76 36.30 -36.05
C MET C 452 -4.73 35.51 -37.35
N TYR C 453 -5.36 34.33 -37.35
CA TYR C 453 -5.44 33.49 -38.54
C TYR C 453 -6.75 32.73 -38.53
N PRO C 454 -7.30 32.39 -39.71
CA PRO C 454 -8.55 31.64 -39.75
C PRO C 454 -8.38 30.20 -39.28
N TYR C 455 -9.46 29.66 -38.69
CA TYR C 455 -9.38 28.31 -38.14
C TYR C 455 -9.47 27.24 -39.23
N LYS C 456 -9.99 27.61 -40.40
CA LYS C 456 -10.07 26.71 -41.54
C LYS C 456 -9.81 27.54 -42.79
N SER C 457 -8.83 27.12 -43.58
CA SER C 457 -8.41 27.90 -44.73
C SER C 457 -7.77 27.00 -45.76
N ASN C 458 -7.62 27.53 -46.97
CA ASN C 458 -6.90 26.84 -48.04
C ASN C 458 -5.40 27.04 -47.98
N GLU C 459 -4.93 28.03 -47.21
CA GLU C 459 -3.53 28.41 -47.22
C GLU C 459 -3.21 29.13 -45.93
N ASN C 460 -1.91 29.28 -45.66
CA ASN C 460 -1.46 30.06 -44.51
C ASN C 460 -1.90 31.51 -44.67
N ARG C 461 -2.71 31.99 -43.74
CA ARG C 461 -3.16 33.39 -43.71
C ARG C 461 -2.99 33.89 -42.29
N PHE C 462 -1.80 34.40 -41.97
CA PHE C 462 -1.49 34.97 -40.67
C PHE C 462 -1.41 36.48 -40.80
N ALA C 463 -2.24 37.19 -40.05
CA ALA C 463 -2.33 38.64 -40.15
C ALA C 463 -2.02 39.29 -38.81
N ILE C 464 -1.45 40.49 -38.88
CA ILE C 464 -1.24 41.30 -37.69
C ILE C 464 -2.51 42.11 -37.45
N ASP C 465 -3.05 41.98 -36.25
CA ASP C 465 -4.21 42.78 -35.87
C ASP C 465 -3.74 44.03 -35.16
N TYR C 466 -4.10 45.20 -35.69
CA TYR C 466 -3.77 46.47 -35.06
C TYR C 466 -4.96 47.10 -34.33
N ASP C 467 -6.17 46.54 -34.47
CA ASP C 467 -7.41 47.24 -34.14
C ASP C 467 -8.17 46.59 -32.99
N ASN C 468 -7.52 45.81 -32.13
CA ASN C 468 -8.17 45.18 -30.99
C ASN C 468 -9.42 44.40 -31.43
N ASN C 469 -9.25 43.56 -32.44
CA ASN C 469 -10.36 42.78 -32.97
C ASN C 469 -10.69 41.60 -32.07
N PHE C 470 -11.98 41.43 -31.77
CA PHE C 470 -12.49 40.22 -31.18
C PHE C 470 -13.03 39.31 -32.29
N SER C 471 -13.18 38.04 -31.98
CA SER C 471 -13.65 37.07 -32.96
C SER C 471 -14.23 35.89 -32.22
N SER C 472 -14.99 35.09 -32.95
CA SER C 472 -15.48 33.83 -32.44
C SER C 472 -14.37 32.78 -32.55
N ALA C 473 -14.72 31.51 -32.41
CA ALA C 473 -13.72 30.45 -32.48
C ALA C 473 -13.33 30.11 -33.90
N ASP C 474 -13.87 30.79 -34.91
CA ASP C 474 -13.43 30.63 -36.29
C ASP C 474 -12.16 31.40 -36.60
N VAL C 475 -11.63 32.16 -35.64
CA VAL C 475 -10.37 32.89 -35.79
C VAL C 475 -9.56 32.65 -34.53
N TYR C 476 -8.31 32.25 -34.69
CA TYR C 476 -7.40 32.08 -33.56
C TYR C 476 -6.42 33.26 -33.49
N SER C 477 -5.87 33.46 -32.29
CA SER C 477 -4.96 34.58 -32.04
C SER C 477 -3.77 34.09 -31.23
N PHE C 478 -2.64 34.75 -31.42
CA PHE C 478 -1.54 34.59 -30.47
C PHE C 478 -0.78 35.91 -30.40
N PHE C 479 -0.11 36.13 -29.28
CA PHE C 479 0.80 37.26 -29.12
C PHE C 479 2.15 36.73 -28.63
N ILE C 480 3.19 37.54 -28.81
CA ILE C 480 4.54 37.10 -28.46
C ILE C 480 4.78 37.35 -26.98
N LYS C 481 5.42 36.38 -26.33
CA LYS C 481 5.79 36.54 -24.94
C LYS C 481 6.75 37.72 -24.76
N GLU C 482 6.63 38.38 -23.59
CA GLU C 482 7.44 39.57 -23.31
C GLU C 482 8.93 39.23 -23.37
N GLU C 483 9.30 38.03 -22.93
CA GLU C 483 10.70 37.63 -22.90
C GLU C 483 11.25 37.29 -24.28
N TYR C 484 10.38 37.15 -25.29
CA TYR C 484 10.84 36.89 -26.65
C TYR C 484 10.66 38.10 -27.56
N LEU C 485 10.20 39.23 -27.04
CA LEU C 485 9.95 40.37 -27.91
C LEU C 485 11.24 40.91 -28.52
N ASP C 486 12.37 40.78 -27.81
CA ASP C 486 13.63 41.23 -28.39
C ASP C 486 14.23 40.25 -29.40
N LYS C 487 13.73 39.01 -29.46
CA LYS C 487 14.19 38.04 -30.46
C LYS C 487 13.28 37.94 -31.67
N PHE C 488 11.96 38.08 -31.50
CA PHE C 488 11.00 37.91 -32.59
C PHE C 488 10.01 39.07 -32.60
N SER C 489 9.69 39.53 -33.79
CA SER C 489 8.70 40.59 -34.00
C SER C 489 7.49 40.04 -34.73
N TYR C 490 6.37 40.76 -34.59
CA TYR C 490 5.16 40.34 -35.30
C TYR C 490 5.36 40.41 -36.81
N GLU C 491 6.12 41.41 -37.29
CA GLU C 491 6.35 41.56 -38.72
C GLU C 491 7.22 40.45 -39.26
N TYR C 492 8.24 40.03 -38.52
CA TYR C 492 9.03 38.89 -38.96
C TYR C 492 8.19 37.61 -39.00
N LEU C 493 7.36 37.40 -37.96
CA LEU C 493 6.61 36.14 -37.86
C LEU C 493 5.63 35.99 -39.03
N VAL C 494 4.86 37.04 -39.32
CA VAL C 494 3.94 36.93 -40.45
C VAL C 494 4.71 36.83 -41.75
N GLY C 495 5.93 37.35 -41.79
CA GLY C 495 6.73 37.19 -42.98
C GLY C 495 7.01 35.73 -43.28
N ILE C 496 7.47 34.99 -42.27
CA ILE C 496 7.82 33.61 -42.56
C ILE C 496 6.58 32.71 -42.56
N LEU C 497 5.57 33.02 -41.75
CA LEU C 497 4.38 32.16 -41.68
C LEU C 497 3.57 32.23 -42.97
N ASN C 498 3.66 33.33 -43.70
CA ASN C 498 2.92 33.47 -44.94
C ASN C 498 3.71 33.03 -46.16
N SER C 499 4.95 32.59 -45.98
CA SER C 499 5.79 32.23 -47.11
C SER C 499 5.35 30.90 -47.74
N SER C 500 5.71 30.74 -49.02
CA SER C 500 5.47 29.49 -49.72
C SER C 500 6.15 28.33 -49.00
N VAL C 501 7.33 28.58 -48.42
CA VAL C 501 8.05 27.53 -47.69
C VAL C 501 7.18 27.03 -46.55
N TYR C 502 6.64 27.94 -45.74
CA TYR C 502 5.87 27.55 -44.57
C TYR C 502 4.47 27.07 -44.93
N ASP C 503 3.93 27.48 -46.07
CA ASP C 503 2.65 26.94 -46.51
C ASP C 503 2.79 25.44 -46.82
N LYS C 504 3.81 25.08 -47.59
CA LYS C 504 4.11 23.67 -47.86
C LYS C 504 4.46 22.93 -46.57
N TYR C 505 5.21 23.57 -45.69
CA TYR C 505 5.66 22.94 -44.44
C TYR C 505 4.48 22.62 -43.52
N PHE C 506 3.57 23.57 -43.32
CA PHE C 506 2.44 23.28 -42.46
C PHE C 506 1.59 22.16 -43.04
N LYS C 507 1.32 22.22 -44.35
CA LYS C 507 0.39 21.30 -44.99
C LYS C 507 0.93 19.87 -45.06
N ILE C 508 2.20 19.65 -44.75
CA ILE C 508 2.70 18.28 -44.68
C ILE C 508 1.96 17.48 -43.62
N THR C 509 1.71 18.08 -42.46
CA THR C 509 1.07 17.41 -41.34
C THR C 509 -0.28 18.00 -40.98
N ALA C 510 -0.76 18.99 -41.71
CA ALA C 510 -2.04 19.60 -41.36
C ALA C 510 -3.19 18.61 -41.60
N LYS C 511 -4.32 18.91 -40.97
CA LYS C 511 -5.49 18.05 -40.99
C LYS C 511 -6.39 18.49 -42.14
N LYS C 512 -6.46 17.68 -43.19
CA LYS C 512 -7.31 18.00 -44.35
C LYS C 512 -8.77 17.74 -43.99
N MET C 513 -9.60 18.78 -44.05
CA MET C 513 -10.99 18.73 -43.60
C MET C 513 -11.96 18.49 -44.75
N SER C 514 -11.97 19.37 -45.74
CA SER C 514 -12.79 19.22 -46.91
C SER C 514 -12.03 19.83 -48.08
N LYS C 515 -12.69 19.89 -49.25
CA LYS C 515 -12.02 20.37 -50.45
C LYS C 515 -11.47 21.78 -50.21
N ASN C 516 -10.15 21.91 -50.38
CA ASN C 516 -9.43 23.18 -50.20
C ASN C 516 -9.55 23.76 -48.80
N ILE C 517 -9.69 22.92 -47.78
CA ILE C 517 -9.77 23.39 -46.40
C ILE C 517 -8.88 22.53 -45.52
N TYR C 518 -7.95 23.16 -44.81
CA TYR C 518 -7.20 22.54 -43.74
C TYR C 518 -7.60 23.16 -42.41
N ASP C 519 -7.50 22.37 -41.34
CA ASP C 519 -7.65 22.92 -40.00
C ASP C 519 -6.40 23.73 -39.65
N TYR C 520 -6.59 25.01 -39.37
CA TYR C 520 -5.54 25.82 -38.75
C TYR C 520 -5.90 26.01 -37.28
N TYR C 521 -5.63 24.96 -36.47
CA TYR C 521 -5.88 24.98 -35.03
C TYR C 521 -4.57 24.99 -34.25
N PRO C 522 -4.57 25.54 -33.05
CA PRO C 522 -3.32 25.62 -32.27
C PRO C 522 -2.66 24.26 -32.06
N ASN C 523 -3.42 23.16 -32.01
CA ASN C 523 -2.80 21.87 -31.73
C ASN C 523 -1.82 21.45 -32.82
N LYS C 524 -1.86 22.08 -33.99
CA LYS C 524 -0.81 21.94 -34.98
C LYS C 524 -0.09 23.25 -35.29
N VAL C 525 -0.79 24.38 -35.28
CA VAL C 525 -0.17 25.66 -35.61
C VAL C 525 0.91 26.03 -34.58
N MET C 526 0.65 25.75 -33.30
CA MET C 526 1.65 26.06 -32.28
C MET C 526 2.85 25.12 -32.32
N LYS C 527 2.78 24.05 -33.12
CA LYS C 527 3.92 23.17 -33.30
C LYS C 527 4.85 23.60 -34.44
N ILE C 528 4.47 24.63 -35.21
CA ILE C 528 5.32 25.13 -36.29
C ILE C 528 6.63 25.62 -35.71
N ARG C 529 7.74 25.14 -36.26
CA ARG C 529 9.03 25.50 -35.71
C ARG C 529 9.56 26.73 -36.46
N ILE C 530 10.27 27.59 -35.73
CA ILE C 530 10.70 28.91 -36.20
C ILE C 530 12.21 28.99 -36.09
N PHE C 531 12.81 29.84 -36.91
CA PHE C 531 14.26 30.01 -36.92
C PHE C 531 14.57 31.50 -36.77
N ARG C 532 15.83 31.78 -36.46
CA ARG C 532 16.31 33.15 -36.35
C ARG C 532 17.80 33.17 -36.66
N ASP C 533 18.18 33.86 -37.73
CA ASP C 533 19.58 33.84 -38.20
C ASP C 533 19.89 35.17 -38.89
N ASN C 534 20.98 35.19 -39.66
CA ASN C 534 21.47 36.42 -40.25
C ASN C 534 20.51 37.04 -41.26
N ASN C 535 19.54 36.28 -41.77
CA ASN C 535 18.57 36.81 -42.71
C ASN C 535 17.39 37.49 -42.03
N TYR C 536 17.38 37.53 -40.69
CA TYR C 536 16.24 38.05 -39.95
C TYR C 536 15.92 39.49 -40.36
N GLU C 537 16.93 40.36 -40.38
CA GLU C 537 16.66 41.79 -40.62
C GLU C 537 16.06 42.02 -42.00
N GLU C 538 16.56 41.31 -43.02
CA GLU C 538 16.05 41.49 -44.37
C GLU C 538 14.65 40.89 -44.53
N ILE C 539 14.39 39.73 -43.92
CA ILE C 539 13.05 39.14 -43.99
C ILE C 539 12.05 40.08 -43.34
N GLU C 540 12.39 40.59 -42.14
CA GLU C 540 11.50 41.52 -41.45
C GLU C 540 11.28 42.78 -42.27
N ASN C 541 12.34 43.29 -42.88
CA ASN C 541 12.21 44.50 -43.69
C ASN C 541 11.29 44.26 -44.88
N LEU C 542 11.41 43.10 -45.54
CA LEU C 542 10.52 42.78 -46.65
C LEU C 542 9.07 42.71 -46.19
N SER C 543 8.85 42.10 -45.02
CA SER C 543 7.49 41.98 -44.50
C SER C 543 6.89 43.35 -44.22
N LYS C 544 7.68 44.28 -43.67
CA LYS C 544 7.16 45.63 -43.44
C LYS C 544 6.76 46.30 -44.74
N GLN C 545 7.55 46.11 -45.79
CA GLN C 545 7.22 46.72 -47.08
C GLN C 545 5.91 46.17 -47.63
N ILE C 546 5.73 44.84 -47.52
CA ILE C 546 4.50 44.21 -48.00
C ILE C 546 3.30 44.77 -47.25
N ILE C 547 3.41 44.88 -45.93
CA ILE C 547 2.32 45.44 -45.13
C ILE C 547 2.02 46.86 -45.57
N SER C 548 3.08 47.65 -45.79
CA SER C 548 2.88 49.04 -46.18
C SER C 548 2.13 49.13 -47.49
N ILE C 549 2.46 48.28 -48.47
CA ILE C 549 1.74 48.27 -49.73
C ILE C 549 0.31 47.78 -49.54
N LEU C 550 0.12 46.76 -48.70
CA LEU C 550 -1.22 46.23 -48.51
C LEU C 550 -2.15 47.23 -47.87
N LEU C 551 -1.63 48.23 -47.14
CA LEU C 551 -2.48 49.18 -46.44
C LEU C 551 -2.71 50.50 -47.18
N ASN C 552 -2.04 50.75 -48.31
CA ASN C 552 -2.20 52.04 -48.98
C ASN C 552 -3.38 52.00 -49.96
N LYS C 553 -3.64 53.14 -50.60
CA LYS C 553 -4.79 53.27 -51.50
C LYS C 553 -4.59 52.49 -52.79
N SER C 554 -3.55 52.83 -53.56
CA SER C 554 -3.28 52.13 -54.84
C SER C 554 -2.33 50.97 -54.59
N ILE C 555 -2.87 49.76 -54.48
CA ILE C 555 -2.07 48.56 -54.19
C ILE C 555 -1.60 47.95 -55.50
N ASP C 556 -0.27 47.86 -55.66
CA ASP C 556 0.35 47.16 -56.78
C ASP C 556 0.65 45.74 -56.35
N LYS C 557 -0.24 44.80 -56.71
CA LYS C 557 -0.02 43.40 -56.36
C LYS C 557 1.27 42.87 -56.99
N GLY C 558 1.67 43.43 -58.14
CA GLY C 558 2.91 43.01 -58.77
C GLY C 558 4.13 43.31 -57.92
N LYS C 559 4.14 44.49 -57.27
CA LYS C 559 5.25 44.84 -56.40
C LYS C 559 5.28 43.95 -55.15
N VAL C 560 4.10 43.59 -54.63
CA VAL C 560 4.03 42.67 -53.49
C VAL C 560 4.60 41.30 -53.86
N GLU C 561 4.28 40.79 -55.04
CA GLU C 561 4.74 39.45 -55.42
C GLU C 561 6.26 39.34 -55.43
N LYS C 562 6.93 40.32 -56.02
CA LYS C 562 8.38 40.31 -56.08
C LYS C 562 9.01 40.39 -54.68
N LEU C 563 8.41 41.19 -53.80
CA LEU C 563 8.89 41.23 -52.42
C LEU C 563 8.73 39.88 -51.75
N GLN C 564 7.59 39.21 -51.99
CA GLN C 564 7.35 37.91 -51.40
C GLN C 564 8.35 36.88 -51.91
N ILE C 565 8.67 36.91 -53.21
CA ILE C 565 9.65 35.98 -53.77
C ILE C 565 11.03 36.18 -53.16
N LYS C 566 11.45 37.44 -53.00
CA LYS C 566 12.74 37.70 -52.35
C LYS C 566 12.78 37.14 -50.94
N MET C 567 11.67 37.28 -50.20
CA MET C 567 11.61 36.73 -48.85
C MET C 567 11.66 35.20 -48.88
N ASP C 568 10.92 34.58 -49.81
CA ASP C 568 10.93 33.13 -49.94
C ASP C 568 12.33 32.60 -50.16
N ASN C 569 13.11 33.27 -51.02
CA ASN C 569 14.49 32.85 -51.26
C ASN C 569 15.34 32.96 -50.01
N LEU C 570 15.16 34.01 -49.21
CA LEU C 570 15.92 34.15 -47.98
C LEU C 570 15.60 33.02 -47.00
N ILE C 571 14.32 32.65 -46.90
CA ILE C 571 13.91 31.59 -45.99
C ILE C 571 14.46 30.25 -46.46
N MET C 572 14.44 30.01 -47.77
CA MET C 572 15.04 28.80 -48.32
C MET C 572 16.54 28.77 -48.06
N ASP C 573 17.21 29.91 -48.23
CA ASP C 573 18.63 30.00 -47.91
C ASP C 573 18.86 29.70 -46.43
N SER C 574 18.01 30.25 -45.56
CA SER C 574 18.19 30.05 -44.12
C SER C 574 18.07 28.59 -43.72
N LEU C 575 17.08 27.90 -44.28
CA LEU C 575 16.79 26.52 -43.91
C LEU C 575 17.56 25.52 -44.73
N GLY C 576 18.36 25.97 -45.68
CA GLY C 576 19.16 25.07 -46.49
C GLY C 576 18.34 24.18 -47.38
N ILE C 577 17.25 24.70 -47.94
CA ILE C 577 16.43 23.91 -48.84
C ILE C 577 16.49 24.55 -50.21
#